data_1HH5
# 
_entry.id   1HH5 
# 
_audit_conform.dict_name       mmcif_pdbx.dic 
_audit_conform.dict_version    5.399 
_audit_conform.dict_location   http://mmcif.pdb.org/dictionaries/ascii/mmcif_pdbx.dic 
# 
loop_
_database_2.database_id 
_database_2.database_code 
_database_2.pdbx_database_accession 
_database_2.pdbx_DOI 
PDB   1HH5         pdb_00001hh5 10.2210/pdb1hh5/pdb 
PDBE  EBI-5719     ?            ?                   
WWPDB D_1290005719 ?            ?                   
# 
loop_
_pdbx_audit_revision_history.ordinal 
_pdbx_audit_revision_history.data_content_type 
_pdbx_audit_revision_history.major_revision 
_pdbx_audit_revision_history.minor_revision 
_pdbx_audit_revision_history.revision_date 
1 'Structure model' 1 0 2001-05-03 
2 'Structure model' 1 1 2011-05-08 
3 'Structure model' 1 2 2011-07-13 
4 'Structure model' 1 3 2023-12-13 
5 'Structure model' 1 4 2024-11-20 
# 
_pdbx_audit_revision_details.ordinal             1 
_pdbx_audit_revision_details.revision_ordinal    1 
_pdbx_audit_revision_details.data_content_type   'Structure model' 
_pdbx_audit_revision_details.provider            repository 
_pdbx_audit_revision_details.type                'Initial release' 
_pdbx_audit_revision_details.description         ? 
_pdbx_audit_revision_details.details             ? 
# 
loop_
_pdbx_audit_revision_group.ordinal 
_pdbx_audit_revision_group.revision_ordinal 
_pdbx_audit_revision_group.data_content_type 
_pdbx_audit_revision_group.group 
1 2 'Structure model' 'Version format compliance' 
2 3 'Structure model' 'Version format compliance' 
3 4 'Structure model' 'Data collection'           
4 4 'Structure model' 'Database references'       
5 4 'Structure model' 'Derived calculations'      
6 4 'Structure model' Other                       
7 4 'Structure model' 'Refinement description'    
8 5 'Structure model' 'Structure summary'         
# 
loop_
_pdbx_audit_revision_category.ordinal 
_pdbx_audit_revision_category.revision_ordinal 
_pdbx_audit_revision_category.data_content_type 
_pdbx_audit_revision_category.category 
1  4 'Structure model' chem_comp_atom                
2  4 'Structure model' chem_comp_bond                
3  4 'Structure model' database_2                    
4  4 'Structure model' pdbx_database_status          
5  4 'Structure model' pdbx_initial_refinement_model 
6  4 'Structure model' struct_conn                   
7  4 'Structure model' struct_conn_type              
8  4 'Structure model' struct_site                   
9  5 'Structure model' pdbx_entry_details            
10 5 'Structure model' pdbx_modification_feature     
# 
loop_
_pdbx_audit_revision_item.ordinal 
_pdbx_audit_revision_item.revision_ordinal 
_pdbx_audit_revision_item.data_content_type 
_pdbx_audit_revision_item.item 
1  4 'Structure model' '_database_2.pdbx_DOI'                         
2  4 'Structure model' '_database_2.pdbx_database_accession'          
3  4 'Structure model' '_pdbx_database_status.status_code_sf'         
4  4 'Structure model' '_struct_conn.conn_type_id'                    
5  4 'Structure model' '_struct_conn.id'                              
6  4 'Structure model' '_struct_conn.pdbx_dist_value'                 
7  4 'Structure model' '_struct_conn.pdbx_leaving_atom_flag'          
8  4 'Structure model' '_struct_conn.ptnr1_auth_comp_id'              
9  4 'Structure model' '_struct_conn.ptnr1_auth_seq_id'               
10 4 'Structure model' '_struct_conn.ptnr1_label_atom_id'             
11 4 'Structure model' '_struct_conn.ptnr1_label_comp_id'             
12 4 'Structure model' '_struct_conn.ptnr1_label_seq_id'              
13 4 'Structure model' '_struct_conn.ptnr2_auth_seq_id'               
14 4 'Structure model' '_struct_conn.ptnr2_label_asym_id'             
15 4 'Structure model' '_struct_conn.ptnr2_label_atom_id'             
16 4 'Structure model' '_struct_conn_type.id'                         
17 4 'Structure model' '_struct_site.pdbx_auth_asym_id'               
18 4 'Structure model' '_struct_site.pdbx_auth_comp_id'               
19 4 'Structure model' '_struct_site.pdbx_auth_seq_id'                
20 5 'Structure model' '_pdbx_entry_details.has_protein_modification' 
# 
_pdbx_database_status.status_code                     REL 
_pdbx_database_status.entry_id                        1HH5 
_pdbx_database_status.deposit_site                    PDBE 
_pdbx_database_status.process_site                    PDBE 
_pdbx_database_status.SG_entry                        . 
_pdbx_database_status.recvd_initial_deposition_date   2000-12-21 
_pdbx_database_status.pdb_format_compatible           Y 
_pdbx_database_status.status_code_sf                  REL 
_pdbx_database_status.status_code_mr                  ? 
_pdbx_database_status.status_code_cs                  ? 
_pdbx_database_status.methods_development_category    ? 
_pdbx_database_status.status_code_nmr_data            ? 
# 
loop_
_pdbx_database_related.db_name 
_pdbx_database_related.db_id 
_pdbx_database_related.content_type 
_pdbx_database_related.details 
PDB 1EHJ unspecified 'A PROTON-NMR INVESTIGATION OF THE FULLY REDUCED CYTOCHROME C7 FROM DESULFUROMONAS ACETOXIDANS' 
PDB 1F22 unspecified 
;A PROTON-NMR INVESTIGATION OF THE FULLY REDUCED CYTOCHROME C7 FROM DESULFUROMONAS ACETOXIDANS. COMPARISON BETWEEN THE REDUCED AND THE OXIDIZED FORMS.
;
PDB 1NEW unspecified 'CYTOCHROME C551.5, NMR, STRUCTURES 1 - 18 OF 35' 
PDB 2NEW unspecified 'CYTOCHROME C551.5, NMR, STRUCTURES 19 - 35 OF 35' 
# 
loop_
_audit_author.name 
_audit_author.pdbx_ordinal 
'Czjzek, M.'  1 
'Haser, R.'   2 
'Arnoux, P.'  3 
'Shepard, W.' 4 
# 
_citation.id                        primary 
_citation.title                     'Structure of Cytochrome C7 from Desulfuromonas Acetoxidans at 1.9A Resolutio N' 
_citation.journal_abbrev            'Acta Crystallogr.,Sect.D' 
_citation.journal_volume            57 
_citation.page_first                670 
_citation.page_last                 ? 
_citation.year                      2001 
_citation.journal_id_ASTM           ABCRE6 
_citation.country                   DK 
_citation.journal_id_ISSN           0907-4449 
_citation.journal_id_CSD            0766 
_citation.book_publisher            ? 
_citation.pdbx_database_id_PubMed   11320307 
_citation.pdbx_database_id_DOI      10.1107/S0907444901003481 
# 
loop_
_citation_author.citation_id 
_citation_author.name 
_citation_author.ordinal 
_citation_author.identifier_ORCID 
primary 'Czjzek, M.'  1 ? 
primary 'Arnoux, P.'  2 ? 
primary 'Haser, R.'   3 ? 
primary 'Shepard, W.' 4 ? 
# 
loop_
_entity.id 
_entity.type 
_entity.src_method 
_entity.pdbx_description 
_entity.formula_weight 
_entity.pdbx_number_of_molecules 
_entity.pdbx_ec 
_entity.pdbx_mutation 
_entity.pdbx_fragment 
_entity.details 
1 polymer     nat 'CYTOCHROME C7' 7280.309 1   ? ? ? ? 
2 non-polymer syn 'HEME C'        618.503  3   ? ? ? ? 
3 water       nat water           18.015   116 ? ? ? ? 
# 
_entity_name_com.entity_id   1 
_entity_name_com.name        'CYTOCHROME C3' 
# 
_entity_poly.entity_id                      1 
_entity_poly.type                           'polypeptide(L)' 
_entity_poly.nstd_linkage                   no 
_entity_poly.nstd_monomer                   no 
_entity_poly.pdbx_seq_one_letter_code       ADVVTYENKKGNVTFDHKAHAEKLGCDACHEGTPAKIAIDKKSAHKDACKTCHKSNNGPTKCGGCHIK 
_entity_poly.pdbx_seq_one_letter_code_can   ADVVTYENKKGNVTFDHKAHAEKLGCDACHEGTPAKIAIDKKSAHKDACKTCHKSNNGPTKCGGCHIK 
_entity_poly.pdbx_strand_id                 A 
_entity_poly.pdbx_target_identifier         ? 
# 
loop_
_pdbx_entity_nonpoly.entity_id 
_pdbx_entity_nonpoly.name 
_pdbx_entity_nonpoly.comp_id 
2 'HEME C' HEC 
3 water    HOH 
# 
loop_
_entity_poly_seq.entity_id 
_entity_poly_seq.num 
_entity_poly_seq.mon_id 
_entity_poly_seq.hetero 
1 1  ALA n 
1 2  ASP n 
1 3  VAL n 
1 4  VAL n 
1 5  THR n 
1 6  TYR n 
1 7  GLU n 
1 8  ASN n 
1 9  LYS n 
1 10 LYS n 
1 11 GLY n 
1 12 ASN n 
1 13 VAL n 
1 14 THR n 
1 15 PHE n 
1 16 ASP n 
1 17 HIS n 
1 18 LYS n 
1 19 ALA n 
1 20 HIS n 
1 21 ALA n 
1 22 GLU n 
1 23 LYS n 
1 24 LEU n 
1 25 GLY n 
1 26 CYS n 
1 27 ASP n 
1 28 ALA n 
1 29 CYS n 
1 30 HIS n 
1 31 GLU n 
1 32 GLY n 
1 33 THR n 
1 34 PRO n 
1 35 ALA n 
1 36 LYS n 
1 37 ILE n 
1 38 ALA n 
1 39 ILE n 
1 40 ASP n 
1 41 LYS n 
1 42 LYS n 
1 43 SER n 
1 44 ALA n 
1 45 HIS n 
1 46 LYS n 
1 47 ASP n 
1 48 ALA n 
1 49 CYS n 
1 50 LYS n 
1 51 THR n 
1 52 CYS n 
1 53 HIS n 
1 54 LYS n 
1 55 SER n 
1 56 ASN n 
1 57 ASN n 
1 58 GLY n 
1 59 PRO n 
1 60 THR n 
1 61 LYS n 
1 62 CYS n 
1 63 GLY n 
1 64 GLY n 
1 65 CYS n 
1 66 HIS n 
1 67 ILE n 
1 68 LYS n 
# 
_entity_src_nat.entity_id                  1 
_entity_src_nat.pdbx_src_id                1 
_entity_src_nat.pdbx_alt_source_flag       sample 
_entity_src_nat.pdbx_beg_seq_num           ? 
_entity_src_nat.pdbx_end_seq_num           ? 
_entity_src_nat.common_name                ? 
_entity_src_nat.pdbx_organism_scientific   'DESULFUROMONAS ACETOXIDANS' 
_entity_src_nat.pdbx_ncbi_taxonomy_id      891 
_entity_src_nat.genus                      ? 
_entity_src_nat.species                    ? 
_entity_src_nat.strain                     ? 
_entity_src_nat.tissue                     ? 
_entity_src_nat.tissue_fraction            ? 
_entity_src_nat.pdbx_secretion             ? 
_entity_src_nat.pdbx_fragment              ? 
_entity_src_nat.pdbx_variant               ? 
_entity_src_nat.pdbx_cell_line             ? 
_entity_src_nat.pdbx_atcc                  ? 
_entity_src_nat.pdbx_cellular_location     PERIPLASMIC 
_entity_src_nat.pdbx_organ                 ? 
_entity_src_nat.pdbx_organelle             ? 
_entity_src_nat.pdbx_cell                  ? 
_entity_src_nat.pdbx_plasmid_name          ? 
_entity_src_nat.pdbx_plasmid_details       ? 
_entity_src_nat.details                    ? 
# 
loop_
_chem_comp.id 
_chem_comp.type 
_chem_comp.mon_nstd_flag 
_chem_comp.name 
_chem_comp.pdbx_synonyms 
_chem_comp.formula 
_chem_comp.formula_weight 
ALA 'L-peptide linking' y ALANINE         ? 'C3 H7 N O2'       89.093  
ASN 'L-peptide linking' y ASPARAGINE      ? 'C4 H8 N2 O3'      132.118 
ASP 'L-peptide linking' y 'ASPARTIC ACID' ? 'C4 H7 N O4'       133.103 
CYS 'L-peptide linking' y CYSTEINE        ? 'C3 H7 N O2 S'     121.158 
GLU 'L-peptide linking' y 'GLUTAMIC ACID' ? 'C5 H9 N O4'       147.129 
GLY 'peptide linking'   y GLYCINE         ? 'C2 H5 N O2'       75.067  
HEC non-polymer         . 'HEME C'        ? 'C34 H34 Fe N4 O4' 618.503 
HIS 'L-peptide linking' y HISTIDINE       ? 'C6 H10 N3 O2 1'   156.162 
HOH non-polymer         . WATER           ? 'H2 O'             18.015  
ILE 'L-peptide linking' y ISOLEUCINE      ? 'C6 H13 N O2'      131.173 
LEU 'L-peptide linking' y LEUCINE         ? 'C6 H13 N O2'      131.173 
LYS 'L-peptide linking' y LYSINE          ? 'C6 H15 N2 O2 1'   147.195 
PHE 'L-peptide linking' y PHENYLALANINE   ? 'C9 H11 N O2'      165.189 
PRO 'L-peptide linking' y PROLINE         ? 'C5 H9 N O2'       115.130 
SER 'L-peptide linking' y SERINE          ? 'C3 H7 N O3'       105.093 
THR 'L-peptide linking' y THREONINE       ? 'C4 H9 N O3'       119.119 
TYR 'L-peptide linking' y TYROSINE        ? 'C9 H11 N O3'      181.189 
VAL 'L-peptide linking' y VALINE          ? 'C5 H11 N O2'      117.146 
# 
loop_
_pdbx_poly_seq_scheme.asym_id 
_pdbx_poly_seq_scheme.entity_id 
_pdbx_poly_seq_scheme.seq_id 
_pdbx_poly_seq_scheme.mon_id 
_pdbx_poly_seq_scheme.ndb_seq_num 
_pdbx_poly_seq_scheme.pdb_seq_num 
_pdbx_poly_seq_scheme.auth_seq_num 
_pdbx_poly_seq_scheme.pdb_mon_id 
_pdbx_poly_seq_scheme.auth_mon_id 
_pdbx_poly_seq_scheme.pdb_strand_id 
_pdbx_poly_seq_scheme.pdb_ins_code 
_pdbx_poly_seq_scheme.hetero 
A 1 1  ALA 1  1  1  ALA ALA A . n 
A 1 2  ASP 2  2  2  ASP ASP A . n 
A 1 3  VAL 3  3  3  VAL VAL A . n 
A 1 4  VAL 4  4  4  VAL VAL A . n 
A 1 5  THR 5  5  5  THR THR A . n 
A 1 6  TYR 6  6  6  TYR TYR A . n 
A 1 7  GLU 7  7  7  GLU GLU A . n 
A 1 8  ASN 8  8  8  ASN ASN A . n 
A 1 9  LYS 9  9  9  LYS LYS A . n 
A 1 10 LYS 10 10 10 LYS LYS A . n 
A 1 11 GLY 11 11 11 GLY GLY A . n 
A 1 12 ASN 12 12 12 ASN ASN A . n 
A 1 13 VAL 13 13 13 VAL VAL A . n 
A 1 14 THR 14 14 14 THR THR A . n 
A 1 15 PHE 15 15 15 PHE PHE A . n 
A 1 16 ASP 16 16 16 ASP ASP A . n 
A 1 17 HIS 17 17 17 HIS HIS A . n 
A 1 18 LYS 18 18 18 LYS LYS A . n 
A 1 19 ALA 19 19 19 ALA ALA A . n 
A 1 20 HIS 20 20 20 HIS HIS A . n 
A 1 21 ALA 21 21 21 ALA ALA A . n 
A 1 22 GLU 22 22 22 GLU GLU A . n 
A 1 23 LYS 23 23 23 LYS LYS A . n 
A 1 24 LEU 24 24 24 LEU LEU A . n 
A 1 25 GLY 25 25 25 GLY GLY A . n 
A 1 26 CYS 26 26 26 CYS CYS A . n 
A 1 27 ASP 27 27 27 ASP ASP A . n 
A 1 28 ALA 28 28 28 ALA ALA A . n 
A 1 29 CYS 29 29 29 CYS CYS A . n 
A 1 30 HIS 30 30 30 HIS HIS A . n 
A 1 31 GLU 31 31 31 GLU GLU A . n 
A 1 32 GLY 32 32 32 GLY GLY A . n 
A 1 33 THR 33 33 33 THR THR A . n 
A 1 34 PRO 34 34 34 PRO PRO A . n 
A 1 35 ALA 35 35 35 ALA ALA A . n 
A 1 36 LYS 36 36 36 LYS LYS A . n 
A 1 37 ILE 37 37 37 ILE ILE A . n 
A 1 38 ALA 38 38 38 ALA ALA A . n 
A 1 39 ILE 39 39 39 ILE ILE A . n 
A 1 40 ASP 40 40 40 ASP ASP A . n 
A 1 41 LYS 41 41 41 LYS LYS A . n 
A 1 42 LYS 42 42 42 LYS LYS A . n 
A 1 43 SER 43 43 43 SER SER A . n 
A 1 44 ALA 44 44 44 ALA ALA A . n 
A 1 45 HIS 45 45 45 HIS HIS A . n 
A 1 46 LYS 46 46 46 LYS LYS A . n 
A 1 47 ASP 47 47 47 ASP ASP A . n 
A 1 48 ALA 48 48 48 ALA ALA A . n 
A 1 49 CYS 49 49 49 CYS CYS A . n 
A 1 50 LYS 50 50 50 LYS LYS A . n 
A 1 51 THR 51 51 51 THR THR A . n 
A 1 52 CYS 52 52 52 CYS CYS A . n 
A 1 53 HIS 53 53 53 HIS HIS A . n 
A 1 54 LYS 54 54 54 LYS LYS A . n 
A 1 55 SER 55 55 55 SER SER A . n 
A 1 56 ASN 56 56 56 ASN ASN A . n 
A 1 57 ASN 57 57 57 ASN ASN A . n 
A 1 58 GLY 58 58 58 GLY GLY A . n 
A 1 59 PRO 59 59 59 PRO PRO A . n 
A 1 60 THR 60 60 60 THR THR A . n 
A 1 61 LYS 61 61 61 LYS LYS A . n 
A 1 62 CYS 62 62 62 CYS CYS A . n 
A 1 63 GLY 63 63 63 GLY GLY A . n 
A 1 64 GLY 64 64 64 GLY GLY A . n 
A 1 65 CYS 65 65 65 CYS CYS A . n 
A 1 66 HIS 66 66 66 HIS HIS A . n 
A 1 67 ILE 67 67 67 ILE ILE A . n 
A 1 68 LYS 68 68 68 LYS LYS A . n 
# 
loop_
_pdbx_nonpoly_scheme.asym_id 
_pdbx_nonpoly_scheme.entity_id 
_pdbx_nonpoly_scheme.mon_id 
_pdbx_nonpoly_scheme.ndb_seq_num 
_pdbx_nonpoly_scheme.pdb_seq_num 
_pdbx_nonpoly_scheme.auth_seq_num 
_pdbx_nonpoly_scheme.pdb_mon_id 
_pdbx_nonpoly_scheme.auth_mon_id 
_pdbx_nonpoly_scheme.pdb_strand_id 
_pdbx_nonpoly_scheme.pdb_ins_code 
B 2 HEC 1   69   69   HEC HEC A . 
C 2 HEC 1   70   70   HEC HEC A . 
D 2 HEC 1   71   71   HEC HEC A . 
E 3 HOH 1   2001 2001 HOH HOH A . 
E 3 HOH 2   2002 2002 HOH HOH A . 
E 3 HOH 3   2003 2003 HOH HOH A . 
E 3 HOH 4   2004 2004 HOH HOH A . 
E 3 HOH 5   2005 2005 HOH HOH A . 
E 3 HOH 6   2006 2006 HOH HOH A . 
E 3 HOH 7   2007 2007 HOH HOH A . 
E 3 HOH 8   2008 2008 HOH HOH A . 
E 3 HOH 9   2009 2009 HOH HOH A . 
E 3 HOH 10  2010 2010 HOH HOH A . 
E 3 HOH 11  2011 2011 HOH HOH A . 
E 3 HOH 12  2012 2012 HOH HOH A . 
E 3 HOH 13  2013 2013 HOH HOH A . 
E 3 HOH 14  2014 2014 HOH HOH A . 
E 3 HOH 15  2015 2015 HOH HOH A . 
E 3 HOH 16  2016 2016 HOH HOH A . 
E 3 HOH 17  2017 2017 HOH HOH A . 
E 3 HOH 18  2018 2018 HOH HOH A . 
E 3 HOH 19  2019 2019 HOH HOH A . 
E 3 HOH 20  2020 2020 HOH HOH A . 
E 3 HOH 21  2021 2021 HOH HOH A . 
E 3 HOH 22  2022 2022 HOH HOH A . 
E 3 HOH 23  2023 2023 HOH HOH A . 
E 3 HOH 24  2024 2024 HOH HOH A . 
E 3 HOH 25  2025 2025 HOH HOH A . 
E 3 HOH 26  2026 2026 HOH HOH A . 
E 3 HOH 27  2027 2027 HOH HOH A . 
E 3 HOH 28  2028 2028 HOH HOH A . 
E 3 HOH 29  2029 2029 HOH HOH A . 
E 3 HOH 30  2030 2030 HOH HOH A . 
E 3 HOH 31  2031 2031 HOH HOH A . 
E 3 HOH 32  2032 2032 HOH HOH A . 
E 3 HOH 33  2033 2033 HOH HOH A . 
E 3 HOH 34  2034 2034 HOH HOH A . 
E 3 HOH 35  2035 2035 HOH HOH A . 
E 3 HOH 36  2036 2036 HOH HOH A . 
E 3 HOH 37  2037 2037 HOH HOH A . 
E 3 HOH 38  2038 2038 HOH HOH A . 
E 3 HOH 39  2039 2039 HOH HOH A . 
E 3 HOH 40  2040 2040 HOH HOH A . 
E 3 HOH 41  2041 2041 HOH HOH A . 
E 3 HOH 42  2042 2042 HOH HOH A . 
E 3 HOH 43  2043 2043 HOH HOH A . 
E 3 HOH 44  2044 2044 HOH HOH A . 
E 3 HOH 45  2045 2045 HOH HOH A . 
E 3 HOH 46  2046 2046 HOH HOH A . 
E 3 HOH 47  2047 2047 HOH HOH A . 
E 3 HOH 48  2048 2048 HOH HOH A . 
E 3 HOH 49  2049 2049 HOH HOH A . 
E 3 HOH 50  2050 2050 HOH HOH A . 
E 3 HOH 51  2051 2051 HOH HOH A . 
E 3 HOH 52  2052 2052 HOH HOH A . 
E 3 HOH 53  2053 2053 HOH HOH A . 
E 3 HOH 54  2054 2054 HOH HOH A . 
E 3 HOH 55  2055 2055 HOH HOH A . 
E 3 HOH 56  2056 2056 HOH HOH A . 
E 3 HOH 57  2057 2057 HOH HOH A . 
E 3 HOH 58  2058 2058 HOH HOH A . 
E 3 HOH 59  2059 2059 HOH HOH A . 
E 3 HOH 60  2060 2060 HOH HOH A . 
E 3 HOH 61  2061 2061 HOH HOH A . 
E 3 HOH 62  2062 2062 HOH HOH A . 
E 3 HOH 63  2063 2063 HOH HOH A . 
E 3 HOH 64  2064 2064 HOH HOH A . 
E 3 HOH 65  2065 2065 HOH HOH A . 
E 3 HOH 66  2066 2066 HOH HOH A . 
E 3 HOH 67  2067 2067 HOH HOH A . 
E 3 HOH 68  2068 2068 HOH HOH A . 
E 3 HOH 69  2069 2069 HOH HOH A . 
E 3 HOH 70  2070 2070 HOH HOH A . 
E 3 HOH 71  2071 2071 HOH HOH A . 
E 3 HOH 72  2072 2072 HOH HOH A . 
E 3 HOH 73  2073 2073 HOH HOH A . 
E 3 HOH 74  2074 2074 HOH HOH A . 
E 3 HOH 75  2075 2075 HOH HOH A . 
E 3 HOH 76  2076 2076 HOH HOH A . 
E 3 HOH 77  2077 2077 HOH HOH A . 
E 3 HOH 78  2078 2078 HOH HOH A . 
E 3 HOH 79  2079 2079 HOH HOH A . 
E 3 HOH 80  2080 2080 HOH HOH A . 
E 3 HOH 81  2081 2081 HOH HOH A . 
E 3 HOH 82  2082 2082 HOH HOH A . 
E 3 HOH 83  2083 2083 HOH HOH A . 
E 3 HOH 84  2084 2084 HOH HOH A . 
E 3 HOH 85  2085 2085 HOH HOH A . 
E 3 HOH 86  2086 2086 HOH HOH A . 
E 3 HOH 87  2087 2087 HOH HOH A . 
E 3 HOH 88  2088 2088 HOH HOH A . 
E 3 HOH 89  2089 2089 HOH HOH A . 
E 3 HOH 90  2090 2090 HOH HOH A . 
E 3 HOH 91  2091 2091 HOH HOH A . 
E 3 HOH 92  2092 2092 HOH HOH A . 
E 3 HOH 93  2093 2093 HOH HOH A . 
E 3 HOH 94  2094 2094 HOH HOH A . 
E 3 HOH 95  2095 2095 HOH HOH A . 
E 3 HOH 96  2096 2096 HOH HOH A . 
E 3 HOH 97  2097 2097 HOH HOH A . 
E 3 HOH 98  2098 2098 HOH HOH A . 
E 3 HOH 99  2099 2099 HOH HOH A . 
E 3 HOH 100 2100 2100 HOH HOH A . 
E 3 HOH 101 2101 2101 HOH HOH A . 
E 3 HOH 102 2102 2102 HOH HOH A . 
E 3 HOH 103 2103 2103 HOH HOH A . 
E 3 HOH 104 2104 2104 HOH HOH A . 
E 3 HOH 105 2105 2105 HOH HOH A . 
E 3 HOH 106 2106 2106 HOH HOH A . 
E 3 HOH 107 2107 2107 HOH HOH A . 
E 3 HOH 108 2108 2108 HOH HOH A . 
E 3 HOH 109 2109 2109 HOH HOH A . 
E 3 HOH 110 2110 2110 HOH HOH A . 
E 3 HOH 111 2111 2111 HOH HOH A . 
E 3 HOH 112 2112 2112 HOH HOH A . 
E 3 HOH 113 2113 2113 HOH HOH A . 
E 3 HOH 114 2114 2114 HOH HOH A . 
E 3 HOH 115 2115 2115 HOH HOH A . 
E 3 HOH 116 2116 2116 HOH HOH A . 
# 
loop_
_software.name 
_software.classification 
_software.version 
_software.citation_id 
_software.pdbx_ordinal 
XDS   'data reduction' .   ? 1 
SCALA 'data scaling'   .   ? 2 
SHARP phasing          .   ? 3 
AMoRE phasing          .   ? 4 
CNS   refinement       0.5 ? 5 
# 
_cell.entry_id           1HH5 
_cell.length_a           37.190 
_cell.length_b           43.830 
_cell.length_c           44.800 
_cell.angle_alpha        90.00 
_cell.angle_beta         90.00 
_cell.angle_gamma        90.00 
_cell.Z_PDB              4 
_cell.pdbx_unique_axis   ? 
# 
_symmetry.entry_id                         1HH5 
_symmetry.space_group_name_H-M             'P 21 21 21' 
_symmetry.pdbx_full_space_group_name_H-M   ? 
_symmetry.cell_setting                     ? 
_symmetry.Int_Tables_number                19 
# 
_exptl.entry_id          1HH5 
_exptl.method            'X-RAY DIFFRACTION' 
_exptl.crystals_number   1 
# 
_exptl_crystal.id                    1 
_exptl_crystal.density_meas          ? 
_exptl_crystal.density_Matthews      2.03 
_exptl_crystal.density_percent_sol   39.4 
_exptl_crystal.description           ? 
# 
_exptl_crystal_grow.crystal_id      1 
_exptl_crystal_grow.method          ? 
_exptl_crystal_grow.temp            ? 
_exptl_crystal_grow.temp_details    ? 
_exptl_crystal_grow.pH              7.60 
_exptl_crystal_grow.pdbx_pH_range   ? 
_exptl_crystal_grow.pdbx_details    '20-22% PEG 1000, 0.1 M TRIS PH 7.6' 
# 
_diffrn.id                     1 
_diffrn.ambient_temp           287.0 
_diffrn.ambient_temp_details   ? 
_diffrn.crystal_id             1 
# 
_diffrn_detector.diffrn_id              1 
_diffrn_detector.detector               'IMAGE PLATE' 
_diffrn_detector.type                   MARRESEARCH 
_diffrn_detector.pdbx_collection_date   1997-10-15 
_diffrn_detector.details                MIRROR 
# 
_diffrn_radiation.diffrn_id                        1 
_diffrn_radiation.wavelength_id                    1 
_diffrn_radiation.pdbx_monochromatic_or_laue_m_l   M 
_diffrn_radiation.monochromator                    NI-FILTER 
_diffrn_radiation.pdbx_diffrn_protocol             'SINGLE WAVELENGTH' 
_diffrn_radiation.pdbx_scattering_type             x-ray 
# 
_diffrn_radiation_wavelength.id           1 
_diffrn_radiation_wavelength.wavelength   1.5418 
_diffrn_radiation_wavelength.wt           1.0 
# 
_diffrn_source.diffrn_id                   1 
_diffrn_source.source                      'ROTATING ANODE' 
_diffrn_source.type                        RIGAKU 
_diffrn_source.pdbx_synchrotron_site       ? 
_diffrn_source.pdbx_synchrotron_beamline   ? 
_diffrn_source.pdbx_wavelength             1.5418 
_diffrn_source.pdbx_wavelength_list        ? 
# 
_reflns.pdbx_diffrn_id               1 
_reflns.pdbx_ordinal                 1 
_reflns.entry_id                     1HH5 
_reflns.observed_criterion_sigma_I   0.010 
_reflns.observed_criterion_sigma_F   ? 
_reflns.d_resolution_low             14.000 
_reflns.d_resolution_high            1.900 
_reflns.number_obs                   5213 
_reflns.number_all                   ? 
_reflns.percent_possible_obs         92.7 
_reflns.pdbx_Rmerge_I_obs            ? 
_reflns.pdbx_Rsym_value              0.05700 
_reflns.pdbx_netI_over_sigmaI        5.6000 
_reflns.B_iso_Wilson_estimate        ? 
_reflns.pdbx_redundancy              3.200 
# 
_reflns_shell.pdbx_diffrn_id         1 
_reflns_shell.pdbx_ordinal           1 
_reflns_shell.d_res_high             1.90 
_reflns_shell.d_res_low              2.00 
_reflns_shell.percent_possible_all   81.0 
_reflns_shell.Rmerge_I_obs           ? 
_reflns_shell.pdbx_Rsym_value        0.14400 
_reflns_shell.meanI_over_sigI_obs    2.100 
_reflns_shell.pdbx_redundancy        2.20 
# 
_refine.pdbx_refine_id                           'X-RAY DIFFRACTION' 
_refine.entry_id                                 1HH5 
_refine.pdbx_diffrn_id                           1 
_refine.pdbx_TLS_residual_ADP_flag               ? 
_refine.ls_number_reflns_obs                     5213 
_refine.ls_number_reflns_all                     ? 
_refine.pdbx_ls_sigma_I                          ? 
_refine.pdbx_ls_sigma_F                          0.01 
_refine.pdbx_data_cutoff_high_absF               ? 
_refine.pdbx_data_cutoff_low_absF                ? 
_refine.pdbx_data_cutoff_high_rms_absF           ? 
_refine.ls_d_res_low                             14.00 
_refine.ls_d_res_high                            1.90 
_refine.ls_percent_reflns_obs                    92.7 
_refine.ls_R_factor_obs                          0.194 
_refine.ls_R_factor_all                          ? 
_refine.ls_R_factor_R_work                       0.194 
_refine.ls_R_factor_R_free                       0.242 
_refine.ls_R_factor_R_free_error                 ? 
_refine.ls_R_factor_R_free_error_details         ? 
_refine.ls_percent_reflns_R_free                 5.0 
_refine.ls_number_reflns_R_free                  542 
_refine.ls_number_parameters                     ? 
_refine.ls_number_restraints                     ? 
_refine.occupancy_min                            ? 
_refine.occupancy_max                            ? 
_refine.correlation_coeff_Fo_to_Fc               ? 
_refine.correlation_coeff_Fo_to_Fc_free          ? 
_refine.B_iso_mean                               24.12 
_refine.aniso_B[1][1]                            ? 
_refine.aniso_B[2][2]                            ? 
_refine.aniso_B[3][3]                            ? 
_refine.aniso_B[1][2]                            ? 
_refine.aniso_B[1][3]                            ? 
_refine.aniso_B[2][3]                            ? 
_refine.solvent_model_details                    'FLAT MODEL' 
_refine.solvent_model_param_ksol                 .30017 
_refine.solvent_model_param_bsol                 37.0162 
_refine.pdbx_solvent_vdw_probe_radii             ? 
_refine.pdbx_solvent_ion_probe_radii             ? 
_refine.pdbx_solvent_shrinkage_radii             ? 
_refine.pdbx_ls_cross_valid_method               THROUGHOUT 
_refine.details                                  'THREE RESIDUES HAVE MULTIPLE CONFORMERS' 
_refine.pdbx_starting_model                      'PDB ENTRY 1NEW' 
_refine.pdbx_method_to_determine_struct          'MOLECULAR REPLACEMENT' 
_refine.pdbx_isotropic_thermal_model             RESTRAINED 
_refine.pdbx_stereochemistry_target_values       ? 
_refine.pdbx_stereochem_target_val_spec_case     ? 
_refine.pdbx_R_Free_selection_details            RANDOM 
_refine.pdbx_overall_ESU_R                       ? 
_refine.pdbx_overall_ESU_R_Free                  ? 
_refine.overall_SU_ML                            ? 
_refine.pdbx_overall_phase_error                 ? 
_refine.overall_SU_B                             ? 
_refine.overall_SU_R_Cruickshank_DPI             ? 
_refine.pdbx_overall_SU_R_free_Cruickshank_DPI   ? 
_refine.pdbx_overall_SU_R_Blow_DPI               ? 
_refine.pdbx_overall_SU_R_free_Blow_DPI          ? 
# 
_refine_analyze.pdbx_refine_id                  'X-RAY DIFFRACTION' 
_refine_analyze.entry_id                        1HH5 
_refine_analyze.Luzzati_coordinate_error_obs    0.21 
_refine_analyze.Luzzati_sigma_a_obs             0.11 
_refine_analyze.Luzzati_d_res_low_obs           6.00 
_refine_analyze.Luzzati_coordinate_error_free   0.26 
_refine_analyze.Luzzati_sigma_a_free            0.17 
_refine_analyze.Luzzati_d_res_low_free          ? 
_refine_analyze.number_disordered_residues      ? 
_refine_analyze.occupancy_sum_hydrogen          ? 
_refine_analyze.occupancy_sum_non_hydrogen      ? 
# 
_refine_hist.pdbx_refine_id                   'X-RAY DIFFRACTION' 
_refine_hist.cycle_id                         LAST 
_refine_hist.pdbx_number_atoms_protein        505 
_refine_hist.pdbx_number_atoms_nucleic_acid   0 
_refine_hist.pdbx_number_atoms_ligand         129 
_refine_hist.number_atoms_solvent             116 
_refine_hist.number_atoms_total               750 
_refine_hist.d_res_high                       1.90 
_refine_hist.d_res_low                        14.00 
# 
loop_
_refine_ls_restr.type 
_refine_ls_restr.dev_ideal 
_refine_ls_restr.dev_ideal_target 
_refine_ls_restr.weight 
_refine_ls_restr.number 
_refine_ls_restr.pdbx_refine_id 
_refine_ls_restr.pdbx_restraint_function 
c_bond_d                0.008 ? ? ? 'X-RAY DIFFRACTION' ? 
c_bond_d_na             ?     ? ? ? 'X-RAY DIFFRACTION' ? 
c_bond_d_prot           ?     ? ? ? 'X-RAY DIFFRACTION' ? 
c_angle_d               ?     ? ? ? 'X-RAY DIFFRACTION' ? 
c_angle_d_na            ?     ? ? ? 'X-RAY DIFFRACTION' ? 
c_angle_d_prot          ?     ? ? ? 'X-RAY DIFFRACTION' ? 
c_angle_deg             4.12  ? ? ? 'X-RAY DIFFRACTION' ? 
c_angle_deg_na          ?     ? ? ? 'X-RAY DIFFRACTION' ? 
c_angle_deg_prot        ?     ? ? ? 'X-RAY DIFFRACTION' ? 
c_dihedral_angle_d      26.3  ? ? ? 'X-RAY DIFFRACTION' ? 
c_dihedral_angle_d_na   ?     ? ? ? 'X-RAY DIFFRACTION' ? 
c_dihedral_angle_d_prot ?     ? ? ? 'X-RAY DIFFRACTION' ? 
c_improper_angle_d      1.69  ? ? ? 'X-RAY DIFFRACTION' ? 
c_improper_angle_d_na   ?     ? ? ? 'X-RAY DIFFRACTION' ? 
c_improper_angle_d_prot ?     ? ? ? 'X-RAY DIFFRACTION' ? 
c_mcbond_it             ?     ? ? ? 'X-RAY DIFFRACTION' ? 
c_mcangle_it            ?     ? ? ? 'X-RAY DIFFRACTION' ? 
c_scbond_it             ?     ? ? ? 'X-RAY DIFFRACTION' ? 
c_scangle_it            ?     ? ? ? 'X-RAY DIFFRACTION' ? 
# 
_refine_ls_shell.pdbx_refine_id                   'X-RAY DIFFRACTION' 
_refine_ls_shell.pdbx_total_number_of_bins_used   10 
_refine_ls_shell.d_res_high                       1.90 
_refine_ls_shell.d_res_low                        1.97 
_refine_ls_shell.number_reflns_R_work             435 
_refine_ls_shell.R_factor_R_work                  0.212 
_refine_ls_shell.percent_reflns_obs               72.5 
_refine_ls_shell.R_factor_R_free                  0.240 
_refine_ls_shell.R_factor_R_free_error            ? 
_refine_ls_shell.percent_reflns_R_free            5 
_refine_ls_shell.number_reflns_R_free             39 
_refine_ls_shell.number_reflns_all                ? 
_refine_ls_shell.R_factor_all                     ? 
# 
loop_
_pdbx_xplor_file.pdbx_refine_id 
_pdbx_xplor_file.serial_no 
_pdbx_xplor_file.param_file 
_pdbx_xplor_file.topol_file 
'X-RAY DIFFRACTION' 1 PARHCSDX.PRO  TOPHCSDX.PRO 
'X-RAY DIFFRACTION' 2 PARAM19X.HEME TOP19X.HEME  
# 
_struct.entry_id                  1HH5 
_struct.title                     'cytochrome c7 from Desulfuromonas acetoxidans' 
_struct.pdbx_model_details        ? 
_struct.pdbx_CASP_flag            ? 
_struct.pdbx_model_type_details   ? 
# 
_struct_keywords.entry_id        1HH5 
_struct_keywords.pdbx_keywords   'ELECTRON TRANSPORT' 
_struct_keywords.text            'MULTIHEME CYTOCHROME, ELECTRON TRANSPORT' 
# 
loop_
_struct_asym.id 
_struct_asym.pdbx_blank_PDB_chainid_flag 
_struct_asym.pdbx_modified 
_struct_asym.entity_id 
_struct_asym.details 
A N N 1 ? 
B N N 2 ? 
C N N 2 ? 
D N N 2 ? 
E N N 3 ? 
# 
_struct_ref.id                         1 
_struct_ref.db_name                    UNP 
_struct_ref.db_code                    CYC3_DESAC 
_struct_ref.entity_id                  1 
_struct_ref.pdbx_seq_one_letter_code   ? 
_struct_ref.pdbx_align_begin           ? 
_struct_ref.pdbx_db_accession          P00137 
_struct_ref.pdbx_db_isoform            ? 
# 
_struct_ref_seq.align_id                      1 
_struct_ref_seq.ref_id                        1 
_struct_ref_seq.pdbx_PDB_id_code              1HH5 
_struct_ref_seq.pdbx_strand_id                A 
_struct_ref_seq.seq_align_beg                 1 
_struct_ref_seq.pdbx_seq_align_beg_ins_code   ? 
_struct_ref_seq.seq_align_end                 68 
_struct_ref_seq.pdbx_seq_align_end_ins_code   ? 
_struct_ref_seq.pdbx_db_accession             P00137 
_struct_ref_seq.db_align_beg                  1 
_struct_ref_seq.pdbx_db_align_beg_ins_code    ? 
_struct_ref_seq.db_align_end                  68 
_struct_ref_seq.pdbx_db_align_end_ins_code    ? 
_struct_ref_seq.pdbx_auth_seq_align_beg       1 
_struct_ref_seq.pdbx_auth_seq_align_end       68 
# 
_pdbx_struct_assembly.id                   1 
_pdbx_struct_assembly.details              software_defined_assembly 
_pdbx_struct_assembly.method_details       PQS 
_pdbx_struct_assembly.oligomeric_details   monomeric 
_pdbx_struct_assembly.oligomeric_count     1 
# 
_pdbx_struct_assembly_gen.assembly_id       1 
_pdbx_struct_assembly_gen.oper_expression   1 
_pdbx_struct_assembly_gen.asym_id_list      A,B,C,D,E 
# 
_pdbx_struct_oper_list.id                   1 
_pdbx_struct_oper_list.type                 'identity operation' 
_pdbx_struct_oper_list.name                 1_555 
_pdbx_struct_oper_list.symmetry_operation   x,y,z 
_pdbx_struct_oper_list.matrix[1][1]         1.0000000000 
_pdbx_struct_oper_list.matrix[1][2]         0.0000000000 
_pdbx_struct_oper_list.matrix[1][3]         0.0000000000 
_pdbx_struct_oper_list.vector[1]            0.0000000000 
_pdbx_struct_oper_list.matrix[2][1]         0.0000000000 
_pdbx_struct_oper_list.matrix[2][2]         1.0000000000 
_pdbx_struct_oper_list.matrix[2][3]         0.0000000000 
_pdbx_struct_oper_list.vector[2]            0.0000000000 
_pdbx_struct_oper_list.matrix[3][1]         0.0000000000 
_pdbx_struct_oper_list.matrix[3][2]         0.0000000000 
_pdbx_struct_oper_list.matrix[3][3]         1.0000000000 
_pdbx_struct_oper_list.vector[3]            0.0000000000 
# 
_struct_biol.id   1 
# 
loop_
_struct_conf.conf_type_id 
_struct_conf.id 
_struct_conf.pdbx_PDB_helix_id 
_struct_conf.beg_label_comp_id 
_struct_conf.beg_label_asym_id 
_struct_conf.beg_label_seq_id 
_struct_conf.pdbx_beg_PDB_ins_code 
_struct_conf.end_label_comp_id 
_struct_conf.end_label_asym_id 
_struct_conf.end_label_seq_id 
_struct_conf.pdbx_end_PDB_ins_code 
_struct_conf.beg_auth_comp_id 
_struct_conf.beg_auth_asym_id 
_struct_conf.beg_auth_seq_id 
_struct_conf.end_auth_comp_id 
_struct_conf.end_auth_asym_id 
_struct_conf.end_auth_seq_id 
_struct_conf.pdbx_PDB_helix_class 
_struct_conf.details 
_struct_conf.pdbx_PDB_helix_length 
HELX_P HELX_P1 1 HIS A 17 ? GLY A 25 ? HIS A 17 GLY A 25 1 ? 9 
HELX_P HELX_P2 2 CYS A 26 ? CYS A 29 ? CYS A 26 CYS A 29 5 ? 4 
HELX_P HELX_P3 3 ASP A 40 ? HIS A 45 ? ASP A 40 HIS A 45 1 ? 6 
HELX_P HELX_P4 4 CYS A 49 ? LYS A 54 ? CYS A 49 LYS A 54 1 ? 6 
HELX_P HELX_P5 5 LYS A 61 ? HIS A 66 ? LYS A 61 HIS A 66 1 ? 6 
# 
_struct_conf_type.id          HELX_P 
_struct_conf_type.criteria    ? 
_struct_conf_type.reference   ? 
# 
loop_
_struct_conn.id 
_struct_conn.conn_type_id 
_struct_conn.pdbx_leaving_atom_flag 
_struct_conn.pdbx_PDB_id 
_struct_conn.ptnr1_label_asym_id 
_struct_conn.ptnr1_label_comp_id 
_struct_conn.ptnr1_label_seq_id 
_struct_conn.ptnr1_label_atom_id 
_struct_conn.pdbx_ptnr1_label_alt_id 
_struct_conn.pdbx_ptnr1_PDB_ins_code 
_struct_conn.pdbx_ptnr1_standard_comp_id 
_struct_conn.ptnr1_symmetry 
_struct_conn.ptnr2_label_asym_id 
_struct_conn.ptnr2_label_comp_id 
_struct_conn.ptnr2_label_seq_id 
_struct_conn.ptnr2_label_atom_id 
_struct_conn.pdbx_ptnr2_label_alt_id 
_struct_conn.pdbx_ptnr2_PDB_ins_code 
_struct_conn.ptnr1_auth_asym_id 
_struct_conn.ptnr1_auth_comp_id 
_struct_conn.ptnr1_auth_seq_id 
_struct_conn.ptnr2_auth_asym_id 
_struct_conn.ptnr2_auth_comp_id 
_struct_conn.ptnr2_auth_seq_id 
_struct_conn.ptnr2_symmetry 
_struct_conn.pdbx_ptnr3_label_atom_id 
_struct_conn.pdbx_ptnr3_label_seq_id 
_struct_conn.pdbx_ptnr3_label_comp_id 
_struct_conn.pdbx_ptnr3_label_asym_id 
_struct_conn.pdbx_ptnr3_label_alt_id 
_struct_conn.pdbx_ptnr3_PDB_ins_code 
_struct_conn.details 
_struct_conn.pdbx_dist_value 
_struct_conn.pdbx_value_order 
_struct_conn.pdbx_role 
covale1 covale none ? A CYS 26 SG  ? ? ? 1_555 B HEC . CAB ? ? A CYS 26 A HEC 69 1_555 ? ? ? ? ? ? ? 1.828 ? ? 
covale2 covale none ? A CYS 29 SG  ? ? ? 1_555 B HEC . CAC ? ? A CYS 29 A HEC 69 1_555 ? ? ? ? ? ? ? 1.833 ? ? 
covale3 covale none ? A CYS 49 SG  ? ? ? 1_555 C HEC . CAB ? ? A CYS 49 A HEC 70 1_555 ? ? ? ? ? ? ? 1.829 ? ? 
covale4 covale none ? A CYS 52 SG  ? ? ? 1_555 C HEC . CAC ? ? A CYS 52 A HEC 70 1_555 ? ? ? ? ? ? ? 1.835 ? ? 
covale5 covale none ? A CYS 62 SG  ? ? ? 1_555 D HEC . CAB ? ? A CYS 62 A HEC 71 1_555 ? ? ? ? ? ? ? 1.830 ? ? 
covale6 covale none ? A CYS 65 SG  ? ? ? 1_555 D HEC . CAC ? ? A CYS 65 A HEC 71 1_555 ? ? ? ? ? ? ? 1.834 ? ? 
metalc1 metalc ?    ? A HIS 17 NE2 ? ? ? 1_555 B HEC . FE  ? ? A HIS 17 A HEC 69 1_555 ? ? ? ? ? ? ? 1.999 ? ? 
metalc2 metalc ?    ? A HIS 20 NE2 ? ? ? 1_555 C HEC . FE  ? ? A HIS 20 A HEC 70 1_555 ? ? ? ? ? ? ? 1.981 ? ? 
metalc3 metalc ?    ? A HIS 30 NE2 ? ? ? 1_555 B HEC . FE  ? ? A HIS 30 A HEC 69 1_555 ? ? ? ? ? ? ? 1.987 ? ? 
metalc4 metalc ?    ? A HIS 45 NE2 ? ? ? 1_555 D HEC . FE  ? ? A HIS 45 A HEC 71 1_555 ? ? ? ? ? ? ? 1.982 ? ? 
metalc5 metalc ?    ? A HIS 53 NE2 ? ? ? 1_555 C HEC . FE  ? ? A HIS 53 A HEC 70 1_555 ? ? ? ? ? ? ? 1.984 ? ? 
metalc6 metalc ?    ? A HIS 66 NE2 ? ? ? 1_555 D HEC . FE  ? ? A HIS 66 A HEC 71 1_555 ? ? ? ? ? ? ? 1.983 ? ? 
# 
loop_
_struct_conn_type.id 
_struct_conn_type.criteria 
_struct_conn_type.reference 
covale ? ? 
metalc ? ? 
# 
loop_
_pdbx_struct_conn_angle.id 
_pdbx_struct_conn_angle.ptnr1_label_atom_id 
_pdbx_struct_conn_angle.ptnr1_label_alt_id 
_pdbx_struct_conn_angle.ptnr1_label_asym_id 
_pdbx_struct_conn_angle.ptnr1_label_comp_id 
_pdbx_struct_conn_angle.ptnr1_label_seq_id 
_pdbx_struct_conn_angle.ptnr1_auth_atom_id 
_pdbx_struct_conn_angle.ptnr1_auth_asym_id 
_pdbx_struct_conn_angle.ptnr1_auth_comp_id 
_pdbx_struct_conn_angle.ptnr1_auth_seq_id 
_pdbx_struct_conn_angle.ptnr1_PDB_ins_code 
_pdbx_struct_conn_angle.ptnr1_symmetry 
_pdbx_struct_conn_angle.ptnr2_label_atom_id 
_pdbx_struct_conn_angle.ptnr2_label_alt_id 
_pdbx_struct_conn_angle.ptnr2_label_asym_id 
_pdbx_struct_conn_angle.ptnr2_label_comp_id 
_pdbx_struct_conn_angle.ptnr2_label_seq_id 
_pdbx_struct_conn_angle.ptnr2_auth_atom_id 
_pdbx_struct_conn_angle.ptnr2_auth_asym_id 
_pdbx_struct_conn_angle.ptnr2_auth_comp_id 
_pdbx_struct_conn_angle.ptnr2_auth_seq_id 
_pdbx_struct_conn_angle.ptnr2_PDB_ins_code 
_pdbx_struct_conn_angle.ptnr2_symmetry 
_pdbx_struct_conn_angle.ptnr3_label_atom_id 
_pdbx_struct_conn_angle.ptnr3_label_alt_id 
_pdbx_struct_conn_angle.ptnr3_label_asym_id 
_pdbx_struct_conn_angle.ptnr3_label_comp_id 
_pdbx_struct_conn_angle.ptnr3_label_seq_id 
_pdbx_struct_conn_angle.ptnr3_auth_atom_id 
_pdbx_struct_conn_angle.ptnr3_auth_asym_id 
_pdbx_struct_conn_angle.ptnr3_auth_comp_id 
_pdbx_struct_conn_angle.ptnr3_auth_seq_id 
_pdbx_struct_conn_angle.ptnr3_PDB_ins_code 
_pdbx_struct_conn_angle.ptnr3_symmetry 
_pdbx_struct_conn_angle.value 
_pdbx_struct_conn_angle.value_esd 
1  NE2 ? A HIS 17 ? A HIS 17 ? 1_555 FE ? B HEC . ? A HEC 69 ? 1_555 NA  ? B HEC .  ? A HEC 69 ? 1_555 91.8  ? 
2  NE2 ? A HIS 17 ? A HIS 17 ? 1_555 FE ? B HEC . ? A HEC 69 ? 1_555 NB  ? B HEC .  ? A HEC 69 ? 1_555 89.6  ? 
3  NA  ? B HEC .  ? A HEC 69 ? 1_555 FE ? B HEC . ? A HEC 69 ? 1_555 NB  ? B HEC .  ? A HEC 69 ? 1_555 90.3  ? 
4  NE2 ? A HIS 17 ? A HIS 17 ? 1_555 FE ? B HEC . ? A HEC 69 ? 1_555 NC  ? B HEC .  ? A HEC 69 ? 1_555 90.9  ? 
5  NA  ? B HEC .  ? A HEC 69 ? 1_555 FE ? B HEC . ? A HEC 69 ? 1_555 NC  ? B HEC .  ? A HEC 69 ? 1_555 177.2 ? 
6  NB  ? B HEC .  ? A HEC 69 ? 1_555 FE ? B HEC . ? A HEC 69 ? 1_555 NC  ? B HEC .  ? A HEC 69 ? 1_555 89.5  ? 
7  NE2 ? A HIS 17 ? A HIS 17 ? 1_555 FE ? B HEC . ? A HEC 69 ? 1_555 ND  ? B HEC .  ? A HEC 69 ? 1_555 90.0  ? 
8  NA  ? B HEC .  ? A HEC 69 ? 1_555 FE ? B HEC . ? A HEC 69 ? 1_555 ND  ? B HEC .  ? A HEC 69 ? 1_555 88.8  ? 
9  NB  ? B HEC .  ? A HEC 69 ? 1_555 FE ? B HEC . ? A HEC 69 ? 1_555 ND  ? B HEC .  ? A HEC 69 ? 1_555 179.0 ? 
10 NC  ? B HEC .  ? A HEC 69 ? 1_555 FE ? B HEC . ? A HEC 69 ? 1_555 ND  ? B HEC .  ? A HEC 69 ? 1_555 91.4  ? 
11 NE2 ? A HIS 17 ? A HIS 17 ? 1_555 FE ? B HEC . ? A HEC 69 ? 1_555 NE2 ? A HIS 30 ? A HIS 30 ? 1_555 176.4 ? 
12 NA  ? B HEC .  ? A HEC 69 ? 1_555 FE ? B HEC . ? A HEC 69 ? 1_555 NE2 ? A HIS 30 ? A HIS 30 ? 1_555 89.3  ? 
13 NB  ? B HEC .  ? A HEC 69 ? 1_555 FE ? B HEC . ? A HEC 69 ? 1_555 NE2 ? A HIS 30 ? A HIS 30 ? 1_555 93.7  ? 
14 NC  ? B HEC .  ? A HEC 69 ? 1_555 FE ? B HEC . ? A HEC 69 ? 1_555 NE2 ? A HIS 30 ? A HIS 30 ? 1_555 87.9  ? 
15 ND  ? B HEC .  ? A HEC 69 ? 1_555 FE ? B HEC . ? A HEC 69 ? 1_555 NE2 ? A HIS 30 ? A HIS 30 ? 1_555 86.7  ? 
16 NE2 ? A HIS 20 ? A HIS 20 ? 1_555 FE ? C HEC . ? A HEC 70 ? 1_555 NA  ? C HEC .  ? A HEC 70 ? 1_555 90.5  ? 
17 NE2 ? A HIS 20 ? A HIS 20 ? 1_555 FE ? C HEC . ? A HEC 70 ? 1_555 NB  ? C HEC .  ? A HEC 70 ? 1_555 89.2  ? 
18 NA  ? C HEC .  ? A HEC 70 ? 1_555 FE ? C HEC . ? A HEC 70 ? 1_555 NB  ? C HEC .  ? A HEC 70 ? 1_555 88.3  ? 
19 NE2 ? A HIS 20 ? A HIS 20 ? 1_555 FE ? C HEC . ? A HEC 70 ? 1_555 NC  ? C HEC .  ? A HEC 70 ? 1_555 92.1  ? 
20 NA  ? C HEC .  ? A HEC 70 ? 1_555 FE ? C HEC . ? A HEC 70 ? 1_555 NC  ? C HEC .  ? A HEC 70 ? 1_555 177.3 ? 
21 NB  ? C HEC .  ? A HEC 70 ? 1_555 FE ? C HEC . ? A HEC 70 ? 1_555 NC  ? C HEC .  ? A HEC 70 ? 1_555 90.7  ? 
22 NE2 ? A HIS 20 ? A HIS 20 ? 1_555 FE ? C HEC . ? A HEC 70 ? 1_555 ND  ? C HEC .  ? A HEC 70 ? 1_555 90.5  ? 
23 NA  ? C HEC .  ? A HEC 70 ? 1_555 FE ? C HEC . ? A HEC 70 ? 1_555 ND  ? C HEC .  ? A HEC 70 ? 1_555 91.0  ? 
24 NB  ? C HEC .  ? A HEC 70 ? 1_555 FE ? C HEC . ? A HEC 70 ? 1_555 ND  ? C HEC .  ? A HEC 70 ? 1_555 179.2 ? 
25 NC  ? C HEC .  ? A HEC 70 ? 1_555 FE ? C HEC . ? A HEC 70 ? 1_555 ND  ? C HEC .  ? A HEC 70 ? 1_555 90.0  ? 
26 NE2 ? A HIS 20 ? A HIS 20 ? 1_555 FE ? C HEC . ? A HEC 70 ? 1_555 NE2 ? A HIS 53 ? A HIS 53 ? 1_555 176.5 ? 
27 NA  ? C HEC .  ? A HEC 70 ? 1_555 FE ? C HEC . ? A HEC 70 ? 1_555 NE2 ? A HIS 53 ? A HIS 53 ? 1_555 91.5  ? 
28 NB  ? C HEC .  ? A HEC 70 ? 1_555 FE ? C HEC . ? A HEC 70 ? 1_555 NE2 ? A HIS 53 ? A HIS 53 ? 1_555 87.9  ? 
29 NC  ? C HEC .  ? A HEC 70 ? 1_555 FE ? C HEC . ? A HEC 70 ? 1_555 NE2 ? A HIS 53 ? A HIS 53 ? 1_555 86.0  ? 
30 ND  ? C HEC .  ? A HEC 70 ? 1_555 FE ? C HEC . ? A HEC 70 ? 1_555 NE2 ? A HIS 53 ? A HIS 53 ? 1_555 92.4  ? 
31 NE2 ? A HIS 45 ? A HIS 45 ? 1_555 FE ? D HEC . ? A HEC 71 ? 1_555 NA  ? D HEC .  ? A HEC 71 ? 1_555 90.8  ? 
32 NE2 ? A HIS 45 ? A HIS 45 ? 1_555 FE ? D HEC . ? A HEC 71 ? 1_555 NB  ? D HEC .  ? A HEC 71 ? 1_555 88.5  ? 
33 NA  ? D HEC .  ? A HEC 71 ? 1_555 FE ? D HEC . ? A HEC 71 ? 1_555 NB  ? D HEC .  ? A HEC 71 ? 1_555 90.6  ? 
34 NE2 ? A HIS 45 ? A HIS 45 ? 1_555 FE ? D HEC . ? A HEC 71 ? 1_555 NC  ? D HEC .  ? A HEC 71 ? 1_555 90.5  ? 
35 NA  ? D HEC .  ? A HEC 71 ? 1_555 FE ? D HEC . ? A HEC 71 ? 1_555 NC  ? D HEC .  ? A HEC 71 ? 1_555 178.6 ? 
36 NB  ? D HEC .  ? A HEC 71 ? 1_555 FE ? D HEC . ? A HEC 71 ? 1_555 NC  ? D HEC .  ? A HEC 71 ? 1_555 89.0  ? 
37 NE2 ? A HIS 45 ? A HIS 45 ? 1_555 FE ? D HEC . ? A HEC 71 ? 1_555 ND  ? D HEC .  ? A HEC 71 ? 1_555 93.8  ? 
38 NA  ? D HEC .  ? A HEC 71 ? 1_555 FE ? D HEC . ? A HEC 71 ? 1_555 ND  ? D HEC .  ? A HEC 71 ? 1_555 91.2  ? 
39 NB  ? D HEC .  ? A HEC 71 ? 1_555 FE ? D HEC . ? A HEC 71 ? 1_555 ND  ? D HEC .  ? A HEC 71 ? 1_555 177.1 ? 
40 NC  ? D HEC .  ? A HEC 71 ? 1_555 FE ? D HEC . ? A HEC 71 ? 1_555 ND  ? D HEC .  ? A HEC 71 ? 1_555 89.2  ? 
41 NE2 ? A HIS 45 ? A HIS 45 ? 1_555 FE ? D HEC . ? A HEC 71 ? 1_555 NE2 ? A HIS 66 ? A HIS 66 ? 1_555 175.7 ? 
42 NA  ? D HEC .  ? A HEC 71 ? 1_555 FE ? D HEC . ? A HEC 71 ? 1_555 NE2 ? A HIS 66 ? A HIS 66 ? 1_555 91.0  ? 
43 NB  ? D HEC .  ? A HEC 71 ? 1_555 FE ? D HEC . ? A HEC 71 ? 1_555 NE2 ? A HIS 66 ? A HIS 66 ? 1_555 87.7  ? 
44 NC  ? D HEC .  ? A HEC 71 ? 1_555 FE ? D HEC . ? A HEC 71 ? 1_555 NE2 ? A HIS 66 ? A HIS 66 ? 1_555 87.6  ? 
45 ND  ? D HEC .  ? A HEC 71 ? 1_555 FE ? D HEC . ? A HEC 71 ? 1_555 NE2 ? A HIS 66 ? A HIS 66 ? 1_555 89.9  ? 
# 
loop_
_pdbx_modification_feature.ordinal 
_pdbx_modification_feature.label_comp_id 
_pdbx_modification_feature.label_asym_id 
_pdbx_modification_feature.label_seq_id 
_pdbx_modification_feature.label_alt_id 
_pdbx_modification_feature.modified_residue_label_comp_id 
_pdbx_modification_feature.modified_residue_label_asym_id 
_pdbx_modification_feature.modified_residue_label_seq_id 
_pdbx_modification_feature.modified_residue_label_alt_id 
_pdbx_modification_feature.auth_comp_id 
_pdbx_modification_feature.auth_asym_id 
_pdbx_modification_feature.auth_seq_id 
_pdbx_modification_feature.PDB_ins_code 
_pdbx_modification_feature.symmetry 
_pdbx_modification_feature.modified_residue_auth_comp_id 
_pdbx_modification_feature.modified_residue_auth_asym_id 
_pdbx_modification_feature.modified_residue_auth_seq_id 
_pdbx_modification_feature.modified_residue_PDB_ins_code 
_pdbx_modification_feature.modified_residue_symmetry 
_pdbx_modification_feature.comp_id_linking_atom 
_pdbx_modification_feature.modified_residue_id_linking_atom 
_pdbx_modification_feature.modified_residue_id 
_pdbx_modification_feature.ref_pcm_id 
_pdbx_modification_feature.ref_comp_id 
_pdbx_modification_feature.type 
_pdbx_modification_feature.category 
1 HEC B . ? CYS A 26 ? HEC A 69 ? 1_555 CYS A 26 ? 1_555 CAB SG CYS 2 HEC None Heme/heme-like 
2 HEC B . ? CYS A 29 ? HEC A 69 ? 1_555 CYS A 29 ? 1_555 CAC SG CYS 3 HEC None Heme/heme-like 
3 HEC C . ? CYS A 49 ? HEC A 70 ? 1_555 CYS A 49 ? 1_555 CAB SG CYS 2 HEC None Heme/heme-like 
4 HEC C . ? CYS A 52 ? HEC A 70 ? 1_555 CYS A 52 ? 1_555 CAC SG CYS 3 HEC None Heme/heme-like 
5 HEC D . ? CYS A 62 ? HEC A 71 ? 1_555 CYS A 62 ? 1_555 CAB SG CYS 2 HEC None Heme/heme-like 
6 HEC D . ? CYS A 65 ? HEC A 71 ? 1_555 CYS A 65 ? 1_555 CAC SG CYS 3 HEC None Heme/heme-like 
# 
_struct_sheet.id               AA 
_struct_sheet.type             ? 
_struct_sheet.number_strands   2 
_struct_sheet.details          ? 
# 
_struct_sheet_order.sheet_id     AA 
_struct_sheet_order.range_id_1   1 
_struct_sheet_order.range_id_2   2 
_struct_sheet_order.offset       ? 
_struct_sheet_order.sense        anti-parallel 
# 
loop_
_struct_sheet_range.sheet_id 
_struct_sheet_range.id 
_struct_sheet_range.beg_label_comp_id 
_struct_sheet_range.beg_label_asym_id 
_struct_sheet_range.beg_label_seq_id 
_struct_sheet_range.pdbx_beg_PDB_ins_code 
_struct_sheet_range.end_label_comp_id 
_struct_sheet_range.end_label_asym_id 
_struct_sheet_range.end_label_seq_id 
_struct_sheet_range.pdbx_end_PDB_ins_code 
_struct_sheet_range.beg_auth_comp_id 
_struct_sheet_range.beg_auth_asym_id 
_struct_sheet_range.beg_auth_seq_id 
_struct_sheet_range.end_auth_comp_id 
_struct_sheet_range.end_auth_asym_id 
_struct_sheet_range.end_auth_seq_id 
AA 1 VAL A 3  ? TYR A 6  ? VAL A 3  TYR A 6  
AA 2 VAL A 13 ? ASP A 16 ? VAL A 13 ASP A 16 
# 
_pdbx_struct_sheet_hbond.sheet_id                AA 
_pdbx_struct_sheet_hbond.range_id_1              1 
_pdbx_struct_sheet_hbond.range_id_2              2 
_pdbx_struct_sheet_hbond.range_1_label_atom_id   N 
_pdbx_struct_sheet_hbond.range_1_label_comp_id   TYR 
_pdbx_struct_sheet_hbond.range_1_label_asym_id   A 
_pdbx_struct_sheet_hbond.range_1_label_seq_id    6 
_pdbx_struct_sheet_hbond.range_1_PDB_ins_code    ? 
_pdbx_struct_sheet_hbond.range_1_auth_atom_id    N 
_pdbx_struct_sheet_hbond.range_1_auth_comp_id    TYR 
_pdbx_struct_sheet_hbond.range_1_auth_asym_id    A 
_pdbx_struct_sheet_hbond.range_1_auth_seq_id     6 
_pdbx_struct_sheet_hbond.range_2_label_atom_id   O 
_pdbx_struct_sheet_hbond.range_2_label_comp_id   VAL 
_pdbx_struct_sheet_hbond.range_2_label_asym_id   A 
_pdbx_struct_sheet_hbond.range_2_label_seq_id    13 
_pdbx_struct_sheet_hbond.range_2_PDB_ins_code    ? 
_pdbx_struct_sheet_hbond.range_2_auth_atom_id    O 
_pdbx_struct_sheet_hbond.range_2_auth_comp_id    VAL 
_pdbx_struct_sheet_hbond.range_2_auth_asym_id    A 
_pdbx_struct_sheet_hbond.range_2_auth_seq_id     13 
# 
loop_
_struct_site.id 
_struct_site.pdbx_evidence_code 
_struct_site.pdbx_auth_asym_id 
_struct_site.pdbx_auth_comp_id 
_struct_site.pdbx_auth_seq_id 
_struct_site.pdbx_auth_ins_code 
_struct_site.pdbx_num_residues 
_struct_site.details 
AC1 Software A HEC 69 ? 19 'BINDING SITE FOR RESIDUE HEC A 69' 
AC2 Software A HEC 70 ? 19 'BINDING SITE FOR RESIDUE HEC A 70' 
AC3 Software A HEC 71 ? 12 'BINDING SITE FOR RESIDUE HEC A 71' 
# 
loop_
_struct_site_gen.id 
_struct_site_gen.site_id 
_struct_site_gen.pdbx_num_res 
_struct_site_gen.label_comp_id 
_struct_site_gen.label_asym_id 
_struct_site_gen.label_seq_id 
_struct_site_gen.pdbx_auth_ins_code 
_struct_site_gen.auth_comp_id 
_struct_site_gen.auth_asym_id 
_struct_site_gen.auth_seq_id 
_struct_site_gen.label_atom_id 
_struct_site_gen.label_alt_id 
_struct_site_gen.symmetry 
_struct_site_gen.details 
1  AC1 19 ALA A 1  ? ALA A 1    . ? 1_555 ? 
2  AC1 19 TYR A 6  ? TYR A 6    . ? 1_555 ? 
3  AC1 19 PHE A 15 ? PHE A 15   . ? 1_555 ? 
4  AC1 19 HIS A 17 ? HIS A 17   . ? 1_555 ? 
5  AC1 19 HIS A 20 ? HIS A 20   . ? 1_555 ? 
6  AC1 19 ALA A 21 ? ALA A 21   . ? 1_555 ? 
7  AC1 19 GLY A 25 ? GLY A 25   . ? 1_555 ? 
8  AC1 19 CYS A 26 ? CYS A 26   . ? 1_555 ? 
9  AC1 19 CYS A 29 ? CYS A 29   . ? 1_555 ? 
10 AC1 19 HIS A 30 ? HIS A 30   . ? 1_555 ? 
11 AC1 19 PRO A 34 ? PRO A 34   . ? 1_555 ? 
12 AC1 19 ALA A 35 ? ALA A 35   . ? 1_555 ? 
13 AC1 19 LYS A 36 ? LYS A 36   . ? 1_555 ? 
14 AC1 19 ILE A 37 ? ILE A 37   . ? 1_555 ? 
15 AC1 19 HEC C .  ? HEC A 70   . ? 1_555 ? 
16 AC1 19 HOH E .  ? HOH A 2104 . ? 1_555 ? 
17 AC1 19 HOH E .  ? HOH A 2105 . ? 1_555 ? 
18 AC1 19 HOH E .  ? HOH A 2106 . ? 1_555 ? 
19 AC1 19 HOH E .  ? HOH A 2107 . ? 1_555 ? 
20 AC2 19 VAL A 13 ? VAL A 13   . ? 1_555 ? 
21 AC2 19 PHE A 15 ? PHE A 15   . ? 1_555 ? 
22 AC2 19 HIS A 20 ? HIS A 20   . ? 1_555 ? 
23 AC2 19 LYS A 23 ? LYS A 23   . ? 1_555 ? 
24 AC2 19 LEU A 24 ? LEU A 24   . ? 1_555 ? 
25 AC2 19 ALA A 48 ? ALA A 48   . ? 1_555 ? 
26 AC2 19 CYS A 49 ? CYS A 49   . ? 1_555 ? 
27 AC2 19 CYS A 52 ? CYS A 52   . ? 1_555 ? 
28 AC2 19 HIS A 53 ? HIS A 53   . ? 1_555 ? 
29 AC2 19 ASN A 56 ? ASN A 56   . ? 1_555 ? 
30 AC2 19 ASN A 57 ? ASN A 57   . ? 1_555 ? 
31 AC2 19 PRO A 59 ? PRO A 59   . ? 1_555 ? 
32 AC2 19 HEC B .  ? HEC A 69   . ? 1_555 ? 
33 AC2 19 HOH E .  ? HOH A 2014 . ? 1_555 ? 
34 AC2 19 HOH E .  ? HOH A 2040 . ? 1_555 ? 
35 AC2 19 HOH E .  ? HOH A 2108 . ? 1_555 ? 
36 AC2 19 HOH E .  ? HOH A 2109 . ? 1_555 ? 
37 AC2 19 HOH E .  ? HOH A 2110 . ? 1_555 ? 
38 AC2 19 HOH E .  ? HOH A 2111 . ? 1_555 ? 
39 AC3 12 TYR A 6  ? TYR A 6    . ? 1_555 ? 
40 AC3 12 LYS A 9  ? LYS A 9    . ? 1_555 ? 
41 AC3 12 ALA A 44 ? ALA A 44   . ? 1_555 ? 
42 AC3 12 HIS A 45 ? HIS A 45   . ? 1_555 ? 
43 AC3 12 HIS A 53 ? HIS A 53   . ? 1_555 ? 
44 AC3 12 THR A 60 ? THR A 60   . ? 1_555 ? 
45 AC3 12 CYS A 62 ? CYS A 62   . ? 1_555 ? 
46 AC3 12 CYS A 65 ? CYS A 65   . ? 1_555 ? 
47 AC3 12 HIS A 66 ? HIS A 66   . ? 1_555 ? 
48 AC3 12 HOH E .  ? HOH A 2009 . ? 1_555 ? 
49 AC3 12 HOH E .  ? HOH A 2113 . ? 1_555 ? 
50 AC3 12 HOH E .  ? HOH A 2116 . ? 1_555 ? 
# 
_pdbx_entry_details.entry_id                   1HH5 
_pdbx_entry_details.compound_details           
;CATALYSES PHOSPHORYLATION IN SULFATE RESPIRATION BY
 TRANSFERRING ELECTRONS FROM THE ENZYME DEHYDROGENASE
 TO FERREDOXIN.
;
_pdbx_entry_details.source_details             ? 
_pdbx_entry_details.nonpolymer_details         ? 
_pdbx_entry_details.sequence_details           ? 
_pdbx_entry_details.has_ligand_of_interest     ? 
_pdbx_entry_details.has_protein_modification   Y 
# 
loop_
_pdbx_validate_close_contact.id 
_pdbx_validate_close_contact.PDB_model_num 
_pdbx_validate_close_contact.auth_atom_id_1 
_pdbx_validate_close_contact.auth_asym_id_1 
_pdbx_validate_close_contact.auth_comp_id_1 
_pdbx_validate_close_contact.auth_seq_id_1 
_pdbx_validate_close_contact.PDB_ins_code_1 
_pdbx_validate_close_contact.label_alt_id_1 
_pdbx_validate_close_contact.auth_atom_id_2 
_pdbx_validate_close_contact.auth_asym_id_2 
_pdbx_validate_close_contact.auth_comp_id_2 
_pdbx_validate_close_contact.auth_seq_id_2 
_pdbx_validate_close_contact.PDB_ins_code_2 
_pdbx_validate_close_contact.label_alt_id_2 
_pdbx_validate_close_contact.dist 
1 1 O A HOH 2036 ? ? O A HOH 2068 ? ? 0.78 
2 1 O A HOH 2083 ? ? O A HOH 2093 ? ? 1.67 
3 1 O A HOH 2039 ? ? O A HOH 2072 ? ? 2.04 
# 
loop_
_pdbx_validate_torsion.id 
_pdbx_validate_torsion.PDB_model_num 
_pdbx_validate_torsion.auth_comp_id 
_pdbx_validate_torsion.auth_asym_id 
_pdbx_validate_torsion.auth_seq_id 
_pdbx_validate_torsion.PDB_ins_code 
_pdbx_validate_torsion.label_alt_id 
_pdbx_validate_torsion.phi 
_pdbx_validate_torsion.psi 
1 1 ASP A 27 ? ? -69.29  1.70    
2 1 LYS A 46 ? ? -125.18 -129.80 
3 1 CYS A 49 ? ? -138.14 -67.74  
# 
loop_
_pdbx_distant_solvent_atoms.id 
_pdbx_distant_solvent_atoms.PDB_model_num 
_pdbx_distant_solvent_atoms.auth_atom_id 
_pdbx_distant_solvent_atoms.label_alt_id 
_pdbx_distant_solvent_atoms.auth_asym_id 
_pdbx_distant_solvent_atoms.auth_comp_id 
_pdbx_distant_solvent_atoms.auth_seq_id 
_pdbx_distant_solvent_atoms.PDB_ins_code 
_pdbx_distant_solvent_atoms.neighbor_macromolecule_distance 
_pdbx_distant_solvent_atoms.neighbor_ligand_distance 
1 1 O ? A HOH 2005 ? 5.91 . 
2 1 O ? A HOH 2010 ? 5.86 . 
3 1 O ? A HOH 2024 ? 6.38 . 
4 1 O ? A HOH 2032 ? 5.96 . 
# 
loop_
_chem_comp_atom.comp_id 
_chem_comp_atom.atom_id 
_chem_comp_atom.type_symbol 
_chem_comp_atom.pdbx_aromatic_flag 
_chem_comp_atom.pdbx_stereo_config 
_chem_comp_atom.pdbx_ordinal 
ALA N    N  N N 1   
ALA CA   C  N S 2   
ALA C    C  N N 3   
ALA O    O  N N 4   
ALA CB   C  N N 5   
ALA OXT  O  N N 6   
ALA H    H  N N 7   
ALA H2   H  N N 8   
ALA HA   H  N N 9   
ALA HB1  H  N N 10  
ALA HB2  H  N N 11  
ALA HB3  H  N N 12  
ALA HXT  H  N N 13  
ASN N    N  N N 14  
ASN CA   C  N S 15  
ASN C    C  N N 16  
ASN O    O  N N 17  
ASN CB   C  N N 18  
ASN CG   C  N N 19  
ASN OD1  O  N N 20  
ASN ND2  N  N N 21  
ASN OXT  O  N N 22  
ASN H    H  N N 23  
ASN H2   H  N N 24  
ASN HA   H  N N 25  
ASN HB2  H  N N 26  
ASN HB3  H  N N 27  
ASN HD21 H  N N 28  
ASN HD22 H  N N 29  
ASN HXT  H  N N 30  
ASP N    N  N N 31  
ASP CA   C  N S 32  
ASP C    C  N N 33  
ASP O    O  N N 34  
ASP CB   C  N N 35  
ASP CG   C  N N 36  
ASP OD1  O  N N 37  
ASP OD2  O  N N 38  
ASP OXT  O  N N 39  
ASP H    H  N N 40  
ASP H2   H  N N 41  
ASP HA   H  N N 42  
ASP HB2  H  N N 43  
ASP HB3  H  N N 44  
ASP HD2  H  N N 45  
ASP HXT  H  N N 46  
CYS N    N  N N 47  
CYS CA   C  N R 48  
CYS C    C  N N 49  
CYS O    O  N N 50  
CYS CB   C  N N 51  
CYS SG   S  N N 52  
CYS OXT  O  N N 53  
CYS H    H  N N 54  
CYS H2   H  N N 55  
CYS HA   H  N N 56  
CYS HB2  H  N N 57  
CYS HB3  H  N N 58  
CYS HG   H  N N 59  
CYS HXT  H  N N 60  
GLU N    N  N N 61  
GLU CA   C  N S 62  
GLU C    C  N N 63  
GLU O    O  N N 64  
GLU CB   C  N N 65  
GLU CG   C  N N 66  
GLU CD   C  N N 67  
GLU OE1  O  N N 68  
GLU OE2  O  N N 69  
GLU OXT  O  N N 70  
GLU H    H  N N 71  
GLU H2   H  N N 72  
GLU HA   H  N N 73  
GLU HB2  H  N N 74  
GLU HB3  H  N N 75  
GLU HG2  H  N N 76  
GLU HG3  H  N N 77  
GLU HE2  H  N N 78  
GLU HXT  H  N N 79  
GLY N    N  N N 80  
GLY CA   C  N N 81  
GLY C    C  N N 82  
GLY O    O  N N 83  
GLY OXT  O  N N 84  
GLY H    H  N N 85  
GLY H2   H  N N 86  
GLY HA2  H  N N 87  
GLY HA3  H  N N 88  
GLY HXT  H  N N 89  
HEC FE   FE N N 90  
HEC CHA  C  N N 91  
HEC CHB  C  N N 92  
HEC CHC  C  N N 93  
HEC CHD  C  N N 94  
HEC NA   N  Y N 95  
HEC C1A  C  Y N 96  
HEC C2A  C  Y N 97  
HEC C3A  C  Y N 98  
HEC C4A  C  Y N 99  
HEC CMA  C  N N 100 
HEC CAA  C  N N 101 
HEC CBA  C  N N 102 
HEC CGA  C  N N 103 
HEC O1A  O  N N 104 
HEC O2A  O  N N 105 
HEC NB   N  Y N 106 
HEC C1B  C  Y N 107 
HEC C2B  C  Y N 108 
HEC C3B  C  Y N 109 
HEC C4B  C  Y N 110 
HEC CMB  C  N N 111 
HEC CAB  C  N N 112 
HEC CBB  C  N N 113 
HEC NC   N  Y N 114 
HEC C1C  C  Y N 115 
HEC C2C  C  Y N 116 
HEC C3C  C  Y N 117 
HEC C4C  C  Y N 118 
HEC CMC  C  N N 119 
HEC CAC  C  N N 120 
HEC CBC  C  N N 121 
HEC ND   N  Y N 122 
HEC C1D  C  Y N 123 
HEC C2D  C  Y N 124 
HEC C3D  C  Y N 125 
HEC C4D  C  Y N 126 
HEC CMD  C  N N 127 
HEC CAD  C  N N 128 
HEC CBD  C  N N 129 
HEC CGD  C  N N 130 
HEC O1D  O  N N 131 
HEC O2D  O  N N 132 
HEC HHA  H  N N 133 
HEC HHB  H  N N 134 
HEC HHC  H  N N 135 
HEC HHD  H  N N 136 
HEC HMA1 H  N N 137 
HEC HMA2 H  N N 138 
HEC HMA3 H  N N 139 
HEC HAA1 H  N N 140 
HEC HAA2 H  N N 141 
HEC HBA1 H  N N 142 
HEC HBA2 H  N N 143 
HEC H2A  H  N N 144 
HEC HMB1 H  N N 145 
HEC HMB2 H  N N 146 
HEC HMB3 H  N N 147 
HEC HAB  H  N N 148 
HEC HBB1 H  N N 149 
HEC HBB2 H  N N 150 
HEC HBB3 H  N N 151 
HEC HMC1 H  N N 152 
HEC HMC2 H  N N 153 
HEC HMC3 H  N N 154 
HEC HAC  H  N N 155 
HEC HBC1 H  N N 156 
HEC HBC2 H  N N 157 
HEC HBC3 H  N N 158 
HEC HMD1 H  N N 159 
HEC HMD2 H  N N 160 
HEC HMD3 H  N N 161 
HEC HAD1 H  N N 162 
HEC HAD2 H  N N 163 
HEC HBD1 H  N N 164 
HEC HBD2 H  N N 165 
HEC H2D  H  N N 166 
HIS N    N  N N 167 
HIS CA   C  N S 168 
HIS C    C  N N 169 
HIS O    O  N N 170 
HIS CB   C  N N 171 
HIS CG   C  Y N 172 
HIS ND1  N  Y N 173 
HIS CD2  C  Y N 174 
HIS CE1  C  Y N 175 
HIS NE2  N  Y N 176 
HIS OXT  O  N N 177 
HIS H    H  N N 178 
HIS H2   H  N N 179 
HIS HA   H  N N 180 
HIS HB2  H  N N 181 
HIS HB3  H  N N 182 
HIS HD1  H  N N 183 
HIS HD2  H  N N 184 
HIS HE1  H  N N 185 
HIS HE2  H  N N 186 
HIS HXT  H  N N 187 
HOH O    O  N N 188 
HOH H1   H  N N 189 
HOH H2   H  N N 190 
ILE N    N  N N 191 
ILE CA   C  N S 192 
ILE C    C  N N 193 
ILE O    O  N N 194 
ILE CB   C  N S 195 
ILE CG1  C  N N 196 
ILE CG2  C  N N 197 
ILE CD1  C  N N 198 
ILE OXT  O  N N 199 
ILE H    H  N N 200 
ILE H2   H  N N 201 
ILE HA   H  N N 202 
ILE HB   H  N N 203 
ILE HG12 H  N N 204 
ILE HG13 H  N N 205 
ILE HG21 H  N N 206 
ILE HG22 H  N N 207 
ILE HG23 H  N N 208 
ILE HD11 H  N N 209 
ILE HD12 H  N N 210 
ILE HD13 H  N N 211 
ILE HXT  H  N N 212 
LEU N    N  N N 213 
LEU CA   C  N S 214 
LEU C    C  N N 215 
LEU O    O  N N 216 
LEU CB   C  N N 217 
LEU CG   C  N N 218 
LEU CD1  C  N N 219 
LEU CD2  C  N N 220 
LEU OXT  O  N N 221 
LEU H    H  N N 222 
LEU H2   H  N N 223 
LEU HA   H  N N 224 
LEU HB2  H  N N 225 
LEU HB3  H  N N 226 
LEU HG   H  N N 227 
LEU HD11 H  N N 228 
LEU HD12 H  N N 229 
LEU HD13 H  N N 230 
LEU HD21 H  N N 231 
LEU HD22 H  N N 232 
LEU HD23 H  N N 233 
LEU HXT  H  N N 234 
LYS N    N  N N 235 
LYS CA   C  N S 236 
LYS C    C  N N 237 
LYS O    O  N N 238 
LYS CB   C  N N 239 
LYS CG   C  N N 240 
LYS CD   C  N N 241 
LYS CE   C  N N 242 
LYS NZ   N  N N 243 
LYS OXT  O  N N 244 
LYS H    H  N N 245 
LYS H2   H  N N 246 
LYS HA   H  N N 247 
LYS HB2  H  N N 248 
LYS HB3  H  N N 249 
LYS HG2  H  N N 250 
LYS HG3  H  N N 251 
LYS HD2  H  N N 252 
LYS HD3  H  N N 253 
LYS HE2  H  N N 254 
LYS HE3  H  N N 255 
LYS HZ1  H  N N 256 
LYS HZ2  H  N N 257 
LYS HZ3  H  N N 258 
LYS HXT  H  N N 259 
PHE N    N  N N 260 
PHE CA   C  N S 261 
PHE C    C  N N 262 
PHE O    O  N N 263 
PHE CB   C  N N 264 
PHE CG   C  Y N 265 
PHE CD1  C  Y N 266 
PHE CD2  C  Y N 267 
PHE CE1  C  Y N 268 
PHE CE2  C  Y N 269 
PHE CZ   C  Y N 270 
PHE OXT  O  N N 271 
PHE H    H  N N 272 
PHE H2   H  N N 273 
PHE HA   H  N N 274 
PHE HB2  H  N N 275 
PHE HB3  H  N N 276 
PHE HD1  H  N N 277 
PHE HD2  H  N N 278 
PHE HE1  H  N N 279 
PHE HE2  H  N N 280 
PHE HZ   H  N N 281 
PHE HXT  H  N N 282 
PRO N    N  N N 283 
PRO CA   C  N S 284 
PRO C    C  N N 285 
PRO O    O  N N 286 
PRO CB   C  N N 287 
PRO CG   C  N N 288 
PRO CD   C  N N 289 
PRO OXT  O  N N 290 
PRO H    H  N N 291 
PRO HA   H  N N 292 
PRO HB2  H  N N 293 
PRO HB3  H  N N 294 
PRO HG2  H  N N 295 
PRO HG3  H  N N 296 
PRO HD2  H  N N 297 
PRO HD3  H  N N 298 
PRO HXT  H  N N 299 
SER N    N  N N 300 
SER CA   C  N S 301 
SER C    C  N N 302 
SER O    O  N N 303 
SER CB   C  N N 304 
SER OG   O  N N 305 
SER OXT  O  N N 306 
SER H    H  N N 307 
SER H2   H  N N 308 
SER HA   H  N N 309 
SER HB2  H  N N 310 
SER HB3  H  N N 311 
SER HG   H  N N 312 
SER HXT  H  N N 313 
THR N    N  N N 314 
THR CA   C  N S 315 
THR C    C  N N 316 
THR O    O  N N 317 
THR CB   C  N R 318 
THR OG1  O  N N 319 
THR CG2  C  N N 320 
THR OXT  O  N N 321 
THR H    H  N N 322 
THR H2   H  N N 323 
THR HA   H  N N 324 
THR HB   H  N N 325 
THR HG1  H  N N 326 
THR HG21 H  N N 327 
THR HG22 H  N N 328 
THR HG23 H  N N 329 
THR HXT  H  N N 330 
TYR N    N  N N 331 
TYR CA   C  N S 332 
TYR C    C  N N 333 
TYR O    O  N N 334 
TYR CB   C  N N 335 
TYR CG   C  Y N 336 
TYR CD1  C  Y N 337 
TYR CD2  C  Y N 338 
TYR CE1  C  Y N 339 
TYR CE2  C  Y N 340 
TYR CZ   C  Y N 341 
TYR OH   O  N N 342 
TYR OXT  O  N N 343 
TYR H    H  N N 344 
TYR H2   H  N N 345 
TYR HA   H  N N 346 
TYR HB2  H  N N 347 
TYR HB3  H  N N 348 
TYR HD1  H  N N 349 
TYR HD2  H  N N 350 
TYR HE1  H  N N 351 
TYR HE2  H  N N 352 
TYR HH   H  N N 353 
TYR HXT  H  N N 354 
VAL N    N  N N 355 
VAL CA   C  N S 356 
VAL C    C  N N 357 
VAL O    O  N N 358 
VAL CB   C  N N 359 
VAL CG1  C  N N 360 
VAL CG2  C  N N 361 
VAL OXT  O  N N 362 
VAL H    H  N N 363 
VAL H2   H  N N 364 
VAL HA   H  N N 365 
VAL HB   H  N N 366 
VAL HG11 H  N N 367 
VAL HG12 H  N N 368 
VAL HG13 H  N N 369 
VAL HG21 H  N N 370 
VAL HG22 H  N N 371 
VAL HG23 H  N N 372 
VAL HXT  H  N N 373 
# 
loop_
_chem_comp_bond.comp_id 
_chem_comp_bond.atom_id_1 
_chem_comp_bond.atom_id_2 
_chem_comp_bond.value_order 
_chem_comp_bond.pdbx_aromatic_flag 
_chem_comp_bond.pdbx_stereo_config 
_chem_comp_bond.pdbx_ordinal 
ALA N   CA   sing N N 1   
ALA N   H    sing N N 2   
ALA N   H2   sing N N 3   
ALA CA  C    sing N N 4   
ALA CA  CB   sing N N 5   
ALA CA  HA   sing N N 6   
ALA C   O    doub N N 7   
ALA C   OXT  sing N N 8   
ALA CB  HB1  sing N N 9   
ALA CB  HB2  sing N N 10  
ALA CB  HB3  sing N N 11  
ALA OXT HXT  sing N N 12  
ASN N   CA   sing N N 13  
ASN N   H    sing N N 14  
ASN N   H2   sing N N 15  
ASN CA  C    sing N N 16  
ASN CA  CB   sing N N 17  
ASN CA  HA   sing N N 18  
ASN C   O    doub N N 19  
ASN C   OXT  sing N N 20  
ASN CB  CG   sing N N 21  
ASN CB  HB2  sing N N 22  
ASN CB  HB3  sing N N 23  
ASN CG  OD1  doub N N 24  
ASN CG  ND2  sing N N 25  
ASN ND2 HD21 sing N N 26  
ASN ND2 HD22 sing N N 27  
ASN OXT HXT  sing N N 28  
ASP N   CA   sing N N 29  
ASP N   H    sing N N 30  
ASP N   H2   sing N N 31  
ASP CA  C    sing N N 32  
ASP CA  CB   sing N N 33  
ASP CA  HA   sing N N 34  
ASP C   O    doub N N 35  
ASP C   OXT  sing N N 36  
ASP CB  CG   sing N N 37  
ASP CB  HB2  sing N N 38  
ASP CB  HB3  sing N N 39  
ASP CG  OD1  doub N N 40  
ASP CG  OD2  sing N N 41  
ASP OD2 HD2  sing N N 42  
ASP OXT HXT  sing N N 43  
CYS N   CA   sing N N 44  
CYS N   H    sing N N 45  
CYS N   H2   sing N N 46  
CYS CA  C    sing N N 47  
CYS CA  CB   sing N N 48  
CYS CA  HA   sing N N 49  
CYS C   O    doub N N 50  
CYS C   OXT  sing N N 51  
CYS CB  SG   sing N N 52  
CYS CB  HB2  sing N N 53  
CYS CB  HB3  sing N N 54  
CYS SG  HG   sing N N 55  
CYS OXT HXT  sing N N 56  
GLU N   CA   sing N N 57  
GLU N   H    sing N N 58  
GLU N   H2   sing N N 59  
GLU CA  C    sing N N 60  
GLU CA  CB   sing N N 61  
GLU CA  HA   sing N N 62  
GLU C   O    doub N N 63  
GLU C   OXT  sing N N 64  
GLU CB  CG   sing N N 65  
GLU CB  HB2  sing N N 66  
GLU CB  HB3  sing N N 67  
GLU CG  CD   sing N N 68  
GLU CG  HG2  sing N N 69  
GLU CG  HG3  sing N N 70  
GLU CD  OE1  doub N N 71  
GLU CD  OE2  sing N N 72  
GLU OE2 HE2  sing N N 73  
GLU OXT HXT  sing N N 74  
GLY N   CA   sing N N 75  
GLY N   H    sing N N 76  
GLY N   H2   sing N N 77  
GLY CA  C    sing N N 78  
GLY CA  HA2  sing N N 79  
GLY CA  HA3  sing N N 80  
GLY C   O    doub N N 81  
GLY C   OXT  sing N N 82  
GLY OXT HXT  sing N N 83  
HEC FE  NA   sing N N 84  
HEC FE  NB   sing N N 85  
HEC FE  NC   sing N N 86  
HEC FE  ND   sing N N 87  
HEC CHA C1A  doub N N 88  
HEC CHA C4D  sing N N 89  
HEC CHA HHA  sing N N 90  
HEC CHB C4A  doub N N 91  
HEC CHB C1B  sing N N 92  
HEC CHB HHB  sing N N 93  
HEC CHC C4B  doub N N 94  
HEC CHC C1C  sing N N 95  
HEC CHC HHC  sing N N 96  
HEC CHD C4C  doub N N 97  
HEC CHD C1D  sing N N 98  
HEC CHD HHD  sing N N 99  
HEC NA  C1A  sing Y N 100 
HEC NA  C4A  sing Y N 101 
HEC C1A C2A  sing Y N 102 
HEC C2A C3A  doub Y N 103 
HEC C2A CAA  sing N N 104 
HEC C3A C4A  sing Y N 105 
HEC C3A CMA  sing N N 106 
HEC CMA HMA1 sing N N 107 
HEC CMA HMA2 sing N N 108 
HEC CMA HMA3 sing N N 109 
HEC CAA CBA  sing N N 110 
HEC CAA HAA1 sing N N 111 
HEC CAA HAA2 sing N N 112 
HEC CBA CGA  sing N N 113 
HEC CBA HBA1 sing N N 114 
HEC CBA HBA2 sing N N 115 
HEC CGA O1A  doub N N 116 
HEC CGA O2A  sing N N 117 
HEC O2A H2A  sing N N 118 
HEC NB  C1B  sing Y N 119 
HEC NB  C4B  sing Y N 120 
HEC C1B C2B  doub Y N 121 
HEC C2B C3B  sing Y N 122 
HEC C2B CMB  sing N N 123 
HEC C3B C4B  sing Y N 124 
HEC C3B CAB  doub N E 125 
HEC CMB HMB1 sing N N 126 
HEC CMB HMB2 sing N N 127 
HEC CMB HMB3 sing N N 128 
HEC CAB CBB  sing N N 129 
HEC CAB HAB  sing N N 130 
HEC CBB HBB1 sing N N 131 
HEC CBB HBB2 sing N N 132 
HEC CBB HBB3 sing N N 133 
HEC NC  C1C  sing Y N 134 
HEC NC  C4C  sing Y N 135 
HEC C1C C2C  doub Y N 136 
HEC C2C C3C  sing Y N 137 
HEC C2C CMC  sing N N 138 
HEC C3C C4C  sing Y N 139 
HEC C3C CAC  doub N E 140 
HEC CMC HMC1 sing N N 141 
HEC CMC HMC2 sing N N 142 
HEC CMC HMC3 sing N N 143 
HEC CAC CBC  sing N N 144 
HEC CAC HAC  sing N N 145 
HEC CBC HBC1 sing N N 146 
HEC CBC HBC2 sing N N 147 
HEC CBC HBC3 sing N N 148 
HEC ND  C1D  sing Y N 149 
HEC ND  C4D  sing Y N 150 
HEC C1D C2D  doub Y N 151 
HEC C2D C3D  sing Y N 152 
HEC C2D CMD  sing N N 153 
HEC C3D C4D  doub Y N 154 
HEC C3D CAD  sing N N 155 
HEC CMD HMD1 sing N N 156 
HEC CMD HMD2 sing N N 157 
HEC CMD HMD3 sing N N 158 
HEC CAD CBD  sing N N 159 
HEC CAD HAD1 sing N N 160 
HEC CAD HAD2 sing N N 161 
HEC CBD CGD  sing N N 162 
HEC CBD HBD1 sing N N 163 
HEC CBD HBD2 sing N N 164 
HEC CGD O1D  doub N N 165 
HEC CGD O2D  sing N N 166 
HEC O2D H2D  sing N N 167 
HIS N   CA   sing N N 168 
HIS N   H    sing N N 169 
HIS N   H2   sing N N 170 
HIS CA  C    sing N N 171 
HIS CA  CB   sing N N 172 
HIS CA  HA   sing N N 173 
HIS C   O    doub N N 174 
HIS C   OXT  sing N N 175 
HIS CB  CG   sing N N 176 
HIS CB  HB2  sing N N 177 
HIS CB  HB3  sing N N 178 
HIS CG  ND1  sing Y N 179 
HIS CG  CD2  doub Y N 180 
HIS ND1 CE1  doub Y N 181 
HIS ND1 HD1  sing N N 182 
HIS CD2 NE2  sing Y N 183 
HIS CD2 HD2  sing N N 184 
HIS CE1 NE2  sing Y N 185 
HIS CE1 HE1  sing N N 186 
HIS NE2 HE2  sing N N 187 
HIS OXT HXT  sing N N 188 
HOH O   H1   sing N N 189 
HOH O   H2   sing N N 190 
ILE N   CA   sing N N 191 
ILE N   H    sing N N 192 
ILE N   H2   sing N N 193 
ILE CA  C    sing N N 194 
ILE CA  CB   sing N N 195 
ILE CA  HA   sing N N 196 
ILE C   O    doub N N 197 
ILE C   OXT  sing N N 198 
ILE CB  CG1  sing N N 199 
ILE CB  CG2  sing N N 200 
ILE CB  HB   sing N N 201 
ILE CG1 CD1  sing N N 202 
ILE CG1 HG12 sing N N 203 
ILE CG1 HG13 sing N N 204 
ILE CG2 HG21 sing N N 205 
ILE CG2 HG22 sing N N 206 
ILE CG2 HG23 sing N N 207 
ILE CD1 HD11 sing N N 208 
ILE CD1 HD12 sing N N 209 
ILE CD1 HD13 sing N N 210 
ILE OXT HXT  sing N N 211 
LEU N   CA   sing N N 212 
LEU N   H    sing N N 213 
LEU N   H2   sing N N 214 
LEU CA  C    sing N N 215 
LEU CA  CB   sing N N 216 
LEU CA  HA   sing N N 217 
LEU C   O    doub N N 218 
LEU C   OXT  sing N N 219 
LEU CB  CG   sing N N 220 
LEU CB  HB2  sing N N 221 
LEU CB  HB3  sing N N 222 
LEU CG  CD1  sing N N 223 
LEU CG  CD2  sing N N 224 
LEU CG  HG   sing N N 225 
LEU CD1 HD11 sing N N 226 
LEU CD1 HD12 sing N N 227 
LEU CD1 HD13 sing N N 228 
LEU CD2 HD21 sing N N 229 
LEU CD2 HD22 sing N N 230 
LEU CD2 HD23 sing N N 231 
LEU OXT HXT  sing N N 232 
LYS N   CA   sing N N 233 
LYS N   H    sing N N 234 
LYS N   H2   sing N N 235 
LYS CA  C    sing N N 236 
LYS CA  CB   sing N N 237 
LYS CA  HA   sing N N 238 
LYS C   O    doub N N 239 
LYS C   OXT  sing N N 240 
LYS CB  CG   sing N N 241 
LYS CB  HB2  sing N N 242 
LYS CB  HB3  sing N N 243 
LYS CG  CD   sing N N 244 
LYS CG  HG2  sing N N 245 
LYS CG  HG3  sing N N 246 
LYS CD  CE   sing N N 247 
LYS CD  HD2  sing N N 248 
LYS CD  HD3  sing N N 249 
LYS CE  NZ   sing N N 250 
LYS CE  HE2  sing N N 251 
LYS CE  HE3  sing N N 252 
LYS NZ  HZ1  sing N N 253 
LYS NZ  HZ2  sing N N 254 
LYS NZ  HZ3  sing N N 255 
LYS OXT HXT  sing N N 256 
PHE N   CA   sing N N 257 
PHE N   H    sing N N 258 
PHE N   H2   sing N N 259 
PHE CA  C    sing N N 260 
PHE CA  CB   sing N N 261 
PHE CA  HA   sing N N 262 
PHE C   O    doub N N 263 
PHE C   OXT  sing N N 264 
PHE CB  CG   sing N N 265 
PHE CB  HB2  sing N N 266 
PHE CB  HB3  sing N N 267 
PHE CG  CD1  doub Y N 268 
PHE CG  CD2  sing Y N 269 
PHE CD1 CE1  sing Y N 270 
PHE CD1 HD1  sing N N 271 
PHE CD2 CE2  doub Y N 272 
PHE CD2 HD2  sing N N 273 
PHE CE1 CZ   doub Y N 274 
PHE CE1 HE1  sing N N 275 
PHE CE2 CZ   sing Y N 276 
PHE CE2 HE2  sing N N 277 
PHE CZ  HZ   sing N N 278 
PHE OXT HXT  sing N N 279 
PRO N   CA   sing N N 280 
PRO N   CD   sing N N 281 
PRO N   H    sing N N 282 
PRO CA  C    sing N N 283 
PRO CA  CB   sing N N 284 
PRO CA  HA   sing N N 285 
PRO C   O    doub N N 286 
PRO C   OXT  sing N N 287 
PRO CB  CG   sing N N 288 
PRO CB  HB2  sing N N 289 
PRO CB  HB3  sing N N 290 
PRO CG  CD   sing N N 291 
PRO CG  HG2  sing N N 292 
PRO CG  HG3  sing N N 293 
PRO CD  HD2  sing N N 294 
PRO CD  HD3  sing N N 295 
PRO OXT HXT  sing N N 296 
SER N   CA   sing N N 297 
SER N   H    sing N N 298 
SER N   H2   sing N N 299 
SER CA  C    sing N N 300 
SER CA  CB   sing N N 301 
SER CA  HA   sing N N 302 
SER C   O    doub N N 303 
SER C   OXT  sing N N 304 
SER CB  OG   sing N N 305 
SER CB  HB2  sing N N 306 
SER CB  HB3  sing N N 307 
SER OG  HG   sing N N 308 
SER OXT HXT  sing N N 309 
THR N   CA   sing N N 310 
THR N   H    sing N N 311 
THR N   H2   sing N N 312 
THR CA  C    sing N N 313 
THR CA  CB   sing N N 314 
THR CA  HA   sing N N 315 
THR C   O    doub N N 316 
THR C   OXT  sing N N 317 
THR CB  OG1  sing N N 318 
THR CB  CG2  sing N N 319 
THR CB  HB   sing N N 320 
THR OG1 HG1  sing N N 321 
THR CG2 HG21 sing N N 322 
THR CG2 HG22 sing N N 323 
THR CG2 HG23 sing N N 324 
THR OXT HXT  sing N N 325 
TYR N   CA   sing N N 326 
TYR N   H    sing N N 327 
TYR N   H2   sing N N 328 
TYR CA  C    sing N N 329 
TYR CA  CB   sing N N 330 
TYR CA  HA   sing N N 331 
TYR C   O    doub N N 332 
TYR C   OXT  sing N N 333 
TYR CB  CG   sing N N 334 
TYR CB  HB2  sing N N 335 
TYR CB  HB3  sing N N 336 
TYR CG  CD1  doub Y N 337 
TYR CG  CD2  sing Y N 338 
TYR CD1 CE1  sing Y N 339 
TYR CD1 HD1  sing N N 340 
TYR CD2 CE2  doub Y N 341 
TYR CD2 HD2  sing N N 342 
TYR CE1 CZ   doub Y N 343 
TYR CE1 HE1  sing N N 344 
TYR CE2 CZ   sing Y N 345 
TYR CE2 HE2  sing N N 346 
TYR CZ  OH   sing N N 347 
TYR OH  HH   sing N N 348 
TYR OXT HXT  sing N N 349 
VAL N   CA   sing N N 350 
VAL N   H    sing N N 351 
VAL N   H2   sing N N 352 
VAL CA  C    sing N N 353 
VAL CA  CB   sing N N 354 
VAL CA  HA   sing N N 355 
VAL C   O    doub N N 356 
VAL C   OXT  sing N N 357 
VAL CB  CG1  sing N N 358 
VAL CB  CG2  sing N N 359 
VAL CB  HB   sing N N 360 
VAL CG1 HG11 sing N N 361 
VAL CG1 HG12 sing N N 362 
VAL CG1 HG13 sing N N 363 
VAL CG2 HG21 sing N N 364 
VAL CG2 HG22 sing N N 365 
VAL CG2 HG23 sing N N 366 
VAL OXT HXT  sing N N 367 
# 
_pdbx_initial_refinement_model.id               1 
_pdbx_initial_refinement_model.entity_id_list   ? 
_pdbx_initial_refinement_model.type             'experimental model' 
_pdbx_initial_refinement_model.source_name      PDB 
_pdbx_initial_refinement_model.accession_code   1NEW 
_pdbx_initial_refinement_model.details          'PDB ENTRY 1NEW' 
# 
_atom_sites.entry_id                    1HH5 
_atom_sites.fract_transf_matrix[1][1]   -0.00851996 
_atom_sites.fract_transf_matrix[1][2]   -0.02381374 
_atom_sites.fract_transf_matrix[1][3]   0.00912877 
_atom_sites.fract_transf_matrix[2][1]   -0.02060789 
_atom_sites.fract_transf_matrix[2][2]   0.00891965 
_atom_sites.fract_transf_matrix[2][3]   0.00403469 
_atom_sites.fract_transf_matrix[3][1]   -0.00645852 
_atom_sites.fract_transf_matrix[3][2]   -0.00559412 
_atom_sites.fract_transf_matrix[3][3]   -0.02062087 
_atom_sites.fract_transf_vector[1]      0.053922 
_atom_sites.fract_transf_vector[2]      0.486233 
_atom_sites.fract_transf_vector[3]      0.426303 
# 
loop_
_atom_type.symbol 
C  
FE 
N  
O  
S  
# 
loop_
_atom_site.group_PDB 
_atom_site.id 
_atom_site.type_symbol 
_atom_site.label_atom_id 
_atom_site.label_alt_id 
_atom_site.label_comp_id 
_atom_site.label_asym_id 
_atom_site.label_entity_id 
_atom_site.label_seq_id 
_atom_site.pdbx_PDB_ins_code 
_atom_site.Cartn_x 
_atom_site.Cartn_y 
_atom_site.Cartn_z 
_atom_site.occupancy 
_atom_site.B_iso_or_equiv 
_atom_site.pdbx_formal_charge 
_atom_site.auth_seq_id 
_atom_site.auth_comp_id 
_atom_site.auth_asym_id 
_atom_site.auth_atom_id 
_atom_site.pdbx_PDB_model_num 
ATOM   1   N  N   . ALA A 1 1  ? 4.570   12.156  -0.358  1.00 31.62 ? 1    ALA A N   1 
ATOM   2   C  CA  . ALA A 1 1  ? 3.398   12.713  -1.089  1.00 31.05 ? 1    ALA A CA  1 
ATOM   3   C  C   . ALA A 1 1  ? 2.115   12.101  -0.554  1.00 30.73 ? 1    ALA A C   1 
ATOM   4   O  O   . ALA A 1 1  ? 2.148   11.164  0.246   1.00 31.30 ? 1    ALA A O   1 
ATOM   5   C  CB  . ALA A 1 1  ? 3.521   12.433  -2.581  1.00 31.72 ? 1    ALA A CB  1 
ATOM   6   N  N   . ASP A 1 2  ? 0.986   12.632  -1.005  1.00 29.64 ? 2    ASP A N   1 
ATOM   7   C  CA  . ASP A 1 2  ? -0.312  12.147  -0.569  1.00 28.59 ? 2    ASP A CA  1 
ATOM   8   C  C   . ASP A 1 2  ? -0.768  10.944  -1.382  1.00 27.49 ? 2    ASP A C   1 
ATOM   9   O  O   . ASP A 1 2  ? -1.490  10.086  -0.882  1.00 26.43 ? 2    ASP A O   1 
ATOM   10  C  CB  . ASP A 1 2  ? -1.343  13.271  -0.663  1.00 29.70 ? 2    ASP A CB  1 
ATOM   11  C  CG  . ASP A 1 2  ? -0.988  14.455  0.214   1.00 30.64 ? 2    ASP A CG  1 
ATOM   12  O  OD1 . ASP A 1 2  ? -0.600  14.230  1.379   1.00 31.18 ? 2    ASP A OD1 1 
ATOM   13  O  OD2 . ASP A 1 2  ? -1.105  15.607  -0.253  1.00 31.18 ? 2    ASP A OD2 1 
ATOM   14  N  N   . VAL A 1 3  ? -0.344  10.888  -2.638  1.00 26.22 ? 3    VAL A N   1 
ATOM   15  C  CA  . VAL A 1 3  ? -0.699  9.775   -3.509  1.00 25.14 ? 3    VAL A CA  1 
ATOM   16  C  C   . VAL A 1 3  ? 0.553   9.284   -4.220  1.00 24.10 ? 3    VAL A C   1 
ATOM   17  O  O   . VAL A 1 3  ? 1.337   10.082  -4.730  1.00 23.14 ? 3    VAL A O   1 
ATOM   18  C  CB  . VAL A 1 3  ? -1.730  10.191  -4.573  1.00 25.76 ? 3    VAL A CB  1 
ATOM   19  C  CG1 . VAL A 1 3  ? -2.151  8.971   -5.383  1.00 26.06 ? 3    VAL A CG1 1 
ATOM   20  C  CG2 . VAL A 1 3  ? -2.933  10.835  -3.910  1.00 25.90 ? 3    VAL A CG2 1 
ATOM   21  N  N   . VAL A 1 4  ? 0.734   7.967   -4.245  1.00 22.63 ? 4    VAL A N   1 
ATOM   22  C  CA  . VAL A 1 4  ? 1.890   7.364   -4.892  1.00 21.77 ? 4    VAL A CA  1 
ATOM   23  C  C   . VAL A 1 4  ? 1.429   6.302   -5.874  1.00 21.70 ? 4    VAL A C   1 
ATOM   24  O  O   . VAL A 1 4  ? 0.579   5.478   -5.547  1.00 21.92 ? 4    VAL A O   1 
ATOM   25  C  CB  . VAL A 1 4  ? 2.821   6.684   -3.867  1.00 21.84 ? 4    VAL A CB  1 
ATOM   26  C  CG1 . VAL A 1 4  ? 4.006   6.058   -4.580  1.00 21.77 ? 4    VAL A CG1 1 
ATOM   27  C  CG2 . VAL A 1 4  ? 3.290   7.699   -2.836  1.00 22.76 ? 4    VAL A CG2 1 
ATOM   28  N  N   A THR A 1 5  ? 1.998   6.325   -7.072  0.50 20.98 ? 5    THR A N   1 
ATOM   29  N  N   B THR A 1 5  ? 1.981   6.324   -7.082  0.50 21.41 ? 5    THR A N   1 
ATOM   30  C  CA  A THR A 1 5  ? 1.645   5.353   -8.095  0.50 20.61 ? 5    THR A CA  1 
ATOM   31  C  CA  B THR A 1 5  ? 1.618   5.327   -8.081  0.50 21.40 ? 5    THR A CA  1 
ATOM   32  C  C   A THR A 1 5  ? 2.841   4.481   -8.438  0.50 20.62 ? 5    THR A C   1 
ATOM   33  C  C   B THR A 1 5  ? 2.825   4.482   -8.440  0.50 21.24 ? 5    THR A C   1 
ATOM   34  O  O   A THR A 1 5  ? 3.933   4.983   -8.696  0.50 20.72 ? 5    THR A O   1 
ATOM   35  O  O   B THR A 1 5  ? 3.906   5.001   -8.711  0.50 21.63 ? 5    THR A O   1 
ATOM   36  C  CB  A THR A 1 5  ? 1.147   6.045   -9.381  0.50 20.33 ? 5    THR A CB  1 
ATOM   37  C  CB  B THR A 1 5  ? 1.063   5.964   -9.372  0.50 21.44 ? 5    THR A CB  1 
ATOM   38  O  OG1 A THR A 1 5  ? -0.090  6.714   -9.112  0.50 19.40 ? 5    THR A OG1 1 
ATOM   39  O  OG1 B THR A 1 5  ? 1.956   6.985   -9.830  0.50 21.95 ? 5    THR A OG1 1 
ATOM   40  C  CG2 A THR A 1 5  ? 0.934   5.025   -10.490 0.50 19.83 ? 5    THR A CG2 1 
ATOM   41  C  CG2 B THR A 1 5  ? -0.317  6.546   -9.126  0.50 20.79 ? 5    THR A CG2 1 
ATOM   42  N  N   . TYR A 1 6  ? 2.630   3.171   -8.428  1.00 21.03 ? 6    TYR A N   1 
ATOM   43  C  CA  . TYR A 1 6  ? 3.688   2.242   -8.749  1.00 21.45 ? 6    TYR A CA  1 
ATOM   44  C  C   . TYR A 1 6  ? 3.394   1.664   -10.125 1.00 23.38 ? 6    TYR A C   1 
ATOM   45  O  O   . TYR A 1 6  ? 2.609   0.722   -10.261 1.00 23.31 ? 6    TYR A O   1 
ATOM   46  C  CB  . TYR A 1 6  ? 3.750   1.130   -7.700  1.00 19.73 ? 6    TYR A CB  1 
ATOM   47  C  CG  . TYR A 1 6  ? 3.930   1.632   -6.285  1.00 18.35 ? 6    TYR A CG  1 
ATOM   48  C  CD1 . TYR A 1 6  ? 5.192   1.968   -5.803  1.00 17.04 ? 6    TYR A CD1 1 
ATOM   49  C  CD2 . TYR A 1 6  ? 2.837   1.775   -5.425  1.00 17.06 ? 6    TYR A CD2 1 
ATOM   50  C  CE1 . TYR A 1 6  ? 5.370   2.433   -4.499  1.00 17.16 ? 6    TYR A CE1 1 
ATOM   51  C  CE2 . TYR A 1 6  ? 3.004   2.237   -4.118  1.00 16.04 ? 6    TYR A CE2 1 
ATOM   52  C  CZ  . TYR A 1 6  ? 4.275   2.563   -3.663  1.00 16.15 ? 6    TYR A CZ  1 
ATOM   53  O  OH  . TYR A 1 6  ? 4.460   3.002   -2.367  1.00 16.07 ? 6    TYR A OH  1 
ATOM   54  N  N   . GLU A 1 7  ? 4.012   2.257   -11.144 1.00 24.22 ? 7    GLU A N   1 
ATOM   55  C  CA  . GLU A 1 7  ? 3.842   1.818   -12.522 1.00 25.59 ? 7    GLU A CA  1 
ATOM   56  C  C   . GLU A 1 7  ? 4.536   0.471   -12.670 1.00 25.46 ? 7    GLU A C   1 
ATOM   57  O  O   . GLU A 1 7  ? 5.677   0.309   -12.241 1.00 25.38 ? 7    GLU A O   1 
ATOM   58  C  CB  . GLU A 1 7  ? 4.459   2.849   -13.480 1.00 27.64 ? 7    GLU A CB  1 
ATOM   59  C  CG  . GLU A 1 7  ? 4.770   2.332   -14.895 1.00 31.42 ? 7    GLU A CG  1 
ATOM   60  C  CD  . GLU A 1 7  ? 3.564   2.301   -15.830 1.00 33.22 ? 7    GLU A CD  1 
ATOM   61  O  OE1 . GLU A 1 7  ? 3.040   3.384   -16.174 1.00 35.00 ? 7    GLU A OE1 1 
ATOM   62  O  OE2 . GLU A 1 7  ? 3.146   1.193   -16.228 1.00 34.68 ? 7    GLU A OE2 1 
ATOM   63  N  N   . ASN A 1 8  ? 3.840   -0.496  -13.258 1.00 24.95 ? 8    ASN A N   1 
ATOM   64  C  CA  . ASN A 1 8  ? 4.406   -1.825  -13.452 1.00 25.40 ? 8    ASN A CA  1 
ATOM   65  C  C   . ASN A 1 8  ? 3.659   -2.586  -14.545 1.00 26.05 ? 8    ASN A C   1 
ATOM   66  O  O   . ASN A 1 8  ? 2.593   -2.162  -14.989 1.00 26.79 ? 8    ASN A O   1 
ATOM   67  C  CB  . ASN A 1 8  ? 4.375   -2.609  -12.130 1.00 24.93 ? 8    ASN A CB  1 
ATOM   68  C  CG  . ASN A 1 8  ? 2.969   -2.942  -11.680 1.00 23.63 ? 8    ASN A CG  1 
ATOM   69  O  OD1 . ASN A 1 8  ? 2.397   -3.948  -12.096 1.00 24.47 ? 8    ASN A OD1 1 
ATOM   70  N  ND2 . ASN A 1 8  ? 2.400   -2.091  -10.835 1.00 23.01 ? 8    ASN A ND2 1 
ATOM   71  N  N   . LYS A 1 9  ? 4.225   -3.711  -14.969 1.00 27.06 ? 9    LYS A N   1 
ATOM   72  C  CA  . LYS A 1 9  ? 3.643   -4.529  -16.031 1.00 28.04 ? 9    LYS A CA  1 
ATOM   73  C  C   . LYS A 1 9  ? 2.257   -5.100  -15.747 1.00 27.74 ? 9    LYS A C   1 
ATOM   74  O  O   . LYS A 1 9  ? 1.370   -5.055  -16.601 1.00 28.17 ? 9    LYS A O   1 
ATOM   75  C  CB  . LYS A 1 9  ? 4.597   -5.679  -16.375 1.00 29.40 ? 9    LYS A CB  1 
ATOM   76  C  CG  . LYS A 1 9  ? 5.895   -5.237  -17.032 1.00 31.28 ? 9    LYS A CG  1 
ATOM   77  C  CD  . LYS A 1 9  ? 5.633   -4.583  -18.382 1.00 32.77 ? 9    LYS A CD  1 
ATOM   78  C  CE  . LYS A 1 9  ? 6.933   -4.229  -19.089 1.00 34.15 ? 9    LYS A CE  1 
ATOM   79  N  NZ  . LYS A 1 9  ? 6.694   -3.653  -20.444 1.00 34.22 ? 9    LYS A NZ  1 
ATOM   80  N  N   . LYS A 1 10 ? 2.074   -5.640  -14.549 1.00 27.49 ? 10   LYS A N   1 
ATOM   81  C  CA  . LYS A 1 10 ? 0.806   -6.247  -14.157 1.00 26.51 ? 10   LYS A CA  1 
ATOM   82  C  C   . LYS A 1 10 ? -0.343  -5.247  -14.080 1.00 25.24 ? 10   LYS A C   1 
ATOM   83  O  O   . LYS A 1 10 ? -1.512  -5.632  -14.101 1.00 25.67 ? 10   LYS A O   1 
ATOM   84  C  CB  . LYS A 1 10 ? 0.982   -6.955  -12.811 1.00 28.09 ? 10   LYS A CB  1 
ATOM   85  C  CG  . LYS A 1 10 ? -0.290  -7.547  -12.223 1.00 30.53 ? 10   LYS A CG  1 
ATOM   86  C  CD  . LYS A 1 10 ? -0.882  -8.641  -13.097 1.00 31.99 ? 10   LYS A CD  1 
ATOM   87  C  CE  . LYS A 1 10 ? -2.163  -9.183  -12.472 1.00 32.81 ? 10   LYS A CE  1 
ATOM   88  N  NZ  . LYS A 1 10 ? -2.750  -10.307 -13.253 1.00 34.16 ? 10   LYS A NZ  1 
ATOM   89  N  N   . GLY A 1 11 ? -0.004  -3.964  -14.013 1.00 23.36 ? 11   GLY A N   1 
ATOM   90  C  CA  . GLY A 1 11 ? -1.017  -2.926  -13.918 1.00 21.00 ? 11   GLY A CA  1 
ATOM   91  C  C   . GLY A 1 11 ? -0.677  -1.983  -12.776 1.00 19.17 ? 11   GLY A C   1 
ATOM   92  O  O   . GLY A 1 11 ? -0.468  -2.428  -11.651 1.00 18.21 ? 11   GLY A O   1 
ATOM   93  N  N   . ASN A 1 12 ? -0.626  -0.686  -13.068 1.00 18.44 ? 12   ASN A N   1 
ATOM   94  C  CA  . ASN A 1 12 ? -0.286  0.329   -12.072 1.00 17.91 ? 12   ASN A CA  1 
ATOM   95  C  C   . ASN A 1 12 ? -1.072  0.249   -10.761 1.00 16.72 ? 12   ASN A C   1 
ATOM   96  O  O   . ASN A 1 12 ? -2.285  0.034   -10.757 1.00 16.72 ? 12   ASN A O   1 
ATOM   97  C  CB  . ASN A 1 12 ? -0.464  1.725   -12.674 1.00 19.13 ? 12   ASN A CB  1 
ATOM   98  C  CG  . ASN A 1 12 ? 0.556   2.029   -13.757 1.00 20.51 ? 12   ASN A CG  1 
ATOM   99  O  OD1 . ASN A 1 12 ? 1.277   1.144   -14.217 1.00 20.95 ? 12   ASN A OD1 1 
ATOM   100 N  ND2 . ASN A 1 12 ? 0.614   3.288   -14.174 1.00 21.44 ? 12   ASN A ND2 1 
ATOM   101 N  N   . VAL A 1 13 ? -0.364  0.428   -9.651  1.00 15.23 ? 13   VAL A N   1 
ATOM   102 C  CA  . VAL A 1 13 ? -0.973  0.410   -8.330  1.00 14.88 ? 13   VAL A CA  1 
ATOM   103 C  C   . VAL A 1 13 ? -0.977  1.831   -7.767  1.00 15.45 ? 13   VAL A C   1 
ATOM   104 O  O   . VAL A 1 13 ? 0.063   2.491   -7.718  1.00 15.95 ? 13   VAL A O   1 
ATOM   105 C  CB  . VAL A 1 13 ? -0.187  -0.499  -7.348  1.00 14.48 ? 13   VAL A CB  1 
ATOM   106 C  CG1 . VAL A 1 13 ? -0.906  -0.567  -6.013  1.00 13.36 ? 13   VAL A CG1 1 
ATOM   107 C  CG2 . VAL A 1 13 ? -0.025  -1.885  -7.937  1.00 13.74 ? 13   VAL A CG2 1 
ATOM   108 N  N   A THR A 1 14 ? -2.148  2.300   -7.352  0.50 15.39 ? 14   THR A N   1 
ATOM   109 N  N   B THR A 1 14 ? -2.148  2.301   -7.353  0.50 15.37 ? 14   THR A N   1 
ATOM   110 C  CA  A THR A 1 14 ? -2.270  3.637   -6.786  0.50 15.95 ? 14   THR A CA  1 
ATOM   111 C  CA  B THR A 1 14 ? -2.267  3.637   -6.785  0.50 15.88 ? 14   THR A CA  1 
ATOM   112 C  C   A THR A 1 14 ? -2.354  3.551   -5.266  0.50 15.04 ? 14   THR A C   1 
ATOM   113 C  C   B THR A 1 14 ? -2.353  3.552   -5.267  0.50 15.07 ? 14   THR A C   1 
ATOM   114 O  O   A THR A 1 14 ? -3.308  3.000   -4.721  0.50 14.23 ? 14   THR A O   1 
ATOM   115 O  O   B THR A 1 14 ? -3.309  3.001   -4.722  0.50 14.41 ? 14   THR A O   1 
ATOM   116 C  CB  A THR A 1 14 ? -3.528  4.359   -7.311  0.50 16.61 ? 14   THR A CB  1 
ATOM   117 C  CB  B THR A 1 14 ? -3.520  4.364   -7.314  0.50 16.39 ? 14   THR A CB  1 
ATOM   118 O  OG1 A THR A 1 14 ? -3.424  4.529   -8.728  0.50 19.09 ? 14   THR A OG1 1 
ATOM   119 O  OG1 B THR A 1 14 ? -3.387  4.576   -8.724  0.50 18.55 ? 14   THR A OG1 1 
ATOM   120 C  CG2 A THR A 1 14 ? -3.674  5.720   -6.655  0.50 17.68 ? 14   THR A CG2 1 
ATOM   121 C  CG2 B THR A 1 14 ? -3.693  5.703   -6.620  0.50 17.35 ? 14   THR A CG2 1 
ATOM   122 N  N   . PHE A 1 15 ? -1.345  4.094   -4.592  1.00 14.23 ? 15   PHE A N   1 
ATOM   123 C  CA  . PHE A 1 15 ? -1.306  4.083   -3.134  1.00 14.14 ? 15   PHE A CA  1 
ATOM   124 C  C   . PHE A 1 15 ? -1.655  5.459   -2.594  1.00 13.95 ? 15   PHE A C   1 
ATOM   125 O  O   . PHE A 1 15 ? -0.840  6.385   -2.646  1.00 14.51 ? 15   PHE A O   1 
ATOM   126 C  CB  . PHE A 1 15 ? 0.085   3.682   -2.635  1.00 12.81 ? 15   PHE A CB  1 
ATOM   127 C  CG  . PHE A 1 15 ? 0.239   3.745   -1.139  1.00 12.14 ? 15   PHE A CG  1 
ATOM   128 C  CD1 . PHE A 1 15 ? -0.731  3.214   -0.297  1.00 11.78 ? 15   PHE A CD1 1 
ATOM   129 C  CD2 . PHE A 1 15 ? 1.378   4.306   -0.575  1.00 10.60 ? 15   PHE A CD2 1 
ATOM   130 C  CE1 . PHE A 1 15 ? -0.567  3.236   1.086   1.00 10.77 ? 15   PHE A CE1 1 
ATOM   131 C  CE2 . PHE A 1 15 ? 1.553   4.333   0.801   1.00 10.95 ? 15   PHE A CE2 1 
ATOM   132 C  CZ  . PHE A 1 15 ? 0.576   3.798   1.635   1.00 11.91 ? 15   PHE A CZ  1 
ATOM   133 N  N   . ASP A 1 16 ? -2.873  5.590   -2.078  1.00 13.67 ? 16   ASP A N   1 
ATOM   134 C  CA  . ASP A 1 16 ? -3.336  6.849   -1.519  1.00 13.44 ? 16   ASP A CA  1 
ATOM   135 C  C   . ASP A 1 16 ? -2.820  6.926   -0.089  1.00 13.03 ? 16   ASP A C   1 
ATOM   136 O  O   . ASP A 1 16 ? -3.471  6.481   0.859   1.00 12.86 ? 16   ASP A O   1 
ATOM   137 C  CB  . ASP A 1 16 ? -4.865  6.905   -1.555  1.00 14.10 ? 16   ASP A CB  1 
ATOM   138 C  CG  . ASP A 1 16 ? -5.403  8.291   -1.278  1.00 15.09 ? 16   ASP A CG  1 
ATOM   139 O  OD1 . ASP A 1 16 ? -4.699  9.091   -0.630  1.00 14.94 ? 16   ASP A OD1 1 
ATOM   140 O  OD2 . ASP A 1 16 ? -6.539  8.577   -1.707  1.00 16.49 ? 16   ASP A OD2 1 
ATOM   141 N  N   . HIS A 1 17 ? -1.619  7.476   0.039   1.00 13.31 ? 17   HIS A N   1 
ATOM   142 C  CA  . HIS A 1 17 ? -0.942  7.616   1.319   1.00 12.93 ? 17   HIS A CA  1 
ATOM   143 C  C   . HIS A 1 17 ? -1.761  8.412   2.325   1.00 14.25 ? 17   HIS A C   1 
ATOM   144 O  O   . HIS A 1 17 ? -1.863  8.030   3.491   1.00 12.78 ? 17   HIS A O   1 
ATOM   145 C  CB  . HIS A 1 17 ? 0.412   8.282   1.090   1.00 12.96 ? 17   HIS A CB  1 
ATOM   146 C  CG  . HIS A 1 17 ? 1.269   8.361   2.313   1.00 13.77 ? 17   HIS A CG  1 
ATOM   147 N  ND1 . HIS A 1 17 ? 1.511   9.522   3.013   1.00 14.81 ? 17   HIS A ND1 1 
ATOM   148 C  CD2 . HIS A 1 17 ? 1.982   7.397   2.947   1.00 13.41 ? 17   HIS A CD2 1 
ATOM   149 C  CE1 . HIS A 1 17 ? 2.347   9.235   4.021   1.00 14.79 ? 17   HIS A CE1 1 
ATOM   150 N  NE2 . HIS A 1 17 ? 2.666   7.956   4.029   1.00 13.96 ? 17   HIS A NE2 1 
ATOM   151 N  N   . LYS A 1 18 ? -2.352  9.514   1.876   1.00 13.84 ? 18   LYS A N   1 
ATOM   152 C  CA  . LYS A 1 18 ? -3.150  10.341  2.775   1.00 15.85 ? 18   LYS A CA  1 
ATOM   153 C  C   . LYS A 1 18 ? -4.374  9.609   3.315   1.00 14.75 ? 18   LYS A C   1 
ATOM   154 O  O   . LYS A 1 18 ? -4.656  9.669   4.511   1.00 14.88 ? 18   LYS A O   1 
ATOM   155 C  CB  . LYS A 1 18 ? -3.594  11.627  2.080   1.00 17.24 ? 18   LYS A CB  1 
ATOM   156 C  CG  . LYS A 1 18 ? -4.382  12.558  2.995   1.00 20.79 ? 18   LYS A CG  1 
ATOM   157 C  CD  . LYS A 1 18 ? -4.791  13.841  2.293   1.00 23.97 ? 18   LYS A CD  1 
ATOM   158 C  CE  . LYS A 1 18 ? -3.584  14.677  1.897   1.00 25.87 ? 18   LYS A CE  1 
ATOM   159 N  NZ  . LYS A 1 18 ? -2.726  15.033  3.064   1.00 27.98 ? 18   LYS A NZ  1 
ATOM   160 N  N   . ALA A 1 19 ? -5.098  8.921   2.435   1.00 14.37 ? 19   ALA A N   1 
ATOM   161 C  CA  . ALA A 1 19 ? -6.291  8.183   2.844   1.00 13.68 ? 19   ALA A CA  1 
ATOM   162 C  C   . ALA A 1 19 ? -5.943  7.114   3.880   1.00 13.54 ? 19   ALA A C   1 
ATOM   163 O  O   . ALA A 1 19 ? -6.641  6.962   4.877   1.00 12.63 ? 19   ALA A O   1 
ATOM   164 C  CB  . ALA A 1 19 ? -6.960  7.541   1.629   1.00 13.90 ? 19   ALA A CB  1 
ATOM   165 N  N   . HIS A 1 20 ? -4.873  6.365   3.640   1.00 12.68 ? 20   HIS A N   1 
ATOM   166 C  CA  . HIS A 1 20 ? -4.462  5.336   4.595   1.00 12.59 ? 20   HIS A CA  1 
ATOM   167 C  C   . HIS A 1 20 ? -4.130  5.974   5.952   1.00 12.75 ? 20   HIS A C   1 
ATOM   168 O  O   . HIS A 1 20 ? -4.530  5.475   6.999   1.00 13.62 ? 20   HIS A O   1 
ATOM   169 C  CB  . HIS A 1 20 ? -3.230  4.585   4.081   1.00 10.78 ? 20   HIS A CB  1 
ATOM   170 C  CG  . HIS A 1 20 ? -3.543  3.501   3.095   1.00 11.13 ? 20   HIS A CG  1 
ATOM   171 N  ND1 . HIS A 1 20 ? -3.928  3.720   1.791   1.00 10.61 ? 20   HIS A ND1 1 
ATOM   172 C  CD2 . HIS A 1 20 ? -3.513  2.152   3.245   1.00 10.52 ? 20   HIS A CD2 1 
ATOM   173 C  CE1 . HIS A 1 20 ? -4.108  2.528   1.208   1.00 9.70  ? 20   HIS A CE1 1 
ATOM   174 N  NE2 . HIS A 1 20 ? -3.868  1.545   2.052   1.00 10.69 ? 20   HIS A NE2 1 
ATOM   175 N  N   . ALA A 1 21 ? -3.395  7.079   5.924   1.00 14.10 ? 21   ALA A N   1 
ATOM   176 C  CA  . ALA A 1 21 ? -3.004  7.763   7.155   1.00 15.20 ? 21   ALA A CA  1 
ATOM   177 C  C   . ALA A 1 21 ? -4.206  8.240   7.961   1.00 16.40 ? 21   ALA A C   1 
ATOM   178 O  O   . ALA A 1 21 ? -4.215  8.156   9.185   1.00 16.83 ? 21   ALA A O   1 
ATOM   179 C  CB  . ALA A 1 21 ? -2.093  8.949   6.829   1.00 15.34 ? 21   ALA A CB  1 
ATOM   180 N  N   . GLU A 1 22 ? -5.223  8.733   7.263   1.00 18.46 ? 22   GLU A N   1 
ATOM   181 C  CA  . GLU A 1 22 ? -6.428  9.239   7.903   1.00 19.87 ? 22   GLU A CA  1 
ATOM   182 C  C   . GLU A 1 22 ? -7.208  8.149   8.629   1.00 19.50 ? 22   GLU A C   1 
ATOM   183 O  O   . GLU A 1 22 ? -7.824  8.396   9.666   1.00 18.99 ? 22   GLU A O   1 
ATOM   184 C  CB  . GLU A 1 22 ? -7.325  9.887   6.853   1.00 21.55 ? 22   GLU A CB  1 
ATOM   185 C  CG  . GLU A 1 22 ? -8.549  10.578  7.415   1.00 25.82 ? 22   GLU A CG  1 
ATOM   186 C  CD  . GLU A 1 22 ? -9.481  11.053  6.327   1.00 27.91 ? 22   GLU A CD  1 
ATOM   187 O  OE1 . GLU A 1 22 ? -10.156 10.200  5.714   1.00 29.96 ? 22   GLU A OE1 1 
ATOM   188 O  OE2 . GLU A 1 22 ? -9.527  12.273  6.069   1.00 29.41 ? 22   GLU A OE2 1 
ATOM   189 N  N   . LYS A 1 23 ? -7.174  6.940   8.082   1.00 18.99 ? 23   LYS A N   1 
ATOM   190 C  CA  . LYS A 1 23 ? -7.895  5.820   8.658   1.00 18.42 ? 23   LYS A CA  1 
ATOM   191 C  C   . LYS A 1 23 ? -7.108  5.014   9.678   1.00 17.82 ? 23   LYS A C   1 
ATOM   192 O  O   . LYS A 1 23 ? -7.679  4.458   10.609  1.00 17.85 ? 23   LYS A O   1 
ATOM   193 C  CB  . LYS A 1 23 ? -8.355  4.876   7.546   1.00 20.21 ? 23   LYS A CB  1 
ATOM   194 C  CG  . LYS A 1 23 ? -9.174  5.557   6.465   1.00 22.80 ? 23   LYS A CG  1 
ATOM   195 C  CD  . LYS A 1 23 ? -9.645  4.572   5.414   1.00 25.01 ? 23   LYS A CD  1 
ATOM   196 C  CE  . LYS A 1 23 ? -10.437 5.293   4.339   1.00 26.61 ? 23   LYS A CE  1 
ATOM   197 N  NZ  . LYS A 1 23 ? -9.625  6.400   3.755   1.00 27.37 ? 23   LYS A NZ  1 
ATOM   198 N  N   . LEU A 1 24 ? -5.795  4.965   9.518   1.00 16.52 ? 24   LEU A N   1 
ATOM   199 C  CA  . LEU A 1 24 ? -4.976  4.157   10.406  1.00 15.34 ? 24   LEU A CA  1 
ATOM   200 C  C   . LEU A 1 24 ? -4.063  4.903   11.359  1.00 15.05 ? 24   LEU A C   1 
ATOM   201 O  O   . LEU A 1 24 ? -3.811  4.435   12.465  1.00 14.72 ? 24   LEU A O   1 
ATOM   202 C  CB  . LEU A 1 24 ? -4.139  3.199   9.564   1.00 14.66 ? 24   LEU A CB  1 
ATOM   203 C  CG  . LEU A 1 24 ? -4.963  2.309   8.636   1.00 16.22 ? 24   LEU A CG  1 
ATOM   204 C  CD1 . LEU A 1 24 ? -4.113  1.858   7.465   1.00 17.65 ? 24   LEU A CD1 1 
ATOM   205 C  CD2 . LEU A 1 24 ? -5.501  1.126   9.423   1.00 17.45 ? 24   LEU A CD2 1 
ATOM   206 N  N   . GLY A 1 25 ? -3.563  6.054   10.932  1.00 14.68 ? 25   GLY A N   1 
ATOM   207 C  CA  . GLY A 1 25 ? -2.648  6.796   11.780  1.00 15.34 ? 25   GLY A CA  1 
ATOM   208 C  C   . GLY A 1 25 ? -1.253  6.357   11.389  1.00 14.73 ? 25   GLY A C   1 
ATOM   209 O  O   . GLY A 1 25 ? -1.064  5.228   10.938  1.00 14.89 ? 25   GLY A O   1 
ATOM   210 N  N   . CYS A 1 26 ? -0.279  7.236   11.581  1.00 15.77 ? 26   CYS A N   1 
ATOM   211 C  CA  . CYS A 1 26 ? 1.108   6.982   11.203  1.00 15.93 ? 26   CYS A CA  1 
ATOM   212 C  C   . CYS A 1 26 ? 1.785   5.705   11.695  1.00 15.62 ? 26   CYS A C   1 
ATOM   213 O  O   . CYS A 1 26 ? 2.405   4.994   10.896  1.00 14.91 ? 26   CYS A O   1 
ATOM   214 C  CB  . CYS A 1 26 ? 1.959   8.194   11.597  1.00 16.47 ? 26   CYS A CB  1 
ATOM   215 S  SG  . CYS A 1 26 ? 1.293   9.766   10.967  1.00 16.67 ? 26   CYS A SG  1 
ATOM   216 N  N   . ASP A 1 27 ? 1.679   5.408   12.992  1.00 16.07 ? 27   ASP A N   1 
ATOM   217 C  CA  . ASP A 1 27 ? 2.336   4.220   13.537  1.00 17.13 ? 27   ASP A CA  1 
ATOM   218 C  C   . ASP A 1 27 ? 1.753   2.889   13.098  1.00 17.02 ? 27   ASP A C   1 
ATOM   219 O  O   . ASP A 1 27 ? 2.214   1.834   13.530  1.00 16.72 ? 27   ASP A O   1 
ATOM   220 C  CB  . ASP A 1 27 ? 2.397   4.261   15.072  1.00 18.37 ? 27   ASP A CB  1 
ATOM   221 C  CG  . ASP A 1 27 ? 1.047   4.470   15.715  1.00 19.81 ? 27   ASP A CG  1 
ATOM   222 O  OD1 . ASP A 1 27 ? 0.035   3.967   15.184  1.00 20.64 ? 27   ASP A OD1 1 
ATOM   223 O  OD2 . ASP A 1 27 ? 1.006   5.129   16.776  1.00 21.28 ? 27   ASP A OD2 1 
ATOM   224 N  N   . ALA A 1 28 ? 0.739   2.927   12.244  1.00 17.08 ? 28   ALA A N   1 
ATOM   225 C  CA  . ALA A 1 28 ? 0.167   1.685   11.752  1.00 16.23 ? 28   ALA A CA  1 
ATOM   226 C  C   . ALA A 1 28 ? 1.211   1.066   10.824  1.00 15.52 ? 28   ALA A C   1 
ATOM   227 O  O   . ALA A 1 28 ? 1.314   -0.154  10.718  1.00 14.35 ? 28   ALA A O   1 
ATOM   228 C  CB  . ALA A 1 28 ? -1.121  1.961   10.985  1.00 15.92 ? 28   ALA A CB  1 
ATOM   229 N  N   . CYS A 1 29 ? 2.004   1.919   10.175  1.00 14.51 ? 29   CYS A N   1 
ATOM   230 C  CA  . CYS A 1 29 ? 3.021   1.446   9.234   1.00 14.54 ? 29   CYS A CA  1 
ATOM   231 C  C   . CYS A 1 29 ? 4.424   1.963   9.479   1.00 15.78 ? 29   CYS A C   1 
ATOM   232 O  O   . CYS A 1 29 ? 5.393   1.373   8.996   1.00 16.33 ? 29   CYS A O   1 
ATOM   233 C  CB  . CYS A 1 29 ? 2.640   1.840   7.812   1.00 13.83 ? 29   CYS A CB  1 
ATOM   234 S  SG  . CYS A 1 29 ? 0.890   1.606   7.431   1.00 10.70 ? 29   CYS A SG  1 
ATOM   235 N  N   . HIS A 1 30 ? 4.530   3.075   10.196  1.00 16.32 ? 30   HIS A N   1 
ATOM   236 C  CA  . HIS A 1 30 ? 5.826   3.686   10.472  1.00 17.85 ? 30   HIS A CA  1 
ATOM   237 C  C   . HIS A 1 30 ? 6.263   3.519   11.915  1.00 20.29 ? 30   HIS A C   1 
ATOM   238 O  O   . HIS A 1 30 ? 5.514   3.833   12.837  1.00 20.39 ? 30   HIS A O   1 
ATOM   239 C  CB  . HIS A 1 30 ? 5.777   5.181   10.155  1.00 15.69 ? 30   HIS A CB  1 
ATOM   240 C  CG  . HIS A 1 30 ? 5.692   5.491   8.696   1.00 15.07 ? 30   HIS A CG  1 
ATOM   241 N  ND1 . HIS A 1 30 ? 6.733   5.332   7.808   1.00 15.68 ? 30   HIS A ND1 1 
ATOM   242 C  CD2 . HIS A 1 30 ? 4.656   5.971   7.964   1.00 14.68 ? 30   HIS A CD2 1 
ATOM   243 C  CE1 . HIS A 1 30 ? 6.303   5.717   6.595   1.00 14.70 ? 30   HIS A CE1 1 
ATOM   244 N  NE2 . HIS A 1 30 ? 5.046   6.114   6.640   1.00 14.67 ? 30   HIS A NE2 1 
ATOM   245 N  N   . GLU A 1 31 ? 7.479   3.022   12.101  1.00 23.29 ? 31   GLU A N   1 
ATOM   246 C  CA  . GLU A 1 31 ? 8.048   2.848   13.431  1.00 27.00 ? 31   GLU A CA  1 
ATOM   247 C  C   . GLU A 1 31 ? 8.982   4.031   13.677  1.00 28.00 ? 31   GLU A C   1 
ATOM   248 O  O   . GLU A 1 31 ? 9.881   4.296   12.880  1.00 28.58 ? 31   GLU A O   1 
ATOM   249 C  CB  . GLU A 1 31 ? 8.838   1.542   13.506  1.00 29.12 ? 31   GLU A CB  1 
ATOM   250 C  CG  . GLU A 1 31 ? 7.982   0.296   13.441  1.00 31.75 ? 31   GLU A CG  1 
ATOM   251 C  CD  . GLU A 1 31 ? 8.805   -0.975  13.476  1.00 33.90 ? 31   GLU A CD  1 
ATOM   252 O  OE1 . GLU A 1 31 ? 9.565   -1.221  12.514  1.00 35.49 ? 31   GLU A OE1 1 
ATOM   253 O  OE2 . GLU A 1 31 ? 8.697   -1.725  14.467  1.00 34.76 ? 31   GLU A OE2 1 
ATOM   254 N  N   . GLY A 1 32 ? 8.758   4.747   14.773  1.00 28.92 ? 32   GLY A N   1 
ATOM   255 C  CA  . GLY A 1 32 ? 9.593   5.891   15.080  1.00 29.89 ? 32   GLY A CA  1 
ATOM   256 C  C   . GLY A 1 32 ? 9.297   7.045   14.146  1.00 30.25 ? 32   GLY A C   1 
ATOM   257 O  O   . GLY A 1 32 ? 8.165   7.211   13.700  1.00 31.16 ? 32   GLY A O   1 
ATOM   258 N  N   . THR A 1 33 ? 10.311  7.850   13.852  1.00 30.23 ? 33   THR A N   1 
ATOM   259 C  CA  . THR A 1 33 ? 10.136  8.986   12.960  1.00 30.28 ? 33   THR A CA  1 
ATOM   260 C  C   . THR A 1 33 ? 9.774   8.485   11.570  1.00 29.71 ? 33   THR A C   1 
ATOM   261 O  O   . THR A 1 33 ? 10.530  7.733   10.955  1.00 29.99 ? 33   THR A O   1 
ATOM   262 C  CB  . THR A 1 33 ? 11.420  9.829   12.875  1.00 31.01 ? 33   THR A CB  1 
ATOM   263 O  OG1 . THR A 1 33 ? 11.731  10.352  14.172  1.00 32.26 ? 33   THR A OG1 1 
ATOM   264 C  CG2 . THR A 1 33 ? 11.240  10.983  11.897  1.00 31.48 ? 33   THR A CG2 1 
ATOM   265 N  N   . PRO A 1 34 ? 8.603   8.889   11.057  1.00 29.21 ? 34   PRO A N   1 
ATOM   266 C  CA  . PRO A 1 34 ? 8.156   8.464   9.727   1.00 28.45 ? 34   PRO A CA  1 
ATOM   267 C  C   . PRO A 1 34 ? 9.201   8.710   8.643   1.00 28.25 ? 34   PRO A C   1 
ATOM   268 O  O   . PRO A 1 34 ? 9.682   9.829   8.468   1.00 28.03 ? 34   PRO A O   1 
ATOM   269 C  CB  . PRO A 1 34 ? 6.891   9.290   9.515   1.00 28.25 ? 34   PRO A CB  1 
ATOM   270 C  CG  . PRO A 1 34 ? 6.346   9.404   10.892  1.00 28.06 ? 34   PRO A CG  1 
ATOM   271 C  CD  . PRO A 1 34 ? 7.582   9.735   11.699  1.00 28.71 ? 34   PRO A CD  1 
ATOM   272 N  N   . ALA A 1 35 ? 9.550   7.651   7.921   1.00 27.86 ? 35   ALA A N   1 
ATOM   273 C  CA  . ALA A 1 35 ? 10.527  7.734   6.847   1.00 27.58 ? 35   ALA A CA  1 
ATOM   274 C  C   . ALA A 1 35 ? 10.051  6.880   5.683   1.00 27.38 ? 35   ALA A C   1 
ATOM   275 O  O   . ALA A 1 35 ? 9.109   6.100   5.819   1.00 26.67 ? 35   ALA A O   1 
ATOM   276 C  CB  . ALA A 1 35 ? 11.885  7.248   7.332   1.00 27.76 ? 35   ALA A CB  1 
ATOM   277 N  N   . LYS A 1 36 ? 10.712  7.029   4.541   1.00 27.10 ? 36   LYS A N   1 
ATOM   278 C  CA  . LYS A 1 36 ? 10.359  6.274   3.348   1.00 26.07 ? 36   LYS A CA  1 
ATOM   279 C  C   . LYS A 1 36 ? 10.404  4.772   3.608   1.00 24.67 ? 36   LYS A C   1 
ATOM   280 O  O   . LYS A 1 36 ? 11.263  4.280   4.339   1.00 24.53 ? 36   LYS A O   1 
ATOM   281 C  CB  . LYS A 1 36 ? 11.317  6.623   2.203   1.00 27.23 ? 36   LYS A CB  1 
ATOM   282 C  CG  . LYS A 1 36 ? 10.839  6.160   0.836   1.00 28.31 ? 36   LYS A CG  1 
ATOM   283 C  CD  . LYS A 1 36 ? 11.809  6.556   -0.262  1.00 29.17 ? 36   LYS A CD  1 
ATOM   284 C  CE  . LYS A 1 36 ? 11.203  6.326   -1.640  1.00 30.37 ? 36   LYS A CE  1 
ATOM   285 N  NZ  . LYS A 1 36 ? 10.044  7.232   -1.899  1.00 30.79 ? 36   LYS A NZ  1 
ATOM   286 N  N   . ILE A 1 37 ? 9.456   4.053   3.019   1.00 23.06 ? 37   ILE A N   1 
ATOM   287 C  CA  . ILE A 1 37 ? 9.383   2.602   3.152   1.00 21.91 ? 37   ILE A CA  1 
ATOM   288 C  C   . ILE A 1 37 ? 9.589   2.030   1.754   1.00 21.74 ? 37   ILE A C   1 
ATOM   289 O  O   . ILE A 1 37 ? 8.801   2.300   0.849   1.00 22.12 ? 37   ILE A O   1 
ATOM   290 C  CB  . ILE A 1 37 ? 8.004   2.144   3.678   1.00 21.10 ? 37   ILE A CB  1 
ATOM   291 C  CG1 . ILE A 1 37 ? 7.811   2.604   5.124   1.00 20.89 ? 37   ILE A CG1 1 
ATOM   292 C  CG2 . ILE A 1 37 ? 7.892   0.628   3.591   1.00 22.14 ? 37   ILE A CG2 1 
ATOM   293 C  CD1 . ILE A 1 37 ? 6.454   2.219   5.714   1.00 19.46 ? 37   ILE A CD1 1 
ATOM   294 N  N   . ALA A 1 38 ? 10.655  1.254   1.583   1.00 20.71 ? 38   ALA A N   1 
ATOM   295 C  CA  . ALA A 1 38 ? 10.980  0.656   0.293   1.00 20.21 ? 38   ALA A CA  1 
ATOM   296 C  C   . ALA A 1 38 ? 9.897   -0.314  -0.152  1.00 20.23 ? 38   ALA A C   1 
ATOM   297 O  O   . ALA A 1 38 ? 9.622   -1.307  0.525   1.00 20.10 ? 38   ALA A O   1 
ATOM   298 C  CB  . ALA A 1 38 ? 12.327  -0.071  0.374   1.00 20.14 ? 38   ALA A CB  1 
ATOM   299 N  N   . ILE A 1 39 ? 9.286   -0.026  -1.293  1.00 19.26 ? 39   ILE A N   1 
ATOM   300 C  CA  . ILE A 1 39 ? 8.232   -0.884  -1.813  1.00 19.80 ? 39   ILE A CA  1 
ATOM   301 C  C   . ILE A 1 39 ? 8.635   -1.592  -3.098  1.00 19.91 ? 39   ILE A C   1 
ATOM   302 O  O   . ILE A 1 39 ? 8.969   -0.951  -4.091  1.00 20.48 ? 39   ILE A O   1 
ATOM   303 C  CB  . ILE A 1 39 ? 6.940   -0.082  -2.105  1.00 18.52 ? 39   ILE A CB  1 
ATOM   304 C  CG1 . ILE A 1 39 ? 6.377   0.514   -0.813  1.00 18.69 ? 39   ILE A CG1 1 
ATOM   305 C  CG2 . ILE A 1 39 ? 5.904   -0.988  -2.765  1.00 18.64 ? 39   ILE A CG2 1 
ATOM   306 C  CD1 . ILE A 1 39 ? 6.021   -0.516  0.250   1.00 17.42 ? 39   ILE A CD1 1 
ATOM   307 N  N   . ASP A 1 40 ? 8.613   -2.921  -3.069  1.00 20.91 ? 40   ASP A N   1 
ATOM   308 C  CA  . ASP A 1 40 ? 8.921   -3.706  -4.256  1.00 21.30 ? 40   ASP A CA  1 
ATOM   309 C  C   . ASP A 1 40 ? 7.931   -4.866  -4.295  1.00 20.80 ? 40   ASP A C   1 
ATOM   310 O  O   . ASP A 1 40 ? 7.111   -5.016  -3.393  1.00 19.31 ? 40   ASP A O   1 
ATOM   311 C  CB  . ASP A 1 40 ? 10.366  -4.228  -4.241  1.00 22.64 ? 40   ASP A CB  1 
ATOM   312 C  CG  . ASP A 1 40 ? 10.584  -5.365  -3.254  1.00 24.12 ? 40   ASP A CG  1 
ATOM   313 O  OD1 . ASP A 1 40 ? 9.743   -5.582  -2.360  1.00 25.18 ? 40   ASP A OD1 1 
ATOM   314 O  OD2 . ASP A 1 40 ? 11.622  -6.047  -3.373  1.00 26.87 ? 40   ASP A OD2 1 
ATOM   315 N  N   . LYS A 1 41 ? 7.998   -5.672  -5.344  1.00 20.90 ? 41   LYS A N   1 
ATOM   316 C  CA  . LYS A 1 41 ? 7.094   -6.806  -5.482  1.00 22.07 ? 41   LYS A CA  1 
ATOM   317 C  C   . LYS A 1 41 ? 7.008   -7.646  -4.207  1.00 21.73 ? 41   LYS A C   1 
ATOM   318 O  O   . LYS A 1 41 ? 5.916   -7.925  -3.714  1.00 21.92 ? 41   LYS A O   1 
ATOM   319 C  CB  . LYS A 1 41 ? 7.543   -7.686  -6.654  1.00 23.50 ? 41   LYS A CB  1 
ATOM   320 C  CG  . LYS A 1 41 ? 6.685   -8.916  -6.874  1.00 25.70 ? 41   LYS A CG  1 
ATOM   321 C  CD  . LYS A 1 41 ? 7.149   -9.715  -8.088  1.00 27.67 ? 41   LYS A CD  1 
ATOM   322 C  CE  . LYS A 1 41 ? 6.310   -10.973 -8.260  1.00 28.60 ? 41   LYS A CE  1 
ATOM   323 N  NZ  . LYS A 1 41 ? 6.731   -11.795 -9.429  1.00 29.74 ? 41   LYS A NZ  1 
ATOM   324 N  N   . LYS A 1 42 ? 8.155   -8.037  -3.663  1.00 21.54 ? 42   LYS A N   1 
ATOM   325 C  CA  . LYS A 1 42 ? 8.162   -8.864  -2.462  1.00 22.06 ? 42   LYS A CA  1 
ATOM   326 C  C   . LYS A 1 42 ? 7.540   -8.211  -1.228  1.00 21.62 ? 42   LYS A C   1 
ATOM   327 O  O   . LYS A 1 42 ? 6.722   -8.826  -0.546  1.00 21.90 ? 42   LYS A O   1 
ATOM   328 C  CB  . LYS A 1 42 ? 9.587   -9.331  -2.149  1.00 23.45 ? 42   LYS A CB  1 
ATOM   329 C  CG  . LYS A 1 42 ? 10.187  -10.194 -3.256  1.00 25.47 ? 42   LYS A CG  1 
ATOM   330 C  CD  . LYS A 1 42 ? 11.463  -10.899 -2.821  1.00 26.85 ? 42   LYS A CD  1 
ATOM   331 C  CE  . LYS A 1 42 ? 11.178  -11.978 -1.787  1.00 28.24 ? 42   LYS A CE  1 
ATOM   332 N  NZ  . LYS A 1 42 ? 12.420  -12.695 -1.375  1.00 28.33 ? 42   LYS A NZ  1 
ATOM   333 N  N   . SER A 1 43 ? 7.909   -6.969  -0.934  1.00 20.57 ? 43   SER A N   1 
ATOM   334 C  CA  . SER A 1 43 ? 7.346   -6.313  0.240   1.00 19.20 ? 43   SER A CA  1 
ATOM   335 C  C   . SER A 1 43 ? 5.859   -6.017  0.063   1.00 17.73 ? 43   SER A C   1 
ATOM   336 O  O   . SER A 1 43 ? 5.069   -6.217  0.984   1.00 17.26 ? 43   SER A O   1 
ATOM   337 C  CB  . SER A 1 43 ? 8.116   -5.023  0.563   1.00 19.28 ? 43   SER A CB  1 
ATOM   338 O  OG  . SER A 1 43 ? 8.042   -4.082  -0.491  1.00 19.83 ? 43   SER A OG  1 
ATOM   339 N  N   . ALA A 1 44 ? 5.473   -5.571  -1.128  1.00 16.46 ? 44   ALA A N   1 
ATOM   340 C  CA  . ALA A 1 44 ? 4.077   -5.243  -1.396  1.00 15.97 ? 44   ALA A CA  1 
ATOM   341 C  C   . ALA A 1 44 ? 3.146   -6.450  -1.274  1.00 16.01 ? 44   ALA A C   1 
ATOM   342 O  O   . ALA A 1 44 ? 2.034   -6.331  -0.754  1.00 14.66 ? 44   ALA A O   1 
ATOM   343 C  CB  . ALA A 1 44 ? 3.949   -4.618  -2.785  1.00 15.55 ? 44   ALA A CB  1 
ATOM   344 N  N   . HIS A 1 45 ? 3.604   -7.609  -1.743  1.00 16.13 ? 45   HIS A N   1 
ATOM   345 C  CA  . HIS A 1 45 ? 2.788   -8.819  -1.683  1.00 16.81 ? 45   HIS A CA  1 
ATOM   346 C  C   . HIS A 1 45 ? 2.809   -9.435  -0.306  1.00 17.53 ? 45   HIS A C   1 
ATOM   347 O  O   . HIS A 1 45 ? 2.158   -10.449 -0.055  1.00 16.48 ? 45   HIS A O   1 
ATOM   348 C  CB  . HIS A 1 45 ? 3.265   -9.833  -2.720  1.00 17.18 ? 45   HIS A CB  1 
ATOM   349 C  CG  . HIS A 1 45 ? 3.021   -9.398  -4.128  1.00 16.90 ? 45   HIS A CG  1 
ATOM   350 N  ND1 . HIS A 1 45 ? 3.488   -10.066 -5.238  1.00 17.02 ? 45   HIS A ND1 1 
ATOM   351 C  CD2 . HIS A 1 45 ? 2.323   -8.337  -4.605  1.00 16.50 ? 45   HIS A CD2 1 
ATOM   352 C  CE1 . HIS A 1 45 ? 3.067   -9.401  -6.325  1.00 16.09 ? 45   HIS A CE1 1 
ATOM   353 N  NE2 . HIS A 1 45 ? 2.354   -8.343  -5.993  1.00 15.32 ? 45   HIS A NE2 1 
ATOM   354 N  N   . LYS A 1 46 ? 3.566   -8.811  0.587   1.00 18.46 ? 46   LYS A N   1 
ATOM   355 C  CA  . LYS A 1 46 ? 3.653   -9.290  1.955   1.00 20.10 ? 46   LYS A CA  1 
ATOM   356 C  C   . LYS A 1 46 ? 3.303   -8.197  2.960   1.00 19.83 ? 46   LYS A C   1 
ATOM   357 O  O   . LYS A 1 46 ? 2.282   -7.524  2.823   1.00 19.29 ? 46   LYS A O   1 
ATOM   358 C  CB  . LYS A 1 46 ? 5.049   -9.841  2.244   1.00 21.77 ? 46   LYS A CB  1 
ATOM   359 C  CG  . LYS A 1 46 ? 5.041   -11.259 2.775   1.00 25.05 ? 46   LYS A CG  1 
ATOM   360 C  CD  . LYS A 1 46 ? 4.293   -11.347 4.102   1.00 28.20 ? 46   LYS A CD  1 
ATOM   361 C  CE  . LYS A 1 46 ? 4.230   -12.779 4.601   1.00 29.53 ? 46   LYS A CE  1 
ATOM   362 N  NZ  . LYS A 1 46 ? 3.525   -13.652 3.615   1.00 31.97 ? 46   LYS A NZ  1 
ATOM   363 N  N   . ASP A 1 47 ? 4.172   -8.019  3.949   1.00 19.80 ? 47   ASP A N   1 
ATOM   364 C  CA  . ASP A 1 47 ? 3.973   -7.071  5.039   1.00 19.98 ? 47   ASP A CA  1 
ATOM   365 C  C   . ASP A 1 47 ? 3.803   -5.584  4.745   1.00 18.44 ? 47   ASP A C   1 
ATOM   366 O  O   . ASP A 1 47 ? 3.142   -4.890  5.512   1.00 18.78 ? 47   ASP A O   1 
ATOM   367 C  CB  . ASP A 1 47 ? 5.098   -7.245  6.061   1.00 22.89 ? 47   ASP A CB  1 
ATOM   368 C  CG  . ASP A 1 47 ? 5.073   -8.604  6.724   1.00 25.59 ? 47   ASP A CG  1 
ATOM   369 O  OD1 . ASP A 1 47 ? 3.975   -9.180  6.883   1.00 27.22 ? 47   ASP A OD1 1 
ATOM   370 O  OD2 . ASP A 1 47 ? 6.155   -9.097  7.097   1.00 28.60 ? 47   ASP A OD2 1 
ATOM   371 N  N   . ALA A 1 48 ? 4.390   -5.080  3.668   1.00 15.96 ? 48   ALA A N   1 
ATOM   372 C  CA  . ALA A 1 48 ? 4.248   -3.655  3.378   1.00 15.46 ? 48   ALA A CA  1 
ATOM   373 C  C   . ALA A 1 48 ? 2.847   -3.269  2.898   1.00 15.00 ? 48   ALA A C   1 
ATOM   374 O  O   . ALA A 1 48 ? 2.408   -2.138  3.115   1.00 13.49 ? 48   ALA A O   1 
ATOM   375 C  CB  . ALA A 1 48 ? 5.301   -3.212  2.351   1.00 14.45 ? 48   ALA A CB  1 
ATOM   376 N  N   . CYS A 1 49 ? 2.137   -4.206  2.270   1.00 14.62 ? 49   CYS A N   1 
ATOM   377 C  CA  . CYS A 1 49 ? 0.797   -3.914  1.756   1.00 14.71 ? 49   CYS A CA  1 
ATOM   378 C  C   . CYS A 1 49 ? -0.289  -4.976  1.954   1.00 14.59 ? 49   CYS A C   1 
ATOM   379 O  O   . CYS A 1 49 ? -1.263  -4.773  2.689   1.00 14.26 ? 49   CYS A O   1 
ATOM   380 C  CB  . CYS A 1 49 ? 0.869   -3.620  0.254   1.00 14.50 ? 49   CYS A CB  1 
ATOM   381 S  SG  . CYS A 1 49 ? 1.923   -2.224  -0.246  1.00 13.44 ? 49   CYS A SG  1 
ATOM   382 N  N   . LYS A 1 50 ? -0.117  -6.099  1.265   1.00 14.65 ? 50   LYS A N   1 
ATOM   383 C  CA  . LYS A 1 50 ? -1.087  -7.189  1.269   1.00 16.21 ? 50   LYS A CA  1 
ATOM   384 C  C   . LYS A 1 50 ? -1.489  -7.782  2.621   1.00 15.59 ? 50   LYS A C   1 
ATOM   385 O  O   . LYS A 1 50 ? -2.678  -7.958  2.899   1.00 14.74 ? 50   LYS A O   1 
ATOM   386 C  CB  . LYS A 1 50 ? -0.585  -8.301  0.341   1.00 17.88 ? 50   LYS A CB  1 
ATOM   387 C  CG  . LYS A 1 50 ? -1.581  -9.412  0.075   1.00 20.88 ? 50   LYS A CG  1 
ATOM   388 C  CD  . LYS A 1 50 ? -0.992  -10.409 -0.905  1.00 22.47 ? 50   LYS A CD  1 
ATOM   389 C  CE  . LYS A 1 50 ? -1.869  -11.633 -1.051  1.00 24.20 ? 50   LYS A CE  1 
ATOM   390 N  NZ  . LYS A 1 50 ? -3.243  -11.281 -1.509  1.00 26.21 ? 50   LYS A NZ  1 
ATOM   391 N  N   . THR A 1 51 ? -0.510  -8.103  3.455   1.00 15.92 ? 51   THR A N   1 
ATOM   392 C  CA  . THR A 1 51 ? -0.813  -8.688  4.757   1.00 16.13 ? 51   THR A CA  1 
ATOM   393 C  C   . THR A 1 51 ? -1.851  -7.900  5.555   1.00 15.50 ? 51   THR A C   1 
ATOM   394 O  O   . THR A 1 51 ? -2.784  -8.479  6.099   1.00 15.29 ? 51   THR A O   1 
ATOM   395 C  CB  . THR A 1 51 ? 0.458   -8.843  5.608   1.00 16.55 ? 51   THR A CB  1 
ATOM   396 O  OG1 . THR A 1 51 ? 1.411   -9.633  4.889   1.00 16.61 ? 51   THR A OG1 1 
ATOM   397 C  CG2 . THR A 1 51 ? 0.129   -9.537  6.925   1.00 17.39 ? 51   THR A CG2 1 
ATOM   398 N  N   . CYS A 1 52 ? -1.704  -6.581  5.639   1.00 15.10 ? 52   CYS A N   1 
ATOM   399 C  CA  . CYS A 1 52 ? -2.682  -5.801  6.388   1.00 15.36 ? 52   CYS A CA  1 
ATOM   400 C  C   . CYS A 1 52 ? -4.076  -5.875  5.774   1.00 15.65 ? 52   CYS A C   1 
ATOM   401 O  O   . CYS A 1 52 ? -5.078  -5.899  6.492   1.00 15.87 ? 52   CYS A O   1 
ATOM   402 C  CB  . CYS A 1 52 ? -2.264  -4.334  6.472   1.00 15.69 ? 52   CYS A CB  1 
ATOM   403 S  SG  . CYS A 1 52 ? -3.521  -3.308  7.291   1.00 14.12 ? 52   CYS A SG  1 
ATOM   404 N  N   . HIS A 1 53 ? -4.141  -5.896  4.445   1.00 15.42 ? 53   HIS A N   1 
ATOM   405 C  CA  . HIS A 1 53 ? -5.422  -5.957  3.748   1.00 16.74 ? 53   HIS A CA  1 
ATOM   406 C  C   . HIS A 1 53 ? -6.247  -7.194  4.100   1.00 18.68 ? 53   HIS A C   1 
ATOM   407 O  O   . HIS A 1 53 ? -7.466  -7.187  3.980   1.00 18.44 ? 53   HIS A O   1 
ATOM   408 C  CB  . HIS A 1 53 ? -5.202  -5.891  2.232   1.00 13.65 ? 53   HIS A CB  1 
ATOM   409 C  CG  . HIS A 1 53 ? -4.788  -4.538  1.738   1.00 10.66 ? 53   HIS A CG  1 
ATOM   410 N  ND1 . HIS A 1 53 ? -4.478  -4.256  0.425   1.00 9.42  ? 53   HIS A ND1 1 
ATOM   411 C  CD2 . HIS A 1 53 ? -4.647  -3.366  2.406   1.00 10.16 ? 53   HIS A CD2 1 
ATOM   412 C  CE1 . HIS A 1 53 ? -4.164  -2.956  0.339   1.00 8.80  ? 53   HIS A CE1 1 
ATOM   413 N  NE2 . HIS A 1 53 ? -4.248  -2.362  1.512   1.00 9.86  ? 53   HIS A NE2 1 
ATOM   414 N  N   . LYS A 1 54 ? -5.586  -8.256  4.538   1.00 21.96 ? 54   LYS A N   1 
ATOM   415 C  CA  . LYS A 1 54 ? -6.292  -9.482  4.905   1.00 25.53 ? 54   LYS A CA  1 
ATOM   416 C  C   . LYS A 1 54 ? -7.244  -9.304  6.094   1.00 27.10 ? 54   LYS A C   1 
ATOM   417 O  O   . LYS A 1 54 ? -8.051  -10.189 6.384   1.00 27.51 ? 54   LYS A O   1 
ATOM   418 C  CB  . LYS A 1 54 ? -5.287  -10.572 5.253   1.00 26.88 ? 54   LYS A CB  1 
ATOM   419 C  CG  . LYS A 1 54 ? -4.446  -11.059 4.098   1.00 28.49 ? 54   LYS A CG  1 
ATOM   420 C  CD  . LYS A 1 54 ? -3.235  -11.808 4.619   1.00 30.58 ? 54   LYS A CD  1 
ATOM   421 C  CE  . LYS A 1 54 ? -3.607  -12.778 5.737   1.00 31.71 ? 54   LYS A CE  1 
ATOM   422 N  NZ  . LYS A 1 54 ? -4.613  -13.777 5.292   1.00 33.44 ? 54   LYS A NZ  1 
ATOM   423 N  N   A SER A 1 55 ? -7.150  -8.164  6.771   0.50 27.76 ? 55   SER A N   1 
ATOM   424 N  N   B SER A 1 55 ? -7.148  -8.162  6.769   0.50 27.66 ? 55   SER A N   1 
ATOM   425 C  CA  A SER A 1 55 ? -8.001  -7.902  7.927   0.50 28.70 ? 55   SER A CA  1 
ATOM   426 C  CA  B SER A 1 55 ? -7.990  -7.890  7.930   0.50 28.67 ? 55   SER A CA  1 
ATOM   427 C  C   A SER A 1 55 ? -9.103  -6.874  7.674   0.50 29.33 ? 55   SER A C   1 
ATOM   428 C  C   B SER A 1 55 ? -9.098  -6.870  7.675   0.50 29.19 ? 55   SER A C   1 
ATOM   429 O  O   A SER A 1 55 ? -9.959  -6.659  8.533   0.50 29.71 ? 55   SER A O   1 
ATOM   430 O  O   B SER A 1 55 ? -9.951  -6.655  8.537   0.50 29.46 ? 55   SER A O   1 
ATOM   431 C  CB  A SER A 1 55 ? -7.146  -7.448  9.113   0.50 28.69 ? 55   SER A CB  1 
ATOM   432 C  CB  B SER A 1 55 ? -7.126  -7.411  9.098   0.50 28.82 ? 55   SER A CB  1 
ATOM   433 O  OG  A SER A 1 55 ? -6.408  -6.281  8.796   0.50 28.05 ? 55   SER A OG  1 
ATOM   434 O  OG  B SER A 1 55 ? -6.133  -8.366  9.423   0.50 29.12 ? 55   SER A OG  1 
ATOM   435 N  N   . ASN A 1 56 ? -9.077  -6.229  6.509   1.00 29.59 ? 56   ASN A N   1 
ATOM   436 C  CA  . ASN A 1 56 ? -10.094 -5.227  6.165   1.00 30.17 ? 56   ASN A CA  1 
ATOM   437 C  C   . ASN A 1 56 ? -10.707 -5.443  4.808   1.00 30.33 ? 56   ASN A C   1 
ATOM   438 O  O   . ASN A 1 56 ? -10.657 -6.537  4.257   1.00 31.24 ? 56   ASN A O   1 
ATOM   439 C  CB  . ASN A 1 56 ? -9.520  -3.804  6.188   1.00 31.61 ? 56   ASN A CB  1 
ATOM   440 C  CG  . ASN A 1 56 ? -8.145  -3.711  5.550   1.00 31.37 ? 56   ASN A CG  1 
ATOM   441 O  OD1 . ASN A 1 56 ? -7.968  -4.038  4.384   1.00 32.10 ? 56   ASN A OD1 1 
ATOM   442 N  ND2 . ASN A 1 56 ? -7.164  -3.259  6.324   1.00 32.95 ? 56   ASN A ND2 1 
ATOM   443 N  N   . ASN A 1 57 ? -11.304 -4.379  4.288   1.00 30.62 ? 57   ASN A N   1 
ATOM   444 C  CA  . ASN A 1 57 ? -11.922 -4.404  2.975   1.00 29.94 ? 57   ASN A CA  1 
ATOM   445 C  C   . ASN A 1 57 ? -10.812 -4.142  1.965   1.00 28.95 ? 57   ASN A C   1 
ATOM   446 O  O   . ASN A 1 57 ? -11.046 -4.116  0.757   1.00 29.60 ? 57   ASN A O   1 
ATOM   447 C  CB  . ASN A 1 57 ? -12.997 -3.319  2.875   1.00 31.99 ? 57   ASN A CB  1 
ATOM   448 C  CG  . ASN A 1 57 ? -14.116 -3.513  3.884   1.00 33.50 ? 57   ASN A CG  1 
ATOM   449 O  OD1 . ASN A 1 57 ? -13.893 -3.471  5.097   1.00 34.95 ? 57   ASN A OD1 1 
ATOM   450 N  ND2 . ASN A 1 57 ? -15.329 -3.728  3.386   1.00 34.73 ? 57   ASN A ND2 1 
ATOM   451 N  N   . GLY A 1 58 ? -9.598  -3.945  2.481   1.00 26.68 ? 58   GLY A N   1 
ATOM   452 C  CA  . GLY A 1 58 ? -8.452  -3.700  1.624   1.00 23.60 ? 58   GLY A CA  1 
ATOM   453 C  C   . GLY A 1 58 ? -8.355  -4.780  0.565   1.00 21.70 ? 58   GLY A C   1 
ATOM   454 O  O   . GLY A 1 58 ? -8.749  -5.914  0.807   1.00 20.95 ? 58   GLY A O   1 
ATOM   455 N  N   . PRO A 1 59 ? -7.823  -4.462  -0.621  1.00 19.99 ? 59   PRO A N   1 
ATOM   456 C  CA  . PRO A 1 59 ? -7.708  -5.455  -1.687  1.00 19.16 ? 59   PRO A CA  1 
ATOM   457 C  C   . PRO A 1 59 ? -6.641  -6.517  -1.482  1.00 18.87 ? 59   PRO A C   1 
ATOM   458 O  O   . PRO A 1 59 ? -5.490  -6.219  -1.160  1.00 17.61 ? 59   PRO A O   1 
ATOM   459 C  CB  . PRO A 1 59 ? -7.440  -4.597  -2.918  1.00 19.75 ? 59   PRO A CB  1 
ATOM   460 C  CG  . PRO A 1 59 ? -6.599  -3.504  -2.357  1.00 19.67 ? 59   PRO A CG  1 
ATOM   461 C  CD  . PRO A 1 59 ? -7.338  -3.151  -1.076  1.00 19.78 ? 59   PRO A CD  1 
ATOM   462 N  N   . THR A 1 60 ? -7.045  -7.765  -1.683  1.00 18.32 ? 60   THR A N   1 
ATOM   463 C  CA  . THR A 1 60 ? -6.145  -8.892  -1.566  1.00 18.95 ? 60   THR A CA  1 
ATOM   464 C  C   . THR A 1 60 ? -6.079  -9.590  -2.924  1.00 19.23 ? 60   THR A C   1 
ATOM   465 O  O   . THR A 1 60 ? -5.107  -10.272 -3.229  1.00 19.41 ? 60   THR A O   1 
ATOM   466 C  CB  . THR A 1 60 ? -6.611  -9.869  -0.458  1.00 19.34 ? 60   THR A CB  1 
ATOM   467 O  OG1 . THR A 1 60 ? -8.035  -10.018 -0.507  1.00 20.08 ? 60   THR A OG1 1 
ATOM   468 C  CG2 . THR A 1 60 ? -6.214  -9.336  0.911   1.00 21.01 ? 60   THR A CG2 1 
ATOM   469 N  N   . LYS A 1 61 ? -7.114  -9.399  -3.742  1.00 19.20 ? 61   LYS A N   1 
ATOM   470 C  CA  . LYS A 1 61 ? -7.153  -9.979  -5.083  1.00 18.91 ? 61   LYS A CA  1 
ATOM   471 C  C   . LYS A 1 61 ? -6.268  -9.126  -5.991  1.00 17.89 ? 61   LYS A C   1 
ATOM   472 O  O   . LYS A 1 61 ? -6.209  -7.907  -5.837  1.00 18.29 ? 61   LYS A O   1 
ATOM   473 C  CB  . LYS A 1 61 ? -8.588  -9.985  -5.617  1.00 20.36 ? 61   LYS A CB  1 
ATOM   474 C  CG  . LYS A 1 61 ? -9.532  -10.852 -4.797  1.00 21.99 ? 61   LYS A CG  1 
ATOM   475 C  CD  . LYS A 1 61 ? -10.985 -10.440 -4.963  1.00 24.60 ? 61   LYS A CD  1 
ATOM   476 C  CE  . LYS A 1 61 ? -11.506 -10.699 -6.355  1.00 26.13 ? 61   LYS A CE  1 
ATOM   477 N  NZ  . LYS A 1 61 ? -12.985 -10.497 -6.391  1.00 27.58 ? 61   LYS A NZ  1 
ATOM   478 N  N   . CYS A 1 62 ? -5.595  -9.768  -6.942  1.00 16.43 ? 62   CYS A N   1 
ATOM   479 C  CA  . CYS A 1 62 ? -4.692  -9.075  -7.863  1.00 15.23 ? 62   CYS A CA  1 
ATOM   480 C  C   . CYS A 1 62 ? -5.251  -7.794  -8.463  1.00 15.15 ? 62   CYS A C   1 
ATOM   481 O  O   . CYS A 1 62 ? -4.575  -6.767  -8.475  1.00 14.25 ? 62   CYS A O   1 
ATOM   482 C  CB  . CYS A 1 62 ? -4.292  -9.994  -9.014  1.00 15.89 ? 62   CYS A CB  1 
ATOM   483 S  SG  . CYS A 1 62 ? -3.676  -11.617 -8.495  1.00 15.29 ? 62   CYS A SG  1 
ATOM   484 N  N   . GLY A 1 63 ? -6.477  -7.869  -8.971  1.00 14.20 ? 63   GLY A N   1 
ATOM   485 C  CA  . GLY A 1 63 ? -7.101  -6.718  -9.606  1.00 14.86 ? 63   GLY A CA  1 
ATOM   486 C  C   . GLY A 1 63 ? -7.514  -5.591  -8.681  1.00 15.26 ? 63   GLY A C   1 
ATOM   487 O  O   . GLY A 1 63 ? -7.865  -4.504  -9.147  1.00 15.95 ? 63   GLY A O   1 
ATOM   488 N  N   . GLY A 1 64 ? -7.487  -5.847  -7.376  1.00 14.96 ? 64   GLY A N   1 
ATOM   489 C  CA  . GLY A 1 64 ? -7.858  -4.823  -6.419  1.00 15.77 ? 64   GLY A CA  1 
ATOM   490 C  C   . GLY A 1 64 ? -6.770  -3.769  -6.322  1.00 15.27 ? 64   GLY A C   1 
ATOM   491 O  O   . GLY A 1 64 ? -7.034  -2.617  -5.987  1.00 14.99 ? 64   GLY A O   1 
ATOM   492 N  N   . CYS A 1 65 ? -5.534  -4.172  -6.601  1.00 14.63 ? 65   CYS A N   1 
ATOM   493 C  CA  . CYS A 1 65 ? -4.410  -3.250  -6.568  1.00 15.04 ? 65   CYS A CA  1 
ATOM   494 C  C   . CYS A 1 65 ? -3.963  -2.888  -7.975  1.00 15.88 ? 65   CYS A C   1 
ATOM   495 O  O   . CYS A 1 65 ? -3.831  -1.713  -8.310  1.00 16.27 ? 65   CYS A O   1 
ATOM   496 C  CB  . CYS A 1 65 ? -3.233  -3.865  -5.814  1.00 13.91 ? 65   CYS A CB  1 
ATOM   497 S  SG  . CYS A 1 65 ? -3.500  -4.014  -4.023  1.00 13.14 ? 65   CYS A SG  1 
ATOM   498 N  N   . HIS A 1 66 ? -3.730  -3.915  -8.789  1.00 16.80 ? 66   HIS A N   1 
ATOM   499 C  CA  . HIS A 1 66 ? -3.282  -3.748  -10.168 1.00 18.21 ? 66   HIS A CA  1 
ATOM   500 C  C   . HIS A 1 66 ? -4.434  -3.409  -11.100 1.00 19.58 ? 66   HIS A C   1 
ATOM   501 O  O   . HIS A 1 66 ? -5.289  -4.247  -11.359 1.00 19.80 ? 66   HIS A O   1 
ATOM   502 C  CB  . HIS A 1 66 ? -2.614  -5.038  -10.647 1.00 18.05 ? 66   HIS A CB  1 
ATOM   503 C  CG  . HIS A 1 66 ? -1.349  -5.369  -9.920  1.00 16.40 ? 66   HIS A CG  1 
ATOM   504 N  ND1 . HIS A 1 66 ? -0.152  -4.723  -10.128 1.00 17.05 ? 66   HIS A ND1 1 
ATOM   505 C  CD2 . HIS A 1 66 ? -1.105  -6.292  -8.958  1.00 16.31 ? 66   HIS A CD2 1 
ATOM   506 C  CE1 . HIS A 1 66 ? 0.756   -5.262  -9.307  1.00 15.84 ? 66   HIS A CE1 1 
ATOM   507 N  NE2 . HIS A 1 66 ? 0.227   -6.221  -8.574  1.00 15.50 ? 66   HIS A NE2 1 
ATOM   508 N  N   . ILE A 1 67 ? -4.447  -2.180  -11.606 1.00 22.15 ? 67   ILE A N   1 
ATOM   509 C  CA  . ILE A 1 67 ? -5.498  -1.734  -12.518 1.00 25.15 ? 67   ILE A CA  1 
ATOM   510 C  C   . ILE A 1 67 ? -4.905  -1.586  -13.920 1.00 27.57 ? 67   ILE A C   1 
ATOM   511 O  O   . ILE A 1 67 ? -3.996  -0.786  -14.126 1.00 27.63 ? 67   ILE A O   1 
ATOM   512 C  CB  . ILE A 1 67 ? -6.083  -0.371  -12.068 1.00 25.37 ? 67   ILE A CB  1 
ATOM   513 C  CG1 . ILE A 1 67 ? -6.329  -0.380  -10.557 1.00 24.60 ? 67   ILE A CG1 1 
ATOM   514 C  CG2 . ILE A 1 67 ? -7.387  -0.095  -12.805 1.00 25.23 ? 67   ILE A CG2 1 
ATOM   515 C  CD1 . ILE A 1 67 ? -7.258  -1.479  -10.087 1.00 24.74 ? 67   ILE A CD1 1 
ATOM   516 N  N   . LYS A 1 68 ? -5.432  -2.367  -14.862 1.00 30.36 ? 68   LYS A N   1 
ATOM   517 C  CA  . LYS A 1 68 ? -5.003  -2.407  -16.267 1.00 33.89 ? 68   LYS A CA  1 
ATOM   518 C  C   . LYS A 1 68 ? -3.504  -2.581  -16.483 1.00 35.13 ? 68   LYS A C   1 
ATOM   519 O  O   . LYS A 1 68 ? -3.118  -3.583  -17.125 1.00 36.09 ? 68   LYS A O   1 
ATOM   520 C  CB  . LYS A 1 68 ? -5.488  -1.168  -17.042 1.00 35.09 ? 68   LYS A CB  1 
ATOM   521 C  CG  . LYS A 1 68 ? -4.873  0.160   -16.631 1.00 37.15 ? 68   LYS A CG  1 
ATOM   522 C  CD  . LYS A 1 68 ? -5.923  1.099   -16.049 1.00 38.52 ? 68   LYS A CD  1 
ATOM   523 C  CE  . LYS A 1 68 ? -7.013  1.420   -17.065 1.00 39.16 ? 68   LYS A CE  1 
ATOM   524 N  NZ  . LYS A 1 68 ? -6.472  2.096   -18.276 1.00 39.90 ? 68   LYS A NZ  1 
ATOM   525 O  OXT . LYS A 1 68 ? -2.730  -1.718  -16.022 1.00 37.01 ? 68   LYS A OXT 1 
HETATM 526 FE FE  . HEC B 2 .  ? 3.856   7.082   5.377   1.00 14.74 ? 69   HEC A FE  1 
HETATM 527 C  CHA . HEC B 2 .  ? 6.382   7.172   3.039   1.00 15.69 ? 69   HEC A CHA 1 
HETATM 528 C  CHB . HEC B 2 .  ? 4.945   10.076  6.657   1.00 16.04 ? 69   HEC A CHB 1 
HETATM 529 C  CHC . HEC B 2 .  ? 1.121   7.198   7.448   1.00 12.92 ? 69   HEC A CHC 1 
HETATM 530 C  CHD . HEC B 2 .  ? 3.053   3.948   4.401   1.00 12.98 ? 69   HEC A CHD 1 
HETATM 531 N  NA  . HEC B 2 .  ? 5.348   8.319   4.957   1.00 16.32 ? 69   HEC A NA  1 
HETATM 532 C  C1A . HEC B 2 .  ? 6.319   8.195   3.976   1.00 17.79 ? 69   HEC A C1A 1 
HETATM 533 C  C2A . HEC B 2 .  ? 7.316   9.244   4.089   1.00 19.60 ? 69   HEC A C2A 1 
HETATM 534 C  C3A . HEC B 2 .  ? 6.911   10.059  5.098   1.00 18.72 ? 69   HEC A C3A 1 
HETATM 535 C  C4A . HEC B 2 .  ? 5.680   9.501   5.622   1.00 17.67 ? 69   HEC A C4A 1 
HETATM 536 C  CMA . HEC B 2 .  ? 7.648   11.299  5.617   1.00 20.24 ? 69   HEC A CMA 1 
HETATM 537 C  CAA . HEC B 2 .  ? 8.649   9.309   3.339   1.00 23.01 ? 69   HEC A CAA 1 
HETATM 538 C  CBA . HEC B 2 .  ? 9.054   10.626  2.686   1.00 27.23 ? 69   HEC A CBA 1 
HETATM 539 C  CGA . HEC B 2 .  ? 8.255   10.943  1.437   1.00 29.19 ? 69   HEC A CGA 1 
HETATM 540 O  O1A . HEC B 2 .  ? 7.014   11.058  1.528   1.00 30.23 ? 69   HEC A O1A 1 
HETATM 541 O  O2A . HEC B 2 .  ? 8.874   11.083  0.359   1.00 30.43 ? 69   HEC A O2A 1 
HETATM 542 N  NB  . HEC B 2 .  ? 3.192   8.334   6.758   1.00 14.80 ? 69   HEC A NB  1 
HETATM 543 C  C1B . HEC B 2 .  ? 3.803   9.524   7.206   1.00 15.06 ? 69   HEC A C1B 1 
HETATM 544 C  C2B . HEC B 2 .  ? 3.012   10.178  8.217   1.00 14.72 ? 69   HEC A C2B 1 
HETATM 545 C  C3B . HEC B 2 .  ? 1.878   9.435   8.357   1.00 14.23 ? 69   HEC A C3B 1 
HETATM 546 C  C4B . HEC B 2 .  ? 2.010   8.265   7.491   1.00 13.50 ? 69   HEC A C4B 1 
HETATM 547 C  CMB . HEC B 2 .  ? 3.426   11.385  9.063   1.00 15.54 ? 69   HEC A CMB 1 
HETATM 548 C  CAB . HEC B 2 .  ? 0.694   9.788   9.241   1.00 14.53 ? 69   HEC A CAB 1 
HETATM 549 C  CBB . HEC B 2 .  ? -0.036  11.052  8.791   1.00 15.87 ? 69   HEC A CBB 1 
HETATM 550 N  NC  . HEC B 2 .  ? 2.426   5.811   5.864   1.00 12.72 ? 69   HEC A NC  1 
HETATM 551 C  C1C . HEC B 2 .  ? 1.344   6.022   6.705   1.00 13.57 ? 69   HEC A C1C 1 
HETATM 552 C  C2C . HEC B 2 .  ? 0.526   4.832   6.790   1.00 12.52 ? 69   HEC A C2C 1 
HETATM 553 C  C3C . HEC B 2 .  ? 1.146   3.884   6.007   1.00 12.89 ? 69   HEC A C3C 1 
HETATM 554 C  C4C . HEC B 2 .  ? 2.289   4.521   5.404   1.00 12.04 ? 69   HEC A C4C 1 
HETATM 555 C  CMC . HEC B 2 .  ? -0.741  4.674   7.625   1.00 13.50 ? 69   HEC A CMC 1 
HETATM 556 C  CAC . HEC B 2 .  ? 0.741   2.423   5.797   1.00 12.42 ? 69   HEC A CAC 1 
HETATM 557 C  CBC . HEC B 2 .  ? -0.613  2.271   5.106   1.00 11.55 ? 69   HEC A CBC 1 
HETATM 558 N  ND  . HEC B 2 .  ? 4.534   5.859   3.982   1.00 13.97 ? 69   HEC A ND  1 
HETATM 559 C  C1D . HEC B 2 .  ? 4.090   4.571   3.711   1.00 13.35 ? 69   HEC A C1D 1 
HETATM 560 C  C2D . HEC B 2 .  ? 4.803   3.998   2.587   1.00 14.19 ? 69   HEC A C2D 1 
HETATM 561 C  C3D . HEC B 2 .  ? 5.711   4.912   2.180   1.00 14.33 ? 69   HEC A C3D 1 
HETATM 562 C  C4D . HEC B 2 .  ? 5.547   6.067   3.055   1.00 14.54 ? 69   HEC A C4D 1 
HETATM 563 C  CMD . HEC B 2 .  ? 4.559   2.652   1.917   1.00 12.68 ? 69   HEC A CMD 1 
HETATM 564 C  CAD . HEC B 2 .  ? 6.603   4.805   0.948   1.00 15.42 ? 69   HEC A CAD 1 
HETATM 565 C  CBD . HEC B 2 .  ? 5.925   5.492   -0.235  1.00 15.79 ? 69   HEC A CBD 1 
HETATM 566 C  CGD . HEC B 2 .  ? 6.783   5.486   -1.488  1.00 17.98 ? 69   HEC A CGD 1 
HETATM 567 O  O1D . HEC B 2 .  ? 6.840   4.448   -2.182  1.00 18.34 ? 69   HEC A O1D 1 
HETATM 568 O  O2D . HEC B 2 .  ? 7.411   6.526   -1.770  1.00 18.82 ? 69   HEC A O2D 1 
HETATM 569 FE FE  . HEC C 2 .  ? -4.118  -0.400  1.779   1.00 12.06 ? 70   HEC A FE  1 
HETATM 570 C  CHA . HEC C 2 .  ? -7.400  0.111   0.960   1.00 13.46 ? 70   HEC A CHA 1 
HETATM 571 C  CHB . HEC C 2 .  ? -3.254  -0.065  -1.569  1.00 11.06 ? 70   HEC A CHB 1 
HETATM 572 C  CHC . HEC C 2 .  ? -0.845  -0.830  2.575   1.00 9.56  ? 70   HEC A CHC 1 
HETATM 573 C  CHD . HEC C 2 .  ? -4.966  -0.815  5.068   1.00 11.76 ? 70   HEC A CHD 1 
HETATM 574 N  NA  . HEC C 2 .  ? -5.094  -0.055  0.092   1.00 11.83 ? 70   HEC A NA  1 
HETATM 575 C  C1A . HEC C 2 .  ? -6.467  0.097   -0.071  1.00 13.31 ? 70   HEC A C1A 1 
HETATM 576 C  C2A . HEC C 2 .  ? -6.801  0.177   -1.485  1.00 14.51 ? 70   HEC A C2A 1 
HETATM 577 C  C3A . HEC C 2 .  ? -5.650  0.127   -2.199  1.00 13.16 ? 70   HEC A C3A 1 
HETATM 578 C  C4A . HEC C 2 .  ? -4.590  0.022   -1.224  1.00 12.11 ? 70   HEC A C4A 1 
HETATM 579 C  CMA . HEC C 2 .  ? -5.498  0.100   -3.721  1.00 12.86 ? 70   HEC A CMA 1 
HETATM 580 C  CAA . HEC C 2 .  ? -8.198  0.124   -2.022  1.00 18.01 ? 70   HEC A CAA 1 
HETATM 581 C  CBA . HEC C 2 .  ? -8.790  1.408   -2.580  1.00 23.63 ? 70   HEC A CBA 1 
HETATM 582 C  CGA . HEC C 2 .  ? -8.680  2.574   -1.628  1.00 25.79 ? 70   HEC A CGA 1 
HETATM 583 O  O1A . HEC C 2 .  ? -7.670  3.308   -1.696  1.00 28.74 ? 70   HEC A O1A 1 
HETATM 584 O  O2A . HEC C 2 .  ? -9.603  2.751   -0.803  1.00 29.40 ? 70   HEC A O2A 1 
HETATM 585 N  NB  . HEC C 2 .  ? -2.444  -0.441  0.732   1.00 9.66  ? 70   HEC A NB  1 
HETATM 586 C  C1B . HEC C 2 .  ? -2.244  -0.294  -0.636  1.00 10.60 ? 70   HEC A C1B 1 
HETATM 587 C  C2B . HEC C 2 .  ? -0.843  -0.380  -0.974  1.00 9.09  ? 70   HEC A C2B 1 
HETATM 588 C  C3B . HEC C 2 .  ? -0.169  -0.521  0.183   1.00 8.72  ? 70   HEC A C3B 1 
HETATM 589 C  C4B . HEC C 2 .  ? -1.163  -0.581  1.239   1.00 10.22 ? 70   HEC A C4B 1 
HETATM 590 C  CMB . HEC C 2 .  ? -0.277  -0.489  -2.382  1.00 9.62  ? 70   HEC A CMB 1 
HETATM 591 C  CAB . HEC C 2 .  ? 1.340   -0.619  0.407   1.00 8.63  ? 70   HEC A CAB 1 
HETATM 592 C  CBB . HEC C 2 .  ? 2.137   0.535   -0.193  1.00 8.03  ? 70   HEC A CBB 1 
HETATM 593 N  NC  . HEC C 2 .  ? -3.118  -0.835  3.441   1.00 10.44 ? 70   HEC A NC  1 
HETATM 594 C  C1C . HEC C 2 .  ? -1.770  -0.993  3.594   1.00 10.97 ? 70   HEC A C1C 1 
HETATM 595 C  C2C . HEC C 2 .  ? -1.437  -1.311  4.976   1.00 10.41 ? 70   HEC A C2C 1 
HETATM 596 C  C3C . HEC C 2 .  ? -2.601  -1.321  5.693   1.00 11.24 ? 70   HEC A C3C 1 
HETATM 597 C  C4C . HEC C 2 .  ? -3.636  -1.009  4.732   1.00 11.46 ? 70   HEC A C4C 1 
HETATM 598 C  CMC . HEC C 2 .  ? -0.046  -1.627  5.482   1.00 11.70 ? 70   HEC A CMC 1 
HETATM 599 C  CAC . HEC C 2 .  ? -2.866  -1.598  7.177   1.00 11.94 ? 70   HEC A CAC 1 
HETATM 600 C  CBC . HEC C 2 .  ? -1.719  -1.396  8.164   1.00 11.90 ? 70   HEC A CBC 1 
HETATM 601 N  ND  . HEC C 2 .  ? -5.780  -0.346  2.793   1.00 11.86 ? 70   HEC A ND  1 
HETATM 602 C  C1D . HEC C 2 .  ? -5.953  -0.447  4.163   1.00 12.51 ? 70   HEC A C1D 1 
HETATM 603 C  C2D . HEC C 2 .  ? -7.333  -0.174  4.537   1.00 14.22 ? 70   HEC A C2D 1 
HETATM 604 C  C3D . HEC C 2 .  ? -8.008  -0.058  3.390   1.00 15.31 ? 70   HEC A C3D 1 
HETATM 605 C  C4D . HEC C 2 .  ? -7.067  -0.104  2.302   1.00 14.06 ? 70   HEC A C4D 1 
HETATM 606 C  CMD . HEC C 2 .  ? -7.949  -0.010  5.931   1.00 14.38 ? 70   HEC A CMD 1 
HETATM 607 C  CAD . HEC C 2 .  ? -9.518  -0.098  3.348   1.00 19.76 ? 70   HEC A CAD 1 
HETATM 608 C  CBD . HEC C 2 .  ? -10.204 1.215   3.111   1.00 23.51 ? 70   HEC A CBD 1 
HETATM 609 C  CGD . HEC C 2 .  ? -11.629 1.197   3.612   1.00 26.61 ? 70   HEC A CGD 1 
HETATM 610 O  O1D . HEC C 2 .  ? -12.305 0.165   3.419   1.00 28.44 ? 70   HEC A O1D 1 
HETATM 611 O  O2D . HEC C 2 .  ? -12.072 2.211   4.193   1.00 28.49 ? 70   HEC A O2D 1 
HETATM 612 FE FE  . HEC D 2 .  ? 1.346   -7.234  -7.289  1.00 15.32 ? 71   HEC A FE  1 
HETATM 613 C  CHA . HEC D 2 .  ? 4.238   -5.752  -8.316  1.00 17.73 ? 71   HEC A CHA 1 
HETATM 614 C  CHB . HEC D 2 .  ? 1.685   -9.675  -9.668  1.00 16.27 ? 71   HEC A CHB 1 
HETATM 615 C  CHC . HEC D 2 .  ? -1.459  -8.829  -6.075  1.00 13.88 ? 71   HEC A CHC 1 
HETATM 616 C  CHD . HEC D 2 .  ? 0.723   -4.604  -5.164  1.00 13.57 ? 71   HEC A CHD 1 
HETATM 617 N  NA  . HEC D 2 .  ? 2.664   -7.614  -8.683  1.00 17.08 ? 71   HEC A NA  1 
HETATM 618 C  C1A . HEC D 2 .  ? 3.824   -6.907  -8.978  1.00 17.52 ? 71   HEC A C1A 1 
HETATM 619 C  C2A . HEC D 2 .  ? 4.507   -7.516  -10.098 1.00 19.06 ? 71   HEC A C2A 1 
HETATM 620 C  C3A . HEC D 2 .  ? 3.807   -8.610  -10.480 1.00 17.91 ? 71   HEC A C3A 1 
HETATM 621 C  C4A . HEC D 2 .  ? 2.645   -8.669  -9.610  1.00 17.42 ? 71   HEC A C4A 1 
HETATM 622 C  CMA . HEC D 2 .  ? 4.164   -9.614  -11.582 1.00 17.24 ? 71   HEC A CMA 1 
HETATM 623 C  CAA . HEC D 2 .  ? 5.786   -7.022  -10.764 1.00 21.79 ? 71   HEC A CAA 1 
HETATM 624 C  CBA . HEC D 2 .  ? 5.548   -6.153  -11.981 1.00 24.88 ? 71   HEC A CBA 1 
HETATM 625 C  CGA . HEC D 2 .  ? 6.840   -5.785  -12.687 1.00 26.80 ? 71   HEC A CGA 1 
HETATM 626 O  O1A . HEC D 2 .  ? 6.789   -4.990  -13.650 1.00 28.34 ? 71   HEC A O1A 1 
HETATM 627 O  O2A . HEC D 2 .  ? 7.905   -6.295  -12.279 1.00 28.57 ? 71   HEC A O2A 1 
HETATM 628 N  NB  . HEC D 2 .  ? 0.313   -8.860  -7.795  1.00 14.80 ? 71   HEC A NB  1 
HETATM 629 C  C1B . HEC D 2 .  ? 0.563   -9.738  -8.839  1.00 15.18 ? 71   HEC A C1B 1 
HETATM 630 C  C2B . HEC D 2 .  ? -0.453  -10.778 -8.905  1.00 15.64 ? 71   HEC A C2B 1 
HETATM 631 C  C3B . HEC D 2 .  ? -1.224  -10.637 -7.808  1.00 14.31 ? 71   HEC A C3B 1 
HETATM 632 C  C4B . HEC D 2 .  ? -0.802  -9.393  -7.165  1.00 14.90 ? 71   HEC A C4B 1 
HETATM 633 C  CMB . HEC D 2 .  ? -0.705  -11.738 -10.077 1.00 15.60 ? 71   HEC A CMB 1 
HETATM 634 C  CAB . HEC D 2 .  ? -2.298  -11.585 -7.291  1.00 14.50 ? 71   HEC A CAB 1 
HETATM 635 C  CBB . HEC D 2 .  ? -1.656  -12.842 -6.708  1.00 13.72 ? 71   HEC A CBB 1 
HETATM 636 N  NC  . HEC D 2 .  ? -0.031  -6.833  -5.900  1.00 13.36 ? 71   HEC A NC  1 
HETATM 637 C  C1C . HEC D 2 .  ? -1.098  -7.626  -5.482  1.00 13.39 ? 71   HEC A C1C 1 
HETATM 638 C  C2C . HEC D 2 .  ? -1.886  -6.968  -4.454  1.00 12.13 ? 71   HEC A C2C 1 
HETATM 639 C  C3C . HEC D 2 .  ? -1.344  -5.724  -4.303  1.00 12.31 ? 71   HEC A C3C 1 
HETATM 640 C  C4C . HEC D 2 .  ? -0.171  -5.664  -5.159  1.00 12.97 ? 71   HEC A C4C 1 
HETATM 641 C  CMC . HEC D 2 .  ? -3.037  -7.575  -3.647  1.00 11.18 ? 71   HEC A CMC 1 
HETATM 642 C  CAC . HEC D 2 .  ? -1.856  -4.578  -3.438  1.00 12.73 ? 71   HEC A CAC 1 
HETATM 643 C  CBC . HEC D 2 .  ? -1.895  -4.913  -1.958  1.00 11.31 ? 71   HEC A CBC 1 
HETATM 644 N  ND  . HEC D 2 .  ? 2.285   -5.569  -6.796  1.00 15.55 ? 71   HEC A ND  1 
HETATM 645 C  C1D . HEC D 2 .  ? 1.869   -4.556  -5.931  1.00 15.07 ? 71   HEC A C1D 1 
HETATM 646 C  C2D . HEC D 2 .  ? 2.835   -3.472  -5.884  1.00 15.49 ? 71   HEC A C2D 1 
HETATM 647 C  C3D . HEC D 2 .  ? 3.872   -3.856  -6.661  1.00 17.20 ? 71   HEC A C3D 1 
HETATM 648 C  C4D . HEC D 2 .  ? 3.517   -5.129  -7.271  1.00 16.98 ? 71   HEC A C4D 1 
HETATM 649 C  CMD . HEC D 2 .  ? 2.692   -2.132  -5.162  1.00 14.29 ? 71   HEC A CMD 1 
HETATM 650 C  CAD . HEC D 2 .  ? 5.232   -3.163  -6.774  1.00 19.10 ? 71   HEC A CAD 1 
HETATM 651 C  CBD . HEC D 2 .  ? 5.457   -2.437  -8.085  1.00 23.60 ? 71   HEC A CBD 1 
HETATM 652 C  CGD . HEC D 2 .  ? 6.823   -1.783  -8.152  1.00 25.55 ? 71   HEC A CGD 1 
HETATM 653 O  O1D . HEC D 2 .  ? 7.841   -2.511  -8.176  1.00 27.31 ? 71   HEC A O1D 1 
HETATM 654 O  O2D . HEC D 2 .  ? 6.878   -0.538  -8.167  1.00 28.06 ? 71   HEC A O2D 1 
HETATM 655 O  O   . HOH E 3 .  ? 3.041   14.166  1.887   1.00 50.24 ? 2001 HOH A O   1 
HETATM 656 O  O   . HOH E 3 .  ? 4.276   9.091   1.122   1.00 42.72 ? 2002 HOH A O   1 
HETATM 657 O  O   . HOH E 3 .  ? 6.041   10.971  -2.233  1.00 44.03 ? 2003 HOH A O   1 
HETATM 658 O  O   . HOH E 3 .  ? -1.590  16.948  -3.445  1.00 44.62 ? 2004 HOH A O   1 
HETATM 659 O  O   . HOH E 3 .  ? -9.713  1.714   -8.987  1.00 39.07 ? 2005 HOH A O   1 
HETATM 660 O  O   . HOH E 3 .  ? 1.838   12.463  -6.636  1.00 57.17 ? 2006 HOH A O   1 
HETATM 661 O  O   . HOH E 3 .  ? 0.720   13.223  -4.103  1.00 42.90 ? 2007 HOH A O   1 
HETATM 662 O  O   . HOH E 3 .  ? 6.425   5.577   -14.452 1.00 56.67 ? 2008 HOH A O   1 
HETATM 663 O  O   . HOH E 3 .  ? 0.741   -13.235 -12.217 1.00 59.53 ? 2009 HOH A O   1 
HETATM 664 O  O   . HOH E 3 .  ? 2.140   10.439  18.984  1.00 56.51 ? 2010 HOH A O   1 
HETATM 665 O  O   . HOH E 3 .  ? 0.855   9.182   -8.932  1.00 41.47 ? 2011 HOH A O   1 
HETATM 666 O  O   . HOH E 3 .  ? -2.618  3.723   -16.213 1.00 46.68 ? 2012 HOH A O   1 
HETATM 667 O  O   . HOH E 3 .  ? -6.780  1.835   -6.876  1.00 33.33 ? 2013 HOH A O   1 
HETATM 668 O  O   . HOH E 3 .  ? -8.934  1.648   -5.594  1.00 46.67 ? 2014 HOH A O   1 
HETATM 669 O  O   . HOH E 3 .  ? 3.651   -13.207 -1.965  1.00 48.50 ? 2015 HOH A O   1 
HETATM 670 O  O   . HOH E 3 .  ? -2.069  -16.749 7.113   1.00 67.43 ? 2016 HOH A O   1 
HETATM 671 O  O   . HOH E 3 .  ? -10.269 5.206   -4.738  1.00 62.67 ? 2017 HOH A O   1 
HETATM 672 O  O   . HOH E 3 .  ? -0.174  11.922  5.755   1.00 50.08 ? 2018 HOH A O   1 
HETATM 673 O  O   . HOH E 3 .  ? 8.318   1.014   -12.442 1.00 53.36 ? 2019 HOH A O   1 
HETATM 674 O  O   . HOH E 3 .  ? 5.394   4.834   -16.711 1.00 63.47 ? 2020 HOH A O   1 
HETATM 675 O  O   . HOH E 3 .  ? 7.841   -2.067  -12.022 1.00 52.02 ? 2021 HOH A O   1 
HETATM 676 O  O   . HOH E 3 .  ? -10.509 0.733   7.923   1.00 40.60 ? 2022 HOH A O   1 
HETATM 677 O  O   . HOH E 3 .  ? 9.849   -6.568  -17.110 1.00 59.92 ? 2023 HOH A O   1 
HETATM 678 O  O   . HOH E 3 .  ? 8.304   -9.472  -18.370 1.00 32.28 ? 2024 HOH A O   1 
HETATM 679 O  O   . HOH E 3 .  ? 0.731   -1.452  -16.773 1.00 41.85 ? 2025 HOH A O   1 
HETATM 680 O  O   . HOH E 3 .  ? -3.430  7.752   15.564  1.00 41.11 ? 2026 HOH A O   1 
HETATM 681 O  O   . HOH E 3 .  ? 6.712   -4.867  -23.544 1.00 42.85 ? 2027 HOH A O   1 
HETATM 682 O  O   . HOH E 3 .  ? 2.788   -5.815  9.747   1.00 54.51 ? 2028 HOH A O   1 
HETATM 683 O  O   . HOH E 3 .  ? -5.313  -9.422  -11.918 1.00 41.20 ? 2029 HOH A O   1 
HETATM 684 O  O   . HOH E 3 .  ? -1.628  -12.863 -13.351 1.00 24.68 ? 2030 HOH A O   1 
HETATM 685 O  O   . HOH E 3 .  ? 5.312   4.413   17.213  1.00 42.25 ? 2031 HOH A O   1 
HETATM 686 O  O   . HOH E 3 .  ? 4.513   9.845   17.750  1.00 40.78 ? 2032 HOH A O   1 
HETATM 687 O  O   . HOH E 3 .  ? 14.437  9.915   6.876   1.00 46.84 ? 2033 HOH A O   1 
HETATM 688 O  O   . HOH E 3 .  ? 0.969   6.714   -13.752 1.00 44.77 ? 2034 HOH A O   1 
HETATM 689 O  O   . HOH E 3 .  ? -1.440  4.828   -13.339 1.00 54.13 ? 2035 HOH A O   1 
HETATM 690 O  O   . HOH E 3 .  ? 2.982   -12.891 -8.559  1.00 54.42 ? 2036 HOH A O   1 
HETATM 691 O  O   . HOH E 3 .  ? -4.313  2.304   -10.116 1.00 26.40 ? 2037 HOH A O   1 
HETATM 692 O  O   . HOH E 3 .  ? -6.310  3.749   -4.549  1.00 46.63 ? 2038 HOH A O   1 
HETATM 693 O  O   . HOH E 3 .  ? 1.306   -13.232 -3.727  1.00 44.12 ? 2039 HOH A O   1 
HETATM 694 O  O   . HOH E 3 .  ? -4.677  3.331   -2.001  1.00 18.55 ? 2040 HOH A O   1 
HETATM 695 O  O   . HOH E 3 .  ? -0.586  -14.227 6.756   1.00 46.16 ? 2041 HOH A O   1 
HETATM 696 O  O   . HOH E 3 .  ? 0.092   11.734  3.196   1.00 24.33 ? 2042 HOH A O   1 
HETATM 697 O  O   . HOH E 3 .  ? -13.344 -2.784  9.389   1.00 54.29 ? 2043 HOH A O   1 
HETATM 698 O  O   . HOH E 3 .  ? -10.038 -6.483  -4.243  1.00 31.40 ? 2044 HOH A O   1 
HETATM 699 O  O   . HOH E 3 .  ? -3.371  10.067  10.859  1.00 43.60 ? 2045 HOH A O   1 
HETATM 700 O  O   . HOH E 3 .  ? -8.704  1.047   -22.506 1.00 57.24 ? 2046 HOH A O   1 
HETATM 701 O  O   . HOH E 3 .  ? -12.605 9.896   5.116   1.00 43.00 ? 2047 HOH A O   1 
HETATM 702 O  O   . HOH E 3 .  ? 9.196   -9.548  -15.580 1.00 46.24 ? 2048 HOH A O   1 
HETATM 703 O  O   . HOH E 3 .  ? -7.625  3.602   2.620   1.00 23.30 ? 2049 HOH A O   1 
HETATM 704 O  O   . HOH E 3 .  ? -9.863  3.615   9.823   1.00 43.44 ? 2050 HOH A O   1 
HETATM 705 O  O   . HOH E 3 .  ? -5.675  3.717   14.260  1.00 31.32 ? 2051 HOH A O   1 
HETATM 706 O  O   . HOH E 3 .  ? -2.367  5.336   14.459  1.00 36.43 ? 2052 HOH A O   1 
HETATM 707 O  O   . HOH E 3 .  ? 0.900   -2.773  10.150  1.00 27.39 ? 2053 HOH A O   1 
HETATM 708 O  O   . HOH E 3 .  ? 5.106   -0.699  7.106   1.00 44.13 ? 2054 HOH A O   1 
HETATM 709 O  O   . HOH E 3 .  ? 9.180   4.164   8.710   1.00 33.23 ? 2055 HOH A O   1 
HETATM 710 O  O   . HOH E 3 .  ? 5.592   6.144   13.976  1.00 32.42 ? 2056 HOH A O   1 
HETATM 711 O  O   . HOH E 3 .  ? 6.236   -2.239  15.095  1.00 17.83 ? 2057 HOH A O   1 
HETATM 712 O  O   . HOH E 3 .  ? 10.550  0.793   15.807  1.00 45.56 ? 2058 HOH A O   1 
HETATM 713 O  O   . HOH E 3 .  ? 7.611   3.301   17.607  1.00 33.55 ? 2059 HOH A O   1 
HETATM 714 O  O   . HOH E 3 .  ? 7.197   9.816   16.052  1.00 54.56 ? 2060 HOH A O   1 
HETATM 715 O  O   . HOH E 3 .  ? 10.898  5.291   10.186  1.00 39.61 ? 2061 HOH A O   1 
HETATM 716 O  O   . HOH E 3 .  ? 8.984   12.359  9.353   1.00 39.18 ? 2062 HOH A O   1 
HETATM 717 O  O   . HOH E 3 .  ? 12.062  10.983  8.441   1.00 66.03 ? 2063 HOH A O   1 
HETATM 718 O  O   . HOH E 3 .  ? 10.947  3.112   7.173   1.00 32.97 ? 2064 HOH A O   1 
HETATM 719 O  O   . HOH E 3 .  ? 10.186  -2.412  2.963   1.00 31.05 ? 2065 HOH A O   1 
HETATM 720 O  O   . HOH E 3 .  ? 14.008  -5.211  -1.891  1.00 39.25 ? 2066 HOH A O   1 
HETATM 721 O  O   . HOH E 3 .  ? 13.080  -7.875  -2.187  1.00 47.19 ? 2067 HOH A O   1 
HETATM 722 O  O   . HOH E 3 .  ? 3.381   -12.288 -8.264  1.00 59.25 ? 2068 HOH A O   1 
HETATM 723 O  O   . HOH E 3 .  ? 11.165  -14.792 -3.451  1.00 55.23 ? 2069 HOH A O   1 
HETATM 724 O  O   . HOH E 3 .  ? 13.825  -14.370 -3.847  1.00 24.89 ? 2070 HOH A O   1 
HETATM 725 O  O   . HOH E 3 .  ? 13.091  -9.602  -0.549  1.00 39.06 ? 2071 HOH A O   1 
HETATM 726 O  O   . HOH E 3 .  ? 0.461   -11.425 -4.174  1.00 34.27 ? 2072 HOH A O   1 
HETATM 727 O  O   . HOH E 3 .  ? 5.927   -11.886 -4.747  1.00 39.81 ? 2073 HOH A O   1 
HETATM 728 O  O   . HOH E 3 .  ? 4.282   -13.454 -5.827  1.00 45.32 ? 2074 HOH A O   1 
HETATM 729 O  O   . HOH E 3 .  ? 4.725   -11.917 7.423   1.00 53.88 ? 2075 HOH A O   1 
HETATM 730 O  O   . HOH E 3 .  ? 3.821   -3.803  8.006   1.00 47.83 ? 2076 HOH A O   1 
HETATM 731 O  O   . HOH E 3 .  ? 7.407   -8.359  3.615   1.00 45.12 ? 2077 HOH A O   1 
HETATM 732 O  O   . HOH E 3 .  ? 7.803   -4.502  4.842   1.00 45.57 ? 2078 HOH A O   1 
HETATM 733 O  O   . HOH E 3 .  ? 3.176   0.167   4.483   1.00 17.51 ? 2079 HOH A O   1 
HETATM 734 O  O   . HOH E 3 .  ? 0.046   -12.307 4.314   1.00 48.94 ? 2080 HOH A O   1 
HETATM 735 O  O   . HOH E 3 .  ? -2.473  -14.431 3.651   1.00 51.58 ? 2081 HOH A O   1 
HETATM 736 O  O   . HOH E 3 .  ? -10.512 -4.869  11.704  1.00 50.23 ? 2082 HOH A O   1 
HETATM 737 O  O   . HOH E 3 .  ? -9.410  -7.601  2.581   1.00 22.27 ? 2083 HOH A O   1 
HETATM 738 O  O   . HOH E 3 .  ? -11.416 -7.555  1.432   1.00 39.66 ? 2084 HOH A O   1 
HETATM 739 O  O   . HOH E 3 .  ? -8.378  -4.398  8.176   1.00 58.48 ? 2085 HOH A O   1 
HETATM 740 O  O   . HOH E 3 .  ? -15.589 -0.993  1.761   1.00 58.89 ? 2086 HOH A O   1 
HETATM 741 O  O   . HOH E 3 .  ? -11.448 -1.875  5.617   1.00 54.85 ? 2087 HOH A O   1 
HETATM 742 O  O   . HOH E 3 .  ? -17.358 -2.857  5.607   1.00 51.38 ? 2088 HOH A O   1 
HETATM 743 O  O   . HOH E 3 .  ? -13.871 -4.501  7.517   1.00 52.04 ? 2089 HOH A O   1 
HETATM 744 O  O   . HOH E 3 .  ? -13.387 -2.358  -2.047  1.00 53.07 ? 2090 HOH A O   1 
HETATM 745 O  O   . HOH E 3 .  ? -3.375  -11.853 -4.233  1.00 17.55 ? 2091 HOH A O   1 
HETATM 746 O  O   . HOH E 3 .  ? -8.236  -12.299 -1.751  1.00 27.13 ? 2092 HOH A O   1 
HETATM 747 O  O   . HOH E 3 .  ? -9.542  -9.013  1.708   1.00 41.35 ? 2093 HOH A O   1 
HETATM 748 O  O   . HOH E 3 .  ? -14.060 -8.582  -4.760  1.00 53.98 ? 2094 HOH A O   1 
HETATM 749 O  O   . HOH E 3 .  ? -8.471  -4.703  -12.158 1.00 27.29 ? 2095 HOH A O   1 
HETATM 750 O  O   . HOH E 3 .  ? -10.833 -6.528  -7.487  1.00 35.78 ? 2096 HOH A O   1 
HETATM 751 O  O   . HOH E 3 .  ? -9.247  -1.296  -5.259  1.00 47.41 ? 2097 HOH A O   1 
HETATM 752 O  O   . HOH E 3 .  ? -4.663  0.944   -7.644  1.00 19.23 ? 2098 HOH A O   1 
HETATM 753 O  O   . HOH E 3 .  ? -6.322  2.127   -21.566 1.00 70.85 ? 2099 HOH A O   1 
HETATM 754 O  O   . HOH E 3 .  ? -4.602  0.836   -19.825 1.00 44.87 ? 2100 HOH A O   1 
HETATM 755 O  O   . HOH E 3 .  ? -7.203  -4.384  -14.371 1.00 40.92 ? 2101 HOH A O   1 
HETATM 756 O  O   . HOH E 3 .  ? -1.901  0.558   -15.505 1.00 37.51 ? 2102 HOH A O   1 
HETATM 757 O  O   . HOH E 3 .  ? -8.061  -1.852  -16.117 1.00 49.25 ? 2103 HOH A O   1 
HETATM 758 O  O   . HOH E 3 .  ? 9.185   3.300   -1.800  1.00 30.69 ? 2104 HOH A O   1 
HETATM 759 O  O   . HOH E 3 .  ? 8.106   5.711   -4.515  1.00 76.23 ? 2105 HOH A O   1 
HETATM 760 O  O   . HOH E 3 .  ? 4.470   11.951  2.722   1.00 57.64 ? 2106 HOH A O   1 
HETATM 761 O  O   . HOH E 3 .  ? 7.785   8.464   -3.439  1.00 67.28 ? 2107 HOH A O   1 
HETATM 762 O  O   . HOH E 3 .  ? -10.001 3.953   1.569   1.00 36.48 ? 2108 HOH A O   1 
HETATM 763 O  O   . HOH E 3 .  ? -13.649 3.954   2.479   1.00 65.05 ? 2109 HOH A O   1 
HETATM 764 O  O   . HOH E 3 .  ? -14.193 0.699   5.089   1.00 59.46 ? 2110 HOH A O   1 
HETATM 765 O  O   . HOH E 3 .  ? -14.215 1.057   2.011   1.00 55.00 ? 2111 HOH A O   1 
HETATM 766 O  O   . HOH E 3 .  ? -13.429 4.480   -3.374  1.00 36.66 ? 2112 HOH A O   1 
HETATM 767 O  O   . HOH E 3 .  ? 8.744   -5.085  -8.324  1.00 48.43 ? 2113 HOH A O   1 
HETATM 768 O  O   . HOH E 3 .  ? 11.053  -2.987  -7.563  1.00 51.76 ? 2114 HOH A O   1 
HETATM 769 O  O   . HOH E 3 .  ? 6.961   -8.748  -14.608 1.00 37.13 ? 2115 HOH A O   1 
HETATM 770 O  O   . HOH E 3 .  ? 10.282  -6.260  -13.385 1.00 55.86 ? 2116 HOH A O   1 
# 
